data_1NTB
# 
_entry.id   1NTB 
# 
_audit_conform.dict_name       mmcif_pdbx.dic 
_audit_conform.dict_version    5.389 
_audit_conform.dict_location   http://mmcif.pdb.org/dictionaries/ascii/mmcif_pdbx.dic 
# 
loop_
_database_2.database_id 
_database_2.database_code 
_database_2.pdbx_database_accession 
_database_2.pdbx_DOI 
PDB   1NTB         pdb_00001ntb 10.2210/pdb1ntb/pdb 
NDB   DR0010       ?            ?                   
RCSB  RCSB018183   ?            ?                   
WWPDB D_1000018183 ?            ?                   
# 
loop_
_pdbx_audit_revision_history.ordinal 
_pdbx_audit_revision_history.data_content_type 
_pdbx_audit_revision_history.major_revision 
_pdbx_audit_revision_history.minor_revision 
_pdbx_audit_revision_history.revision_date 
1 'Structure model' 1 0 2003-05-13 
2 'Structure model' 1 1 2008-04-29 
3 'Structure model' 1 2 2011-07-13 
4 'Structure model' 1 3 2024-02-14 
5 'Structure model' 1 4 2024-04-03 
# 
_pdbx_audit_revision_details.ordinal             1 
_pdbx_audit_revision_details.revision_ordinal    1 
_pdbx_audit_revision_details.data_content_type   'Structure model' 
_pdbx_audit_revision_details.provider            repository 
_pdbx_audit_revision_details.type                'Initial release' 
_pdbx_audit_revision_details.description         ? 
_pdbx_audit_revision_details.details             ? 
# 
loop_
_pdbx_audit_revision_group.ordinal 
_pdbx_audit_revision_group.revision_ordinal 
_pdbx_audit_revision_group.data_content_type 
_pdbx_audit_revision_group.group 
1 2 'Structure model' 'Version format compliance' 
2 3 'Structure model' 'Version format compliance' 
3 4 'Structure model' 'Data collection'           
4 4 'Structure model' 'Database references'       
5 4 'Structure model' 'Derived calculations'      
6 5 'Structure model' 'Refinement description'    
# 
loop_
_pdbx_audit_revision_category.ordinal 
_pdbx_audit_revision_category.revision_ordinal 
_pdbx_audit_revision_category.data_content_type 
_pdbx_audit_revision_category.category 
1 4 'Structure model' chem_comp_atom                
2 4 'Structure model' chem_comp_bond                
3 4 'Structure model' database_2                    
4 4 'Structure model' pdbx_struct_conn_angle        
5 4 'Structure model' struct_conn                   
6 4 'Structure model' struct_site                   
7 5 'Structure model' pdbx_initial_refinement_model 
# 
loop_
_pdbx_audit_revision_item.ordinal 
_pdbx_audit_revision_item.revision_ordinal 
_pdbx_audit_revision_item.data_content_type 
_pdbx_audit_revision_item.item 
1  4 'Structure model' '_database_2.pdbx_DOI'                        
2  4 'Structure model' '_database_2.pdbx_database_accession'         
3  4 'Structure model' '_pdbx_struct_conn_angle.ptnr1_auth_asym_id'  
4  4 'Structure model' '_pdbx_struct_conn_angle.ptnr1_auth_comp_id'  
5  4 'Structure model' '_pdbx_struct_conn_angle.ptnr1_auth_seq_id'   
6  4 'Structure model' '_pdbx_struct_conn_angle.ptnr1_label_asym_id' 
7  4 'Structure model' '_pdbx_struct_conn_angle.ptnr1_label_atom_id' 
8  4 'Structure model' '_pdbx_struct_conn_angle.ptnr1_label_comp_id' 
9  4 'Structure model' '_pdbx_struct_conn_angle.ptnr1_label_seq_id'  
10 4 'Structure model' '_pdbx_struct_conn_angle.ptnr2_auth_asym_id'  
11 4 'Structure model' '_pdbx_struct_conn_angle.ptnr2_auth_comp_id'  
12 4 'Structure model' '_pdbx_struct_conn_angle.ptnr2_auth_seq_id'   
13 4 'Structure model' '_pdbx_struct_conn_angle.ptnr2_label_asym_id' 
14 4 'Structure model' '_pdbx_struct_conn_angle.ptnr2_label_atom_id' 
15 4 'Structure model' '_pdbx_struct_conn_angle.ptnr2_label_comp_id' 
16 4 'Structure model' '_pdbx_struct_conn_angle.ptnr3_auth_asym_id'  
17 4 'Structure model' '_pdbx_struct_conn_angle.ptnr3_auth_comp_id'  
18 4 'Structure model' '_pdbx_struct_conn_angle.ptnr3_auth_seq_id'   
19 4 'Structure model' '_pdbx_struct_conn_angle.ptnr3_label_asym_id' 
20 4 'Structure model' '_pdbx_struct_conn_angle.ptnr3_label_atom_id' 
21 4 'Structure model' '_pdbx_struct_conn_angle.ptnr3_label_comp_id' 
22 4 'Structure model' '_pdbx_struct_conn_angle.ptnr3_label_seq_id'  
23 4 'Structure model' '_pdbx_struct_conn_angle.value'               
24 4 'Structure model' '_struct_conn.pdbx_dist_value'                
25 4 'Structure model' '_struct_conn.ptnr1_auth_asym_id'             
26 4 'Structure model' '_struct_conn.ptnr1_auth_comp_id'             
27 4 'Structure model' '_struct_conn.ptnr1_auth_seq_id'              
28 4 'Structure model' '_struct_conn.ptnr1_label_asym_id'            
29 4 'Structure model' '_struct_conn.ptnr1_label_atom_id'            
30 4 'Structure model' '_struct_conn.ptnr1_label_comp_id'            
31 4 'Structure model' '_struct_conn.ptnr1_label_seq_id'             
32 4 'Structure model' '_struct_conn.ptnr2_auth_asym_id'             
33 4 'Structure model' '_struct_conn.ptnr2_auth_comp_id'             
34 4 'Structure model' '_struct_conn.ptnr2_auth_seq_id'              
35 4 'Structure model' '_struct_conn.ptnr2_label_asym_id'            
36 4 'Structure model' '_struct_conn.ptnr2_label_atom_id'            
37 4 'Structure model' '_struct_conn.ptnr2_label_comp_id'            
38 4 'Structure model' '_struct_conn.ptnr2_label_seq_id'             
39 4 'Structure model' '_struct_site.pdbx_auth_asym_id'              
40 4 'Structure model' '_struct_site.pdbx_auth_comp_id'              
41 4 'Structure model' '_struct_site.pdbx_auth_seq_id'               
# 
_pdbx_database_status.status_code                     REL 
_pdbx_database_status.entry_id                        1NTB 
_pdbx_database_status.recvd_initial_deposition_date   2003-01-29 
_pdbx_database_status.deposit_site                    RCSB 
_pdbx_database_status.process_site                    RCSB 
_pdbx_database_status.status_code_sf                  REL 
_pdbx_database_status.SG_entry                        . 
_pdbx_database_status.pdb_format_compatible           Y 
_pdbx_database_status.status_code_mr                  ? 
_pdbx_database_status.status_code_cs                  ? 
_pdbx_database_status.status_code_nmr_data            ? 
_pdbx_database_status.methods_development_category    ? 
# 
_pdbx_database_related.db_name        PDB 
_pdbx_database_related.db_id          1NTA 
_pdbx_database_related.details        '2.9 A crystal structure of Streptomycin RNA-aptamer (Barium form)' 
_pdbx_database_related.content_type   unspecified 
# 
loop_
_audit_author.name 
_audit_author.pdbx_ordinal 
'Tereshko, V.' 1 
'Skripkin, E.' 2 
'Patel, D.J.'  3 
# 
_citation.id                        primary 
_citation.title                     'Encapsulating Streptomycin within a small 40-mer RNA' 
_citation.journal_abbrev            CHEM.BIOL. 
_citation.journal_volume            10 
_citation.page_first                175 
_citation.page_last                 187 
_citation.year                      2003 
_citation.journal_id_ASTM           CBOLE2 
_citation.country                   UK 
_citation.journal_id_ISSN           1074-5521 
_citation.journal_id_CSD            2050 
_citation.book_publisher            ? 
_citation.pdbx_database_id_PubMed   12618190 
_citation.pdbx_database_id_DOI      '10.1016/S1074-5521(03)00024-3' 
# 
loop_
_citation_author.citation_id 
_citation_author.name 
_citation_author.ordinal 
_citation_author.identifier_ORCID 
primary 'Tereshko, V.' 1 ? 
primary 'Skripkin, E.' 2 ? 
primary 'Patel, D.J.'  3 ? 
# 
loop_
_entity.id 
_entity.type 
_entity.src_method 
_entity.pdbx_description 
_entity.formula_weight 
_entity.pdbx_number_of_molecules 
_entity.pdbx_ec 
_entity.pdbx_mutation 
_entity.pdbx_fragment 
_entity.details 
1 polymer     syn "5'-R(*GP*GP*AP*UP*CP*GP*CP*AP*UP*UP*UP*GP*GP*AP*CP*UP*UP*CP*UP*GP*CP*C)-3'" 6988.146 1 ? ? ? ? 
2 polymer     syn "5'-R(*CP*GP*GP*CP*AP*CP*CP*AP*CP*GP*GP*UP*CP*GP*GP*AP*UP*C)-3'"             5762.499 1 ? ? ? ? 
3 non-polymer syn 'SODIUM ION'                                                                 22.990   2 ? ? ? ? 
4 non-polymer syn STREPTOMYCIN                                                                 581.574  1 ? ? ? ? 
5 non-polymer syn 'MAGNESIUM ION'                                                              24.305   1 ? ? ? ? 
6 water       nat water                                                                        18.015   6 ? ? ? ? 
# 
loop_
_entity_poly.entity_id 
_entity_poly.type 
_entity_poly.nstd_linkage 
_entity_poly.nstd_monomer 
_entity_poly.pdbx_seq_one_letter_code 
_entity_poly.pdbx_seq_one_letter_code_can 
_entity_poly.pdbx_strand_id 
_entity_poly.pdbx_target_identifier 
1 polyribonucleotide no no GGAUCGCAUUUGGACUUCUGCC GGAUCGCAUUUGGACUUCUGCC A ? 
2 polyribonucleotide no no CGGCACCACGGUCGGAUC     CGGCACCACGGUCGGAUC     B ? 
# 
loop_
_pdbx_entity_nonpoly.entity_id 
_pdbx_entity_nonpoly.name 
_pdbx_entity_nonpoly.comp_id 
3 'SODIUM ION'    NA  
4 STREPTOMYCIN    SRY 
5 'MAGNESIUM ION' MG  
6 water           HOH 
# 
loop_
_entity_poly_seq.entity_id 
_entity_poly_seq.num 
_entity_poly_seq.mon_id 
_entity_poly_seq.hetero 
1 1  G n 
1 2  G n 
1 3  A n 
1 4  U n 
1 5  C n 
1 6  G n 
1 7  C n 
1 8  A n 
1 9  U n 
1 10 U n 
1 11 U n 
1 12 G n 
1 13 G n 
1 14 A n 
1 15 C n 
1 16 U n 
1 17 U n 
1 18 C n 
1 19 U n 
1 20 G n 
1 21 C n 
1 22 C n 
2 1  C n 
2 2  G n 
2 3  G n 
2 4  C n 
2 5  A n 
2 6  C n 
2 7  C n 
2 8  A n 
2 9  C n 
2 10 G n 
2 11 G n 
2 12 U n 
2 13 C n 
2 14 G n 
2 15 G n 
2 16 A n 
2 17 U n 
2 18 C n 
# 
loop_
_chem_comp.id 
_chem_comp.type 
_chem_comp.mon_nstd_flag 
_chem_comp.name 
_chem_comp.pdbx_synonyms 
_chem_comp.formula 
_chem_comp.formula_weight 
A   'RNA linking' y "ADENOSINE-5'-MONOPHOSPHATE" ?                'C10 H14 N5 O7 P' 347.221 
C   'RNA linking' y "CYTIDINE-5'-MONOPHOSPHATE"  ?                'C9 H14 N3 O8 P'  323.197 
G   'RNA linking' y "GUANOSINE-5'-MONOPHOSPHATE" ?                'C10 H14 N5 O8 P' 363.221 
HOH non-polymer   . WATER                        ?                'H2 O'            18.015  
MG  non-polymer   . 'MAGNESIUM ION'              ?                'Mg 2'            24.305  
NA  non-polymer   . 'SODIUM ION'                 ?                'Na 1'            22.990  
SRY non-polymer   . STREPTOMYCIN                 'STREPTOMYCIN A' 'C21 H39 N7 O12'  581.574 
U   'RNA linking' y "URIDINE-5'-MONOPHOSPHATE"   ?                'C9 H13 N2 O9 P'  324.181 
# 
loop_
_pdbx_poly_seq_scheme.asym_id 
_pdbx_poly_seq_scheme.entity_id 
_pdbx_poly_seq_scheme.seq_id 
_pdbx_poly_seq_scheme.mon_id 
_pdbx_poly_seq_scheme.ndb_seq_num 
_pdbx_poly_seq_scheme.pdb_seq_num 
_pdbx_poly_seq_scheme.auth_seq_num 
_pdbx_poly_seq_scheme.pdb_mon_id 
_pdbx_poly_seq_scheme.auth_mon_id 
_pdbx_poly_seq_scheme.pdb_strand_id 
_pdbx_poly_seq_scheme.pdb_ins_code 
_pdbx_poly_seq_scheme.hetero 
A 1 1  G 1  1   1   G G A . n 
A 1 2  G 2  2   2   G G A . n 
A 1 3  A 3  3   3   A A A . n 
A 1 4  U 4  4   4   U U A . n 
A 1 5  C 5  5   5   C C A . n 
A 1 6  G 6  6   6   G G A . n 
A 1 7  C 7  7   7   C C A . n 
A 1 8  A 8  8   8   A A A . n 
A 1 9  U 9  9   9   U U A . n 
A 1 10 U 10 10  10  U U A . n 
A 1 11 U 11 11  11  U U A . n 
A 1 12 G 12 12  12  G G A . n 
A 1 13 G 13 13  13  G G A . n 
A 1 14 A 14 14  14  A A A . n 
A 1 15 C 15 15  15  C C A . n 
A 1 16 U 16 16  16  U U A . n 
A 1 17 U 17 17  17  U U A . n 
A 1 18 C 18 18  18  C C A . n 
A 1 19 U 19 19  19  U U A . n 
A 1 20 G 20 20  20  G G A . n 
A 1 21 C 21 21  21  C C A . n 
A 1 22 C 22 22  22  C C A . n 
B 2 1  C 1  101 101 C C B . n 
B 2 2  G 2  102 102 G G B . n 
B 2 3  G 3  103 103 G G B . n 
B 2 4  C 4  104 104 C C B . n 
B 2 5  A 5  105 105 A A B . n 
B 2 6  C 6  106 106 C C B . n 
B 2 7  C 7  107 107 C C B . n 
B 2 8  A 8  108 108 A A B . n 
B 2 9  C 9  109 109 C C B . n 
B 2 10 G 10 110 110 G G B . n 
B 2 11 G 11 111 111 G G B . n 
B 2 12 U 12 112 112 U U B . n 
B 2 13 C 13 113 113 C C B . n 
B 2 14 G 14 114 114 G G B . n 
B 2 15 G 15 115 115 G G B . n 
B 2 16 A 16 116 116 A A B . n 
B 2 17 U 17 117 117 U U B . n 
B 2 18 C 18 118 118 C C B . n 
# 
loop_
_pdbx_nonpoly_scheme.asym_id 
_pdbx_nonpoly_scheme.entity_id 
_pdbx_nonpoly_scheme.mon_id 
_pdbx_nonpoly_scheme.ndb_seq_num 
_pdbx_nonpoly_scheme.pdb_seq_num 
_pdbx_nonpoly_scheme.auth_seq_num 
_pdbx_nonpoly_scheme.pdb_mon_id 
_pdbx_nonpoly_scheme.auth_mon_id 
_pdbx_nonpoly_scheme.pdb_strand_id 
_pdbx_nonpoly_scheme.pdb_ins_code 
C 3 NA  1 23 4  NA  NA  A . 
D 3 NA  1 24 5  NA  NA  A . 
E 4 SRY 1 25 6  SRY SRY A . 
F 5 MG  1 1  1  MG  MG  B . 
G 6 HOH 1 26 8  HOH HOH A . 
G 6 HOH 2 27 10 HOH HOH A . 
H 6 HOH 1 7  7  HOH HOH B . 
H 6 HOH 2 9  9  HOH HOH B . 
H 6 HOH 3 11 11 HOH HOH B . 
H 6 HOH 4 12 12 HOH HOH B . 
# 
loop_
_software.name 
_software.classification 
_software.version 
_software.citation_id 
_software.pdbx_ordinal 
REFMAC    refinement       5.1.13 ? 1 
DENZO     'data reduction' .      ? 2 
SCALEPACK 'data scaling'   .      ? 3 
CNS       phasing          .      ? 4 
# 
_cell.entry_id           1NTB 
_cell.length_a           82.634 
_cell.length_b           82.634 
_cell.length_c           49.153 
_cell.angle_alpha        90.00 
_cell.angle_beta         90.00 
_cell.angle_gamma        90.00 
_cell.Z_PDB              8 
_cell.pdbx_unique_axis   ? 
# 
_symmetry.entry_id                         1NTB 
_symmetry.space_group_name_H-M             'I 4' 
_symmetry.pdbx_full_space_group_name_H-M   ? 
_symmetry.cell_setting                     ? 
_symmetry.Int_Tables_number                79 
# 
_exptl.entry_id          1NTB 
_exptl.method            'X-RAY DIFFRACTION' 
_exptl.crystals_number   1 
# 
_exptl_crystal.id                    1 
_exptl_crystal.density_meas          ? 
_exptl_crystal.density_Matthews      3.29 
_exptl_crystal.density_percent_sol   62.62 
_exptl_crystal.description           ? 
# 
_exptl_crystal_grow.crystal_id      1 
_exptl_crystal_grow.method          'VAPOR DIFFUSION, HANGING DROP' 
_exptl_crystal_grow.temp            298 
_exptl_crystal_grow.temp_details    ? 
_exptl_crystal_grow.pH              5.6 
_exptl_crystal_grow.pdbx_details    
'MES buffer, Magnesium cloride, sodium cloride, MPD, pH 5.6, VAPOR DIFFUSION, HANGING DROP, temperature 298K' 
_exptl_crystal_grow.pdbx_pH_range   . 
# 
loop_
_exptl_crystal_grow_comp.crystal_id 
_exptl_crystal_grow_comp.id 
_exptl_crystal_grow_comp.sol_id 
_exptl_crystal_grow_comp.name 
_exptl_crystal_grow_comp.volume 
_exptl_crystal_grow_comp.conc 
_exptl_crystal_grow_comp.details 
1 1 1 'MES buffer' ? ? ? 
1 2 1 MgCl2        ? ? ? 
1 3 1 NaCl         ? ? ? 
1 4 1 MPD          ? ? ? 
1 5 2 MgCl2        ? ? ? 
1 6 2 NaCl         ? ? ? 
1 7 2 MPD          ? ? ? 
# 
_diffrn.id                     1 
_diffrn.ambient_temp           100 
_diffrn.ambient_temp_details   ? 
_diffrn.crystal_id             1 
# 
_diffrn_detector.diffrn_id              1 
_diffrn_detector.detector               'IMAGE PLATE' 
_diffrn_detector.type                   'RIGAKU RAXIS IV++' 
_diffrn_detector.pdbx_collection_date   2002-05-24 
_diffrn_detector.details                mirrors 
# 
_diffrn_radiation.diffrn_id                        1 
_diffrn_radiation.wavelength_id                    1 
_diffrn_radiation.pdbx_monochromatic_or_laue_m_l   M 
_diffrn_radiation.monochromator                    ? 
_diffrn_radiation.pdbx_diffrn_protocol             'SINGLE WAVELENGTH' 
_diffrn_radiation.pdbx_scattering_type             x-ray 
# 
_diffrn_radiation_wavelength.id           1 
_diffrn_radiation_wavelength.wavelength   1.5418 
_diffrn_radiation_wavelength.wt           1.0 
# 
_diffrn_source.diffrn_id                   1 
_diffrn_source.source                      'ROTATING ANODE' 
_diffrn_source.type                        'RIGAKU RUH3R' 
_diffrn_source.pdbx_synchrotron_site       ? 
_diffrn_source.pdbx_synchrotron_beamline   ? 
_diffrn_source.pdbx_wavelength             ? 
_diffrn_source.pdbx_wavelength_list        1.5418 
# 
_reflns.entry_id                     1NTB 
_reflns.number_all                   ? 
_reflns.number_obs                   3942 
_reflns.percent_possible_obs         99.8 
_reflns.observed_criterion_sigma_F   ? 
_reflns.observed_criterion_sigma_I   ? 
_reflns.d_resolution_high            2.85 
_reflns.d_resolution_low             25.0 
_reflns.pdbx_Rmerge_I_obs            0.045 
_reflns.pdbx_Rsym_value              ? 
_reflns.pdbx_netI_over_sigmaI        ? 
_reflns.B_iso_Wilson_estimate        ? 
_reflns.pdbx_redundancy              9.3 
_reflns.R_free_details               ? 
_reflns.pdbx_diffrn_id               1 
_reflns.pdbx_ordinal                 1 
# 
_reflns_shell.d_res_high             2.85 
_reflns_shell.d_res_low              2.95 
_reflns_shell.percent_possible_all   99.8 
_reflns_shell.Rmerge_I_obs           0.45 
_reflns_shell.pdbx_Rsym_value        ? 
_reflns_shell.meanI_over_sigI_obs    ? 
_reflns_shell.pdbx_redundancy        ? 
_reflns_shell.percent_possible_obs   ? 
_reflns_shell.number_unique_all      ? 
_reflns_shell.pdbx_diffrn_id         ? 
_reflns_shell.pdbx_ordinal           1 
# 
_refine.entry_id                                 1NTB 
_refine.ls_number_reflns_obs                     3394 
_refine.ls_number_reflns_all                     ? 
_refine.pdbx_ls_sigma_I                          ? 
_refine.pdbx_ls_sigma_F                          ? 
_refine.pdbx_data_cutoff_high_absF               ? 
_refine.pdbx_data_cutoff_low_absF                ? 
_refine.pdbx_data_cutoff_high_rms_absF           ? 
_refine.ls_d_res_low                             20.00 
_refine.ls_d_res_high                            2.90 
_refine.ls_percent_reflns_obs                    99.84 
_refine.ls_R_factor_obs                          0.20847 
_refine.ls_R_factor_all                          ? 
_refine.ls_R_factor_R_work                       0.20373 
_refine.ls_R_factor_R_free                       0.25507 
_refine.ls_R_factor_R_free_error                 ? 
_refine.ls_R_factor_R_free_error_details         ? 
_refine.ls_percent_reflns_R_free                 9.3 
_refine.ls_number_reflns_R_free                  349 
_refine.ls_number_parameters                     ? 
_refine.ls_number_restraints                     ? 
_refine.occupancy_min                            ? 
_refine.occupancy_max                            ? 
_refine.correlation_coeff_Fo_to_Fc               0.946 
_refine.correlation_coeff_Fo_to_Fc_free          0.923 
_refine.B_iso_mean                               45.528 
_refine.aniso_B[1][1]                            0.51 
_refine.aniso_B[2][2]                            0.51 
_refine.aniso_B[3][3]                            -1.02 
_refine.aniso_B[1][2]                            0.00 
_refine.aniso_B[1][3]                            0.00 
_refine.aniso_B[2][3]                            0.00 
_refine.solvent_model_details                    'BABINET MODEL WITH MASK' 
_refine.solvent_model_param_ksol                 ? 
_refine.solvent_model_param_bsol                 ? 
_refine.pdbx_solvent_vdw_probe_radii             1.40 
_refine.pdbx_solvent_ion_probe_radii             0.80 
_refine.pdbx_solvent_shrinkage_radii             0.80 
_refine.pdbx_ls_cross_valid_method               THROUGHOUT 
_refine.details                                  'HYDROGENS HAVE BEEN ADDED IN THE RIDING POSITIONS' 
_refine.pdbx_starting_model                      'Barium form of streptomycin RNA-aptamer' 
_refine.pdbx_method_to_determine_struct          'MOLECULAR REPLACEMENT' 
_refine.pdbx_isotropic_thermal_model             ? 
_refine.pdbx_stereochemistry_target_values       'MAXIMUM LIKELIHOOD' 
_refine.pdbx_stereochem_target_val_spec_case     ? 
_refine.pdbx_R_Free_selection_details            RANDOM 
_refine.pdbx_overall_ESU_R                       ? 
_refine.pdbx_overall_ESU_R_Free                  0.396 
_refine.overall_SU_ML                            0.299 
_refine.overall_SU_B                             16.131 
_refine.ls_redundancy_reflns_obs                 ? 
_refine.overall_SU_R_Cruickshank_DPI             ? 
_refine.overall_SU_R_free                        ? 
_refine.pdbx_refine_id                           'X-RAY DIFFRACTION' 
_refine.pdbx_diffrn_id                           1 
_refine.pdbx_TLS_residual_ADP_flag               ? 
_refine.pdbx_overall_phase_error                 ? 
_refine.pdbx_overall_SU_R_free_Cruickshank_DPI   ? 
_refine.pdbx_overall_SU_R_Blow_DPI               ? 
_refine.pdbx_overall_SU_R_free_Blow_DPI          ? 
# 
_refine_hist.pdbx_refine_id                   'X-RAY DIFFRACTION' 
_refine_hist.cycle_id                         LAST 
_refine_hist.pdbx_number_atoms_protein        0 
_refine_hist.pdbx_number_atoms_nucleic_acid   842 
_refine_hist.pdbx_number_atoms_ligand         43 
_refine_hist.number_atoms_solvent             6 
_refine_hist.number_atoms_total               891 
_refine_hist.d_res_high                       2.90 
_refine_hist.d_res_low                        20.00 
# 
loop_
_refine_ls_restr.type 
_refine_ls_restr.dev_ideal 
_refine_ls_restr.dev_ideal_target 
_refine_ls_restr.weight 
_refine_ls_restr.number 
_refine_ls_restr.pdbx_refine_id 
_refine_ls_restr.pdbx_restraint_function 
r_bond_refined_d         0.010 0.021 ? 988  'X-RAY DIFFRACTION' ? 
r_bond_other_d           0.002 0.020 ? 327  'X-RAY DIFFRACTION' ? 
r_angle_refined_deg      1.746 2.121 ? 1525 'X-RAY DIFFRACTION' ? 
r_angle_other_deg        1.710 2.049 ? 854  'X-RAY DIFFRACTION' ? 
r_dihedral_angle_1_deg   ?     ?     ? ?    'X-RAY DIFFRACTION' ? 
r_dihedral_angle_2_deg   ?     ?     ? ?    'X-RAY DIFFRACTION' ? 
r_chiral_restr           0.412 0.200 ? 175  'X-RAY DIFFRACTION' ? 
r_gen_planes_refined     0.005 0.020 ? 418  'X-RAY DIFFRACTION' ? 
r_gen_planes_other       0.003 0.020 ? 4    'X-RAY DIFFRACTION' ? 
r_nbd_refined            0.179 0.200 ? 177  'X-RAY DIFFRACTION' ? 
r_nbd_other              0.227 0.200 ? 407  'X-RAY DIFFRACTION' ? 
r_nbtor_other            0.110 0.200 ? 198  'X-RAY DIFFRACTION' ? 
r_xyhbond_nbd_refined    0.178 0.200 ? 30   'X-RAY DIFFRACTION' ? 
r_xyhbond_nbd_other      ?     ?     ? ?    'X-RAY DIFFRACTION' ? 
r_symmetry_vdw_refined   0.123 0.200 ? 18   'X-RAY DIFFRACTION' ? 
r_symmetry_vdw_other     0.225 0.200 ? 10   'X-RAY DIFFRACTION' ? 
r_symmetry_hbond_refined 0.149 0.200 ? 1    'X-RAY DIFFRACTION' ? 
r_symmetry_hbond_other   ?     ?     ? ?    'X-RAY DIFFRACTION' ? 
r_mcbond_it              ?     ?     ? ?    'X-RAY DIFFRACTION' ? 
r_mcangle_it             ?     ?     ? ?    'X-RAY DIFFRACTION' ? 
r_scbond_it              0.853 3.000 ? 988  'X-RAY DIFFRACTION' ? 
r_scangle_it             1.372 4.500 ? 1525 'X-RAY DIFFRACTION' ? 
r_rigid_bond_restr       ?     ?     ? ?    'X-RAY DIFFRACTION' ? 
r_sphericity_free        ?     ?     ? ?    'X-RAY DIFFRACTION' ? 
r_sphericity_bonded      ?     ?     ? ?    'X-RAY DIFFRACTION' ? 
# 
_refine_ls_shell.pdbx_total_number_of_bins_used   20 
_refine_ls_shell.d_res_high                       2.900 
_refine_ls_shell.d_res_low                        2.974 
_refine_ls_shell.number_reflns_R_work             234 
_refine_ls_shell.R_factor_R_work                  0.3 
_refine_ls_shell.percent_reflns_obs               ? 
_refine_ls_shell.R_factor_R_free                  0.359 
_refine_ls_shell.R_factor_R_free_error            ? 
_refine_ls_shell.percent_reflns_R_free            ? 
_refine_ls_shell.number_reflns_R_free             22 
_refine_ls_shell.redundancy_reflns_obs            ? 
_refine_ls_shell.pdbx_refine_id                   'X-RAY DIFFRACTION' 
_refine_ls_shell.number_reflns_all                ? 
_refine_ls_shell.R_factor_all                     ? 
# 
_struct.entry_id                  1NTB 
_struct.title                     '2.9 A crystal structure of Streptomycin RNA-aptamer complex' 
_struct.pdbx_model_details        ? 
_struct.pdbx_CASP_flag            ? 
_struct.pdbx_model_type_details   ? 
# 
_struct_keywords.entry_id        1NTB 
_struct_keywords.pdbx_keywords   RNA 
_struct_keywords.text            'Streptomycin RNA-Aptamer, Magnesium form, RNA' 
# 
loop_
_struct_asym.id 
_struct_asym.pdbx_blank_PDB_chainid_flag 
_struct_asym.pdbx_modified 
_struct_asym.entity_id 
_struct_asym.details 
A N N 1 ? 
B N N 2 ? 
C N N 3 ? 
D N N 3 ? 
E N N 4 ? 
F N N 5 ? 
G N N 6 ? 
H N N 6 ? 
# 
loop_
_struct_ref.id 
_struct_ref.entity_id 
_struct_ref.db_name 
_struct_ref.db_code 
_struct_ref.pdbx_db_accession 
_struct_ref.pdbx_db_isoform 
_struct_ref.pdbx_seq_one_letter_code 
_struct_ref.pdbx_align_begin 
1 1 PDB 1NTB 1NTB ? ? ? 
2 2 PDB 1NTB 1NTB ? ? ? 
# 
loop_
_struct_ref_seq.align_id 
_struct_ref_seq.ref_id 
_struct_ref_seq.pdbx_PDB_id_code 
_struct_ref_seq.pdbx_strand_id 
_struct_ref_seq.seq_align_beg 
_struct_ref_seq.pdbx_seq_align_beg_ins_code 
_struct_ref_seq.seq_align_end 
_struct_ref_seq.pdbx_seq_align_end_ins_code 
_struct_ref_seq.pdbx_db_accession 
_struct_ref_seq.db_align_beg 
_struct_ref_seq.pdbx_db_align_beg_ins_code 
_struct_ref_seq.db_align_end 
_struct_ref_seq.pdbx_db_align_end_ins_code 
_struct_ref_seq.pdbx_auth_seq_align_beg 
_struct_ref_seq.pdbx_auth_seq_align_end 
1 1 1NTB A 1 ? 22 ? 1NTB 1   ? 22  ? 1   22  
2 2 1NTB B 1 ? 18 ? 1NTB 101 ? 118 ? 101 118 
# 
_pdbx_struct_assembly.id                   1 
_pdbx_struct_assembly.details              author_defined_assembly 
_pdbx_struct_assembly.method_details       ? 
_pdbx_struct_assembly.oligomeric_details   dimeric 
_pdbx_struct_assembly.oligomeric_count     2 
# 
_pdbx_struct_assembly_gen.assembly_id       1 
_pdbx_struct_assembly_gen.oper_expression   1 
_pdbx_struct_assembly_gen.asym_id_list      A,B,C,D,E,F,G,H 
# 
_pdbx_struct_oper_list.id                   1 
_pdbx_struct_oper_list.type                 'identity operation' 
_pdbx_struct_oper_list.name                 1_555 
_pdbx_struct_oper_list.symmetry_operation   x,y,z 
_pdbx_struct_oper_list.matrix[1][1]         1.0000000000 
_pdbx_struct_oper_list.matrix[1][2]         0.0000000000 
_pdbx_struct_oper_list.matrix[1][3]         0.0000000000 
_pdbx_struct_oper_list.vector[1]            0.0000000000 
_pdbx_struct_oper_list.matrix[2][1]         0.0000000000 
_pdbx_struct_oper_list.matrix[2][2]         1.0000000000 
_pdbx_struct_oper_list.matrix[2][3]         0.0000000000 
_pdbx_struct_oper_list.vector[2]            0.0000000000 
_pdbx_struct_oper_list.matrix[3][1]         0.0000000000 
_pdbx_struct_oper_list.matrix[3][2]         0.0000000000 
_pdbx_struct_oper_list.matrix[3][3]         1.0000000000 
_pdbx_struct_oper_list.vector[3]            0.0000000000 
# 
_struct_biol.id                    1 
_struct_biol.pdbx_parent_biol_id   ? 
_struct_biol.details               ? 
# 
loop_
_struct_conn.id 
_struct_conn.conn_type_id 
_struct_conn.pdbx_leaving_atom_flag 
_struct_conn.pdbx_PDB_id 
_struct_conn.ptnr1_label_asym_id 
_struct_conn.ptnr1_label_comp_id 
_struct_conn.ptnr1_label_seq_id 
_struct_conn.ptnr1_label_atom_id 
_struct_conn.pdbx_ptnr1_label_alt_id 
_struct_conn.pdbx_ptnr1_PDB_ins_code 
_struct_conn.pdbx_ptnr1_standard_comp_id 
_struct_conn.ptnr1_symmetry 
_struct_conn.ptnr2_label_asym_id 
_struct_conn.ptnr2_label_comp_id 
_struct_conn.ptnr2_label_seq_id 
_struct_conn.ptnr2_label_atom_id 
_struct_conn.pdbx_ptnr2_label_alt_id 
_struct_conn.pdbx_ptnr2_PDB_ins_code 
_struct_conn.ptnr1_auth_asym_id 
_struct_conn.ptnr1_auth_comp_id 
_struct_conn.ptnr1_auth_seq_id 
_struct_conn.ptnr2_auth_asym_id 
_struct_conn.ptnr2_auth_comp_id 
_struct_conn.ptnr2_auth_seq_id 
_struct_conn.ptnr2_symmetry 
_struct_conn.pdbx_ptnr3_label_atom_id 
_struct_conn.pdbx_ptnr3_label_seq_id 
_struct_conn.pdbx_ptnr3_label_comp_id 
_struct_conn.pdbx_ptnr3_label_asym_id 
_struct_conn.pdbx_ptnr3_label_alt_id 
_struct_conn.pdbx_ptnr3_PDB_ins_code 
_struct_conn.details 
_struct_conn.pdbx_dist_value 
_struct_conn.pdbx_value_order 
_struct_conn.pdbx_role 
metalc1  metalc ? ? A C   7  OP2   ? ? ? 1_555 C NA  .  NA    ? ? A C   7  A NA  23  1_555 ? ? ? ? ? ? ?             2.483 ? ? 
metalc2  metalc ? ? A A   8  "O2'" ? ? ? 1_555 C NA  .  NA    ? ? A A   8  A NA  23  1_555 ? ? ? ? ? ? ?             2.497 ? ? 
metalc3  metalc ? ? A U   10 OP2   ? ? ? 1_555 C NA  .  NA    ? ? A U   10 A NA  23  1_555 ? ? ? ? ? ? ?             2.480 ? ? 
metalc4  metalc ? ? A U   10 O2    ? ? ? 1_555 F MG  .  MG    ? ? A U   10 B MG  1   1_555 ? ? ? ? ? ? ?             2.201 ? ? 
metalc5  metalc ? ? A U   11 O4    ? ? ? 1_555 F MG  .  MG    ? ? A U   11 B MG  1   1_555 ? ? ? ? ? ? ?             2.245 ? ? 
metalc6  metalc ? ? A C   15 OP2   ? ? ? 1_555 D NA  .  NA    ? ? A C   15 A NA  24  1_555 ? ? ? ? ? ? ?             2.248 ? ? 
metalc7  metalc ? ? A U   16 O4    ? ? ? 1_555 D NA  .  NA    ? ? A U   16 A NA  24  1_555 ? ? ? ? ? ? ?             2.200 ? ? 
metalc8  metalc ? ? G HOH .  O     ? ? ? 1_555 F MG  .  MG    ? ? A HOH 26 B MG  1   1_555 ? ? ? ? ? ? ?             2.090 ? ? 
metalc9  metalc ? ? F MG  .  MG    ? ? ? 1_555 H HOH .  O     ? ? B MG  1  B HOH 7   1_555 ? ? ? ? ? ? ?             2.504 ? ? 
metalc10 metalc ? ? F MG  .  MG    ? ? ? 1_555 B C   9  "O5'" ? ? B MG  1  B C   109 1_555 ? ? ? ? ? ? ?             2.200 ? ? 
metalc11 metalc ? ? F MG  .  MG    ? ? ? 1_555 B C   9  "O4'" ? ? B MG  1  B C   109 1_555 ? ? ? ? ? ? ?             2.191 ? ? 
hydrog1  hydrog ? ? A G   2  N1    ? ? ? 1_555 B C   18 N3    ? ? A G   2  B C   118 1_555 ? ? ? ? ? ? WATSON-CRICK  ?     ? ? 
hydrog2  hydrog ? ? A G   2  N2    ? ? ? 1_555 B C   18 O2    ? ? A G   2  B C   118 1_555 ? ? ? ? ? ? WATSON-CRICK  ?     ? ? 
hydrog3  hydrog ? ? A G   2  O6    ? ? ? 1_555 B C   18 N4    ? ? A G   2  B C   118 1_555 ? ? ? ? ? ? WATSON-CRICK  ?     ? ? 
hydrog4  hydrog ? ? A A   3  N1    ? ? ? 1_555 B U   17 N3    ? ? A A   3  B U   117 1_555 ? ? ? ? ? ? WATSON-CRICK  ?     ? ? 
hydrog5  hydrog ? ? A A   3  N6    ? ? ? 1_555 B U   17 O4    ? ? A A   3  B U   117 1_555 ? ? ? ? ? ? WATSON-CRICK  ?     ? ? 
hydrog6  hydrog ? ? A U   4  N3    ? ? ? 1_555 B A   16 N1    ? ? A U   4  B A   116 1_555 ? ? ? ? ? ? WATSON-CRICK  ?     ? ? 
hydrog7  hydrog ? ? A U   4  O4    ? ? ? 1_555 B A   16 N6    ? ? A U   4  B A   116 1_555 ? ? ? ? ? ? WATSON-CRICK  ?     ? ? 
hydrog8  hydrog ? ? A C   5  N3    ? ? ? 1_555 B G   15 N1    ? ? A C   5  B G   115 1_555 ? ? ? ? ? ? WATSON-CRICK  ?     ? ? 
hydrog9  hydrog ? ? A C   5  N4    ? ? ? 1_555 B G   15 O6    ? ? A C   5  B G   115 1_555 ? ? ? ? ? ? WATSON-CRICK  ?     ? ? 
hydrog10 hydrog ? ? A C   5  O2    ? ? ? 1_555 B G   15 N2    ? ? A C   5  B G   115 1_555 ? ? ? ? ? ? WATSON-CRICK  ?     ? ? 
hydrog11 hydrog ? ? A G   6  N1    ? ? ? 1_555 A G   13 O6    ? ? A G   6  A G   13  1_555 ? ? ? ? ? ? TYPE_6_PAIR   ?     ? ? 
hydrog12 hydrog ? ? A G   6  N2    ? ? ? 1_555 A G   13 N7    ? ? A G   6  A G   13  1_555 ? ? ? ? ? ? TYPE_6_PAIR   ?     ? ? 
hydrog13 hydrog ? ? A G   6  O6    ? ? ? 1_555 B C   13 N4    ? ? A G   6  B C   113 1_555 ? ? ? ? ? ? 'G-C PAIR'    ?     ? ? 
hydrog14 hydrog ? ? A C   7  N3    ? ? ? 1_555 B G   14 N1    ? ? A C   7  B G   114 1_555 ? ? ? ? ? ? WATSON-CRICK  ?     ? ? 
hydrog15 hydrog ? ? A C   7  N4    ? ? ? 1_555 B G   14 O6    ? ? A C   7  B G   114 1_555 ? ? ? ? ? ? WATSON-CRICK  ?     ? ? 
hydrog16 hydrog ? ? A C   7  O2    ? ? ? 1_555 B G   14 N2    ? ? A C   7  B G   114 1_555 ? ? ? ? ? ? WATSON-CRICK  ?     ? ? 
hydrog17 hydrog ? ? A G   12 N1    ? ? ? 1_555 B C   9  O2    ? ? A G   12 B C   109 1_555 ? ? ? ? ? ? 'G-C PAIR'    ?     ? ? 
hydrog18 hydrog ? ? A G   13 N1    ? ? ? 1_555 B C   13 N3    ? ? A G   13 B C   113 1_555 ? ? ? ? ? ? WATSON-CRICK  ?     ? ? 
hydrog19 hydrog ? ? A G   13 N2    ? ? ? 1_555 B C   13 O2    ? ? A G   13 B C   113 1_555 ? ? ? ? ? ? WATSON-CRICK  ?     ? ? 
hydrog20 hydrog ? ? A G   13 O6    ? ? ? 1_555 B C   13 N4    ? ? A G   13 B C   113 1_555 ? ? ? ? ? ? WATSON-CRICK  ?     ? ? 
hydrog21 hydrog ? ? A A   14 N1    ? ? ? 1_555 B U   12 N3    ? ? A A   14 B U   112 1_555 ? ? ? ? ? ? WATSON-CRICK  ?     ? ? 
hydrog22 hydrog ? ? A A   14 N6    ? ? ? 1_555 B U   12 O4    ? ? A A   14 B U   112 1_555 ? ? ? ? ? ? WATSON-CRICK  ?     ? ? 
hydrog23 hydrog ? ? A C   15 N3    ? ? ? 1_555 B G   11 N1    ? ? A C   15 B G   111 1_555 ? ? ? ? ? ? WATSON-CRICK  ?     ? ? 
hydrog24 hydrog ? ? A C   15 N4    ? ? ? 1_555 B G   11 O6    ? ? A C   15 B G   111 1_555 ? ? ? ? ? ? WATSON-CRICK  ?     ? ? 
hydrog25 hydrog ? ? A C   15 O2    ? ? ? 1_555 B G   11 N2    ? ? A C   15 B G   111 1_555 ? ? ? ? ? ? WATSON-CRICK  ?     ? ? 
hydrog26 hydrog ? ? A U   16 O2    ? ? ? 1_555 A C   18 N4    ? ? A U   16 A C   18  1_555 ? ? ? ? ? ? 'U-C MISPAIR' ?     ? ? 
hydrog27 hydrog ? ? A U   17 O2    ? ? ? 1_555 B A   8  N6    ? ? A U   17 B A   108 1_555 ? ? ? ? ? ? 'U-A PAIR'    ?     ? ? 
hydrog28 hydrog ? ? A C   18 N3    ? ? ? 1_555 B G   10 N1    ? ? A C   18 B G   110 1_555 ? ? ? ? ? ? WATSON-CRICK  ?     ? ? 
hydrog29 hydrog ? ? A C   18 N4    ? ? ? 1_555 B G   10 O6    ? ? A C   18 B G   110 1_555 ? ? ? ? ? ? WATSON-CRICK  ?     ? ? 
hydrog30 hydrog ? ? A C   18 O2    ? ? ? 1_555 B G   10 N2    ? ? A C   18 B G   110 1_555 ? ? ? ? ? ? WATSON-CRICK  ?     ? ? 
hydrog31 hydrog ? ? A U   19 N3    ? ? ? 1_555 B A   5  N1    ? ? A U   19 B A   105 1_555 ? ? ? ? ? ? WATSON-CRICK  ?     ? ? 
hydrog32 hydrog ? ? A U   19 O4    ? ? ? 1_555 B A   5  N6    ? ? A U   19 B A   105 1_555 ? ? ? ? ? ? WATSON-CRICK  ?     ? ? 
hydrog33 hydrog ? ? A G   20 N1    ? ? ? 1_555 B C   4  N3    ? ? A G   20 B C   104 1_555 ? ? ? ? ? ? WATSON-CRICK  ?     ? ? 
hydrog34 hydrog ? ? A G   20 N2    ? ? ? 1_555 B C   4  O2    ? ? A G   20 B C   104 1_555 ? ? ? ? ? ? WATSON-CRICK  ?     ? ? 
hydrog35 hydrog ? ? A G   20 O6    ? ? ? 1_555 B C   4  N4    ? ? A G   20 B C   104 1_555 ? ? ? ? ? ? WATSON-CRICK  ?     ? ? 
hydrog36 hydrog ? ? A C   21 N3    ? ? ? 1_555 B G   3  N1    ? ? A C   21 B G   103 1_555 ? ? ? ? ? ? WATSON-CRICK  ?     ? ? 
hydrog37 hydrog ? ? A C   21 N4    ? ? ? 1_555 B G   3  O6    ? ? A C   21 B G   103 1_555 ? ? ? ? ? ? WATSON-CRICK  ?     ? ? 
hydrog38 hydrog ? ? A C   21 O2    ? ? ? 1_555 B G   3  N2    ? ? A C   21 B G   103 1_555 ? ? ? ? ? ? WATSON-CRICK  ?     ? ? 
hydrog39 hydrog ? ? A C   22 O2    ? ? ? 1_555 B G   2  N1    ? ? A C   22 B G   102 1_555 ? ? ? ? ? ? 'C-G PAIR'    ?     ? ? 
# 
loop_
_struct_conn_type.id 
_struct_conn_type.criteria 
_struct_conn_type.reference 
metalc ? ? 
hydrog ? ? 
# 
loop_
_pdbx_struct_conn_angle.id 
_pdbx_struct_conn_angle.ptnr1_label_atom_id 
_pdbx_struct_conn_angle.ptnr1_label_alt_id 
_pdbx_struct_conn_angle.ptnr1_label_asym_id 
_pdbx_struct_conn_angle.ptnr1_label_comp_id 
_pdbx_struct_conn_angle.ptnr1_label_seq_id 
_pdbx_struct_conn_angle.ptnr1_auth_atom_id 
_pdbx_struct_conn_angle.ptnr1_auth_asym_id 
_pdbx_struct_conn_angle.ptnr1_auth_comp_id 
_pdbx_struct_conn_angle.ptnr1_auth_seq_id 
_pdbx_struct_conn_angle.ptnr1_PDB_ins_code 
_pdbx_struct_conn_angle.ptnr1_symmetry 
_pdbx_struct_conn_angle.ptnr2_label_atom_id 
_pdbx_struct_conn_angle.ptnr2_label_alt_id 
_pdbx_struct_conn_angle.ptnr2_label_asym_id 
_pdbx_struct_conn_angle.ptnr2_label_comp_id 
_pdbx_struct_conn_angle.ptnr2_label_seq_id 
_pdbx_struct_conn_angle.ptnr2_auth_atom_id 
_pdbx_struct_conn_angle.ptnr2_auth_asym_id 
_pdbx_struct_conn_angle.ptnr2_auth_comp_id 
_pdbx_struct_conn_angle.ptnr2_auth_seq_id 
_pdbx_struct_conn_angle.ptnr2_PDB_ins_code 
_pdbx_struct_conn_angle.ptnr2_symmetry 
_pdbx_struct_conn_angle.ptnr3_label_atom_id 
_pdbx_struct_conn_angle.ptnr3_label_alt_id 
_pdbx_struct_conn_angle.ptnr3_label_asym_id 
_pdbx_struct_conn_angle.ptnr3_label_comp_id 
_pdbx_struct_conn_angle.ptnr3_label_seq_id 
_pdbx_struct_conn_angle.ptnr3_auth_atom_id 
_pdbx_struct_conn_angle.ptnr3_auth_asym_id 
_pdbx_struct_conn_angle.ptnr3_auth_comp_id 
_pdbx_struct_conn_angle.ptnr3_auth_seq_id 
_pdbx_struct_conn_angle.ptnr3_PDB_ins_code 
_pdbx_struct_conn_angle.ptnr3_symmetry 
_pdbx_struct_conn_angle.value 
_pdbx_struct_conn_angle.value_esd 
1  OP2   ? A C   7  ? A C   7   ? 1_555 NA ? C NA . ? A NA 23 ? 1_555 "O2'" ? A A   8  ? A A   8   ? 1_555 113.1 ? 
2  OP2   ? A C   7  ? A C   7   ? 1_555 NA ? C NA . ? A NA 23 ? 1_555 OP2   ? A U   10 ? A U   10  ? 1_555 125.8 ? 
3  "O2'" ? A A   8  ? A A   8   ? 1_555 NA ? C NA . ? A NA 23 ? 1_555 OP2   ? A U   10 ? A U   10  ? 1_555 98.8  ? 
4  O2    ? A U   10 ? A U   10  ? 1_555 MG ? F MG . ? B MG 1  ? 1_555 O4    ? A U   11 ? A U   11  ? 1_555 97.6  ? 
5  O2    ? A U   10 ? A U   10  ? 1_555 MG ? F MG . ? B MG 1  ? 1_555 O     ? G HOH .  ? A HOH 26  ? 1_555 85.6  ? 
6  O4    ? A U   11 ? A U   11  ? 1_555 MG ? F MG . ? B MG 1  ? 1_555 O     ? G HOH .  ? A HOH 26  ? 1_555 164.3 ? 
7  O2    ? A U   10 ? A U   10  ? 1_555 MG ? F MG . ? B MG 1  ? 1_555 O     ? H HOH .  ? B HOH 7   ? 1_555 99.4  ? 
8  O4    ? A U   11 ? A U   11  ? 1_555 MG ? F MG . ? B MG 1  ? 1_555 O     ? H HOH .  ? B HOH 7   ? 1_555 100.3 ? 
9  O     ? G HOH .  ? A HOH 26  ? 1_555 MG ? F MG . ? B MG 1  ? 1_555 O     ? H HOH .  ? B HOH 7   ? 1_555 64.0  ? 
10 O2    ? A U   10 ? A U   10  ? 1_555 MG ? F MG . ? B MG 1  ? 1_555 "O5'" ? B C   9  ? B C   109 ? 1_555 161.3 ? 
11 O4    ? A U   11 ? A U   11  ? 1_555 MG ? F MG . ? B MG 1  ? 1_555 "O5'" ? B C   9  ? B C   109 ? 1_555 92.2  ? 
12 O     ? G HOH .  ? A HOH 26  ? 1_555 MG ? F MG . ? B MG 1  ? 1_555 "O5'" ? B C   9  ? B C   109 ? 1_555 89.3  ? 
13 O     ? H HOH .  ? B HOH 7   ? 1_555 MG ? F MG . ? B MG 1  ? 1_555 "O5'" ? B C   9  ? B C   109 ? 1_555 94.4  ? 
14 O2    ? A U   10 ? A U   10  ? 1_555 MG ? F MG . ? B MG 1  ? 1_555 "O4'" ? B C   9  ? B C   109 ? 1_555 89.4  ? 
15 O4    ? A U   11 ? A U   11  ? 1_555 MG ? F MG . ? B MG 1  ? 1_555 "O4'" ? B C   9  ? B C   109 ? 1_555 76.3  ? 
16 O     ? G HOH .  ? A HOH 26  ? 1_555 MG ? F MG . ? B MG 1  ? 1_555 "O4'" ? B C   9  ? B C   109 ? 1_555 119.2 ? 
17 O     ? H HOH .  ? B HOH 7   ? 1_555 MG ? F MG . ? B MG 1  ? 1_555 "O4'" ? B C   9  ? B C   109 ? 1_555 170.9 ? 
18 "O5'" ? B C   9  ? B C   109 ? 1_555 MG ? F MG . ? B MG 1  ? 1_555 "O4'" ? B C   9  ? B C   109 ? 1_555 77.4  ? 
19 OP2   ? A C   15 ? A C   15  ? 1_555 NA ? D NA . ? A NA 24 ? 1_555 O4    ? A U   16 ? A U   16  ? 1_555 71.6  ? 
# 
loop_
_struct_site.id 
_struct_site.pdbx_evidence_code 
_struct_site.pdbx_auth_asym_id 
_struct_site.pdbx_auth_comp_id 
_struct_site.pdbx_auth_seq_id 
_struct_site.pdbx_auth_ins_code 
_struct_site.pdbx_num_residues 
_struct_site.details 
AC1 Software B MG 1  ? 5 'BINDING SITE FOR RESIDUE MG B 1'  
AC2 Software A NA 23 ? 3 'BINDING SITE FOR RESIDUE NA A 23' 
AC3 Software A NA 24 ? 2 'BINDING SITE FOR RESIDUE NA A 24' 
1   ?        ? ?  ?  ? ? ?                                  
# 
loop_
_struct_site_gen.id 
_struct_site_gen.site_id 
_struct_site_gen.pdbx_num_res 
_struct_site_gen.label_comp_id 
_struct_site_gen.label_asym_id 
_struct_site_gen.label_seq_id 
_struct_site_gen.pdbx_auth_ins_code 
_struct_site_gen.auth_comp_id 
_struct_site_gen.auth_asym_id 
_struct_site_gen.auth_seq_id 
_struct_site_gen.label_atom_id 
_struct_site_gen.label_alt_id 
_struct_site_gen.symmetry 
_struct_site_gen.details 
1  AC1 5 U   A 10 ? U   A 10  . ? 1_555 ? 
2  AC1 5 U   A 11 ? U   A 11  . ? 1_555 ? 
3  AC1 5 HOH G .  ? HOH A 26  . ? 1_555 ? 
4  AC1 5 HOH H .  ? HOH B 7   . ? 1_555 ? 
5  AC1 5 C   B 9  ? C   B 109 . ? 1_555 ? 
6  AC2 3 C   A 7  ? C   A 7   . ? 1_555 ? 
7  AC2 3 A   A 8  ? A   A 8   . ? 1_555 ? 
8  AC2 3 U   A 10 ? U   A 10  . ? 1_555 ? 
9  AC3 2 C   A 15 ? C   A 15  . ? 1_555 ? 
10 AC3 2 U   A 16 ? U   A 16  . ? 1_555 ? 
# 
loop_
_pdbx_validate_rmsd_bond.id 
_pdbx_validate_rmsd_bond.PDB_model_num 
_pdbx_validate_rmsd_bond.auth_atom_id_1 
_pdbx_validate_rmsd_bond.auth_asym_id_1 
_pdbx_validate_rmsd_bond.auth_comp_id_1 
_pdbx_validate_rmsd_bond.auth_seq_id_1 
_pdbx_validate_rmsd_bond.PDB_ins_code_1 
_pdbx_validate_rmsd_bond.label_alt_id_1 
_pdbx_validate_rmsd_bond.auth_atom_id_2 
_pdbx_validate_rmsd_bond.auth_asym_id_2 
_pdbx_validate_rmsd_bond.auth_comp_id_2 
_pdbx_validate_rmsd_bond.auth_seq_id_2 
_pdbx_validate_rmsd_bond.PDB_ins_code_2 
_pdbx_validate_rmsd_bond.label_alt_id_2 
_pdbx_validate_rmsd_bond.bond_value 
_pdbx_validate_rmsd_bond.bond_target_value 
_pdbx_validate_rmsd_bond.bond_deviation 
_pdbx_validate_rmsd_bond.bond_standard_deviation 
_pdbx_validate_rmsd_bond.linker_flag 
1 1 "O5'" A A 8   ? ? "C5'" A A 8   ? ? 1.350 1.420 -0.070 0.009 N 
2 1 "C1'" A U 11  ? ? N1    A U 11  ? ? 1.590 1.483 0.107  0.015 N 
3 1 C4    A U 11  ? ? O4    A U 11  ? ? 1.307 1.232 0.075  0.008 N 
4 1 "O5'" B C 106 ? ? "C5'" B C 106 ? ? 1.625 1.440 0.185  0.016 N 
5 1 P     B U 112 ? ? OP2   B U 112 ? ? 1.702 1.485 0.217  0.017 N 
6 1 P     B U 117 ? ? OP2   B U 117 ? ? 1.700 1.485 0.215  0.017 N 
# 
loop_
_pdbx_validate_rmsd_angle.id 
_pdbx_validate_rmsd_angle.PDB_model_num 
_pdbx_validate_rmsd_angle.auth_atom_id_1 
_pdbx_validate_rmsd_angle.auth_asym_id_1 
_pdbx_validate_rmsd_angle.auth_comp_id_1 
_pdbx_validate_rmsd_angle.auth_seq_id_1 
_pdbx_validate_rmsd_angle.PDB_ins_code_1 
_pdbx_validate_rmsd_angle.label_alt_id_1 
_pdbx_validate_rmsd_angle.auth_atom_id_2 
_pdbx_validate_rmsd_angle.auth_asym_id_2 
_pdbx_validate_rmsd_angle.auth_comp_id_2 
_pdbx_validate_rmsd_angle.auth_seq_id_2 
_pdbx_validate_rmsd_angle.PDB_ins_code_2 
_pdbx_validate_rmsd_angle.label_alt_id_2 
_pdbx_validate_rmsd_angle.auth_atom_id_3 
_pdbx_validate_rmsd_angle.auth_asym_id_3 
_pdbx_validate_rmsd_angle.auth_comp_id_3 
_pdbx_validate_rmsd_angle.auth_seq_id_3 
_pdbx_validate_rmsd_angle.PDB_ins_code_3 
_pdbx_validate_rmsd_angle.label_alt_id_3 
_pdbx_validate_rmsd_angle.angle_value 
_pdbx_validate_rmsd_angle.angle_target_value 
_pdbx_validate_rmsd_angle.angle_deviation 
_pdbx_validate_rmsd_angle.angle_standard_deviation 
_pdbx_validate_rmsd_angle.linker_flag 
1  1 "C3'" A G 6   ? ? "O3'" A G 6   ? ? P     A C 7   ? ? 129.16 119.70 9.46   1.20 Y 
2  1 "O4'" A A 8   ? ? "C1'" A A 8   ? ? N9    A A 8   ? ? 112.80 108.50 4.30   0.70 N 
3  1 "O5'" B C 106 ? ? "C5'" B C 106 ? ? "C4'" B C 106 ? ? 89.73  109.40 -19.67 0.80 N 
4  1 P     B C 106 ? ? "O5'" B C 106 ? ? "C5'" B C 106 ? ? 109.98 120.90 -10.92 1.60 N 
5  1 "C3'" B C 107 ? ? "O3'" B C 107 ? ? P     B A 108 ? ? 127.06 119.70 7.36   1.20 Y 
6  1 "C1'" B U 112 ? ? "O4'" B U 112 ? ? "C4'" B U 112 ? ? 102.05 109.70 -7.65  0.70 N 
7  1 "C3'" B U 112 ? ? "C2'" B U 112 ? ? "C1'" B U 112 ? ? 96.98  101.30 -4.32  0.70 N 
8  1 "O4'" B U 112 ? ? "C1'" B U 112 ? ? "C2'" B U 112 ? ? 115.76 107.60 8.16   0.90 N 
9  1 N1    B U 112 ? ? "C1'" B U 112 ? ? "C2'" B U 112 ? ? 128.13 114.00 14.13  1.30 N 
10 1 "O4'" B U 112 ? ? "C1'" B U 112 ? ? N1    B U 112 ? ? 114.33 108.50 5.83   0.70 N 
11 1 N1    B U 112 ? ? C2    B U 112 ? ? N3    B U 112 ? ? 121.20 114.90 6.30   0.60 N 
12 1 C2    B U 112 ? ? N3    B U 112 ? ? C4    B U 112 ? ? 121.21 127.00 -5.79  0.60 N 
13 1 N3    B U 112 ? ? C4    B U 112 ? ? C5    B U 112 ? ? 118.22 114.60 3.62   0.60 N 
14 1 C5    B U 112 ? ? C4    B U 112 ? ? O4    B U 112 ? ? 118.57 125.90 -7.33  0.60 N 
15 1 C6    B U 112 ? ? N1    B U 112 ? ? "C1'" B U 112 ? ? 112.19 121.20 -9.01  1.40 N 
16 1 C2    B U 112 ? ? N1    B U 112 ? ? "C1'" B U 112 ? ? 127.37 117.70 9.67   1.20 N 
17 1 "C4'" B U 117 ? ? "C3'" B U 117 ? ? "C2'" B U 117 ? ? 112.81 102.60 10.21  1.00 N 
18 1 "O4'" B U 117 ? ? "C1'" B U 117 ? ? "C2'" B U 117 ? ? 117.13 107.60 9.53   0.90 N 
19 1 "O4'" B U 117 ? ? "C1'" B U 117 ? ? N1    B U 117 ? ? 115.60 108.50 7.10   0.70 N 
20 1 N1    B U 117 ? ? C2    B U 117 ? ? N3    B U 117 ? ? 120.31 114.90 5.41   0.60 N 
21 1 C2    B U 117 ? ? N3    B U 117 ? ? C4    B U 117 ? ? 122.05 127.00 -4.95  0.60 N 
22 1 C5    B U 117 ? ? C4    B U 117 ? ? O4    B U 117 ? ? 121.69 125.90 -4.21  0.60 N 
23 1 C6    B U 117 ? ? N1    B U 117 ? ? "C1'" B U 117 ? ? 111.27 121.20 -9.93  1.40 N 
24 1 C2    B U 117 ? ? N1    B U 117 ? ? "C1'" B U 117 ? ? 127.21 117.70 9.51   1.20 N 
# 
loop_
_pdbx_validate_chiral.id 
_pdbx_validate_chiral.PDB_model_num 
_pdbx_validate_chiral.auth_atom_id 
_pdbx_validate_chiral.label_alt_id 
_pdbx_validate_chiral.auth_asym_id 
_pdbx_validate_chiral.auth_comp_id 
_pdbx_validate_chiral.auth_seq_id 
_pdbx_validate_chiral.PDB_ins_code 
_pdbx_validate_chiral.details 
_pdbx_validate_chiral.omega 
1 1 "C3'" ? B U 112 ? 'WRONG HAND' . 
2 1 "C1'" ? B U 112 ? PLANAR       . 
3 1 "C3'" ? B U 117 ? PLANAR       . 
# 
_struct_site_keywords.site_id   1 
_struct_site_keywords.text      intercalation 
# 
_pdbx_refine_tls.id               1 
_pdbx_refine_tls.details          ? 
_pdbx_refine_tls.method           refined 
_pdbx_refine_tls.origin_x         0.2492 
_pdbx_refine_tls.origin_y         -0.0172 
_pdbx_refine_tls.origin_z         -0.0529 
_pdbx_refine_tls.T[1][1]          0.0809 
_pdbx_refine_tls.T[2][2]          0.4415 
_pdbx_refine_tls.T[3][3]          0.2888 
_pdbx_refine_tls.T[1][2]          -0.0510 
_pdbx_refine_tls.T[1][3]          0.1422 
_pdbx_refine_tls.T[2][3]          0.0163 
_pdbx_refine_tls.L[1][1]          4.2983 
_pdbx_refine_tls.L[2][2]          3.6832 
_pdbx_refine_tls.L[3][3]          11.4915 
_pdbx_refine_tls.L[1][2]          -0.7549 
_pdbx_refine_tls.L[1][3]          1.2281 
_pdbx_refine_tls.L[2][3]          -0.9884 
_pdbx_refine_tls.S[1][1]          -0.4024 
_pdbx_refine_tls.S[1][2]          0.2306 
_pdbx_refine_tls.S[1][3]          0.1486 
_pdbx_refine_tls.S[2][1]          0.2413 
_pdbx_refine_tls.S[2][2]          0.1675 
_pdbx_refine_tls.S[2][3]          -0.6491 
_pdbx_refine_tls.S[3][1]          0.0287 
_pdbx_refine_tls.S[3][2]          -0.2187 
_pdbx_refine_tls.S[3][3]          0.2350 
_pdbx_refine_tls.pdbx_refine_id   'X-RAY DIFFRACTION' 
# 
_pdbx_refine_tls_group.id                  1 
_pdbx_refine_tls_group.refine_tls_id       1 
_pdbx_refine_tls_group.beg_label_asym_id   A 
_pdbx_refine_tls_group.beg_label_seq_id    1 
_pdbx_refine_tls_group.beg_auth_seq_id     1 
_pdbx_refine_tls_group.end_label_asym_id   A 
_pdbx_refine_tls_group.end_label_seq_id    22 
_pdbx_refine_tls_group.end_auth_seq_id     22 
_pdbx_refine_tls_group.selection           ? 
_pdbx_refine_tls_group.beg_auth_asym_id    A 
_pdbx_refine_tls_group.end_auth_asym_id    A 
_pdbx_refine_tls_group.pdbx_refine_id      'X-RAY DIFFRACTION' 
_pdbx_refine_tls_group.selection_details   ? 
# 
loop_
_pdbx_unobs_or_zero_occ_residues.id 
_pdbx_unobs_or_zero_occ_residues.PDB_model_num 
_pdbx_unobs_or_zero_occ_residues.polymer_flag 
_pdbx_unobs_or_zero_occ_residues.occupancy_flag 
_pdbx_unobs_or_zero_occ_residues.auth_asym_id 
_pdbx_unobs_or_zero_occ_residues.auth_comp_id 
_pdbx_unobs_or_zero_occ_residues.auth_seq_id 
_pdbx_unobs_or_zero_occ_residues.PDB_ins_code 
_pdbx_unobs_or_zero_occ_residues.label_asym_id 
_pdbx_unobs_or_zero_occ_residues.label_comp_id 
_pdbx_unobs_or_zero_occ_residues.label_seq_id 
1 1 N 0 A SRY 25 ? E SRY ? 
2 1 N 0 B HOH 11 ? H HOH ? 
# 
loop_
_chem_comp_atom.comp_id 
_chem_comp_atom.atom_id 
_chem_comp_atom.type_symbol 
_chem_comp_atom.pdbx_aromatic_flag 
_chem_comp_atom.pdbx_stereo_config 
_chem_comp_atom.pdbx_ordinal 
A   OP3    O  N N 1   
A   P      P  N N 2   
A   OP1    O  N N 3   
A   OP2    O  N N 4   
A   "O5'"  O  N N 5   
A   "C5'"  C  N N 6   
A   "C4'"  C  N R 7   
A   "O4'"  O  N N 8   
A   "C3'"  C  N S 9   
A   "O3'"  O  N N 10  
A   "C2'"  C  N R 11  
A   "O2'"  O  N N 12  
A   "C1'"  C  N R 13  
A   N9     N  Y N 14  
A   C8     C  Y N 15  
A   N7     N  Y N 16  
A   C5     C  Y N 17  
A   C6     C  Y N 18  
A   N6     N  N N 19  
A   N1     N  Y N 20  
A   C2     C  Y N 21  
A   N3     N  Y N 22  
A   C4     C  Y N 23  
A   HOP3   H  N N 24  
A   HOP2   H  N N 25  
A   "H5'"  H  N N 26  
A   "H5''" H  N N 27  
A   "H4'"  H  N N 28  
A   "H3'"  H  N N 29  
A   "HO3'" H  N N 30  
A   "H2'"  H  N N 31  
A   "HO2'" H  N N 32  
A   "H1'"  H  N N 33  
A   H8     H  N N 34  
A   H61    H  N N 35  
A   H62    H  N N 36  
A   H2     H  N N 37  
C   OP3    O  N N 38  
C   P      P  N N 39  
C   OP1    O  N N 40  
C   OP2    O  N N 41  
C   "O5'"  O  N N 42  
C   "C5'"  C  N N 43  
C   "C4'"  C  N R 44  
C   "O4'"  O  N N 45  
C   "C3'"  C  N S 46  
C   "O3'"  O  N N 47  
C   "C2'"  C  N R 48  
C   "O2'"  O  N N 49  
C   "C1'"  C  N R 50  
C   N1     N  N N 51  
C   C2     C  N N 52  
C   O2     O  N N 53  
C   N3     N  N N 54  
C   C4     C  N N 55  
C   N4     N  N N 56  
C   C5     C  N N 57  
C   C6     C  N N 58  
C   HOP3   H  N N 59  
C   HOP2   H  N N 60  
C   "H5'"  H  N N 61  
C   "H5''" H  N N 62  
C   "H4'"  H  N N 63  
C   "H3'"  H  N N 64  
C   "HO3'" H  N N 65  
C   "H2'"  H  N N 66  
C   "HO2'" H  N N 67  
C   "H1'"  H  N N 68  
C   H41    H  N N 69  
C   H42    H  N N 70  
C   H5     H  N N 71  
C   H6     H  N N 72  
G   OP3    O  N N 73  
G   P      P  N N 74  
G   OP1    O  N N 75  
G   OP2    O  N N 76  
G   "O5'"  O  N N 77  
G   "C5'"  C  N N 78  
G   "C4'"  C  N R 79  
G   "O4'"  O  N N 80  
G   "C3'"  C  N S 81  
G   "O3'"  O  N N 82  
G   "C2'"  C  N R 83  
G   "O2'"  O  N N 84  
G   "C1'"  C  N R 85  
G   N9     N  Y N 86  
G   C8     C  Y N 87  
G   N7     N  Y N 88  
G   C5     C  Y N 89  
G   C6     C  N N 90  
G   O6     O  N N 91  
G   N1     N  N N 92  
G   C2     C  N N 93  
G   N2     N  N N 94  
G   N3     N  N N 95  
G   C4     C  Y N 96  
G   HOP3   H  N N 97  
G   HOP2   H  N N 98  
G   "H5'"  H  N N 99  
G   "H5''" H  N N 100 
G   "H4'"  H  N N 101 
G   "H3'"  H  N N 102 
G   "HO3'" H  N N 103 
G   "H2'"  H  N N 104 
G   "HO2'" H  N N 105 
G   "H1'"  H  N N 106 
G   H8     H  N N 107 
G   H1     H  N N 108 
G   H21    H  N N 109 
G   H22    H  N N 110 
HOH O      O  N N 111 
HOH H1     H  N N 112 
HOH H2     H  N N 113 
MG  MG     MG N N 114 
NA  NA     NA N N 115 
SRY C11    C  N R 116 
SRY N11    N  N N 117 
SRY CA1    C  N N 118 
SRY NB1    N  N N 119 
SRY NC1    N  N N 120 
SRY C21    C  N R 121 
SRY O21    O  N N 122 
SRY C31    C  N S 123 
SRY N31    N  N N 124 
SRY CD1    C  N N 125 
SRY NE1    N  N N 126 
SRY NF1    N  N N 127 
SRY C41    C  N R 128 
SRY O41    O  N N 129 
SRY C51    C  N R 130 
SRY O51    O  N N 131 
SRY C61    C  N S 132 
SRY O61    O  N N 133 
SRY C12    C  N R 134 
SRY C22    C  N S 135 
SRY C32    C  N S 136 
SRY O32    O  N N 137 
SRY CG2    C  N N 138 
SRY OG2    O  N N 139 
SRY C42    C  N S 140 
SRY CH2    C  N N 141 
SRY O42    O  N N 142 
SRY O13    O  N N 143 
SRY C13    C  N S 144 
SRY C23    C  N S 145 
SRY N23    N  N N 146 
SRY CI3    C  N N 147 
SRY C33    C  N S 148 
SRY O33    O  N N 149 
SRY C43    C  N R 150 
SRY O43    O  N N 151 
SRY C53    C  N S 152 
SRY O53    O  N N 153 
SRY C63    C  N N 154 
SRY O63    O  N N 155 
SRY H11    H  N N 156 
SRY HN11   H  N N 157 
SRY HB11   H  N N 158 
SRY HB12   H  N N 159 
SRY HC11   H  N N 160 
SRY H21    H  N N 161 
SRY HO21   H  N N 162 
SRY H31    H  N N 163 
SRY HN31   H  N N 164 
SRY HE11   H  N N 165 
SRY HE12   H  N N 166 
SRY HF11   H  N N 167 
SRY H41    H  N N 168 
SRY H51    H  N N 169 
SRY HO51   H  N N 170 
SRY H61    H  N N 171 
SRY HO61   H  N N 172 
SRY H12    H  N N 173 
SRY H22    H  N N 174 
SRY HO32   H  N N 175 
SRY HG21   H  N N 176 
SRY H42    H  N N 177 
SRY HH21   H  N N 178 
SRY HH22   H  N N 179 
SRY HH23   H  N N 180 
SRY H13    H  N N 181 
SRY H23    H  N N 182 
SRY HN23   H  N N 183 
SRY HI31   H  N N 184 
SRY HI32   H  N N 185 
SRY HI33   H  N N 186 
SRY H33    H  N N 187 
SRY HO33   H  N N 188 
SRY H43    H  N N 189 
SRY HO43   H  N N 190 
SRY H53    H  N N 191 
SRY H631   H  N N 192 
SRY H632   H  N N 193 
SRY HO63   H  N N 194 
U   OP3    O  N N 195 
U   P      P  N N 196 
U   OP1    O  N N 197 
U   OP2    O  N N 198 
U   "O5'"  O  N N 199 
U   "C5'"  C  N N 200 
U   "C4'"  C  N R 201 
U   "O4'"  O  N N 202 
U   "C3'"  C  N S 203 
U   "O3'"  O  N N 204 
U   "C2'"  C  N R 205 
U   "O2'"  O  N N 206 
U   "C1'"  C  N R 207 
U   N1     N  N N 208 
U   C2     C  N N 209 
U   O2     O  N N 210 
U   N3     N  N N 211 
U   C4     C  N N 212 
U   O4     O  N N 213 
U   C5     C  N N 214 
U   C6     C  N N 215 
U   HOP3   H  N N 216 
U   HOP2   H  N N 217 
U   "H5'"  H  N N 218 
U   "H5''" H  N N 219 
U   "H4'"  H  N N 220 
U   "H3'"  H  N N 221 
U   "HO3'" H  N N 222 
U   "H2'"  H  N N 223 
U   "HO2'" H  N N 224 
U   "H1'"  H  N N 225 
U   H3     H  N N 226 
U   H5     H  N N 227 
U   H6     H  N N 228 
# 
loop_
_chem_comp_bond.comp_id 
_chem_comp_bond.atom_id_1 
_chem_comp_bond.atom_id_2 
_chem_comp_bond.value_order 
_chem_comp_bond.pdbx_aromatic_flag 
_chem_comp_bond.pdbx_stereo_config 
_chem_comp_bond.pdbx_ordinal 
A   OP3   P      sing N N 1   
A   OP3   HOP3   sing N N 2   
A   P     OP1    doub N N 3   
A   P     OP2    sing N N 4   
A   P     "O5'"  sing N N 5   
A   OP2   HOP2   sing N N 6   
A   "O5'" "C5'"  sing N N 7   
A   "C5'" "C4'"  sing N N 8   
A   "C5'" "H5'"  sing N N 9   
A   "C5'" "H5''" sing N N 10  
A   "C4'" "O4'"  sing N N 11  
A   "C4'" "C3'"  sing N N 12  
A   "C4'" "H4'"  sing N N 13  
A   "O4'" "C1'"  sing N N 14  
A   "C3'" "O3'"  sing N N 15  
A   "C3'" "C2'"  sing N N 16  
A   "C3'" "H3'"  sing N N 17  
A   "O3'" "HO3'" sing N N 18  
A   "C2'" "O2'"  sing N N 19  
A   "C2'" "C1'"  sing N N 20  
A   "C2'" "H2'"  sing N N 21  
A   "O2'" "HO2'" sing N N 22  
A   "C1'" N9     sing N N 23  
A   "C1'" "H1'"  sing N N 24  
A   N9    C8     sing Y N 25  
A   N9    C4     sing Y N 26  
A   C8    N7     doub Y N 27  
A   C8    H8     sing N N 28  
A   N7    C5     sing Y N 29  
A   C5    C6     sing Y N 30  
A   C5    C4     doub Y N 31  
A   C6    N6     sing N N 32  
A   C6    N1     doub Y N 33  
A   N6    H61    sing N N 34  
A   N6    H62    sing N N 35  
A   N1    C2     sing Y N 36  
A   C2    N3     doub Y N 37  
A   C2    H2     sing N N 38  
A   N3    C4     sing Y N 39  
C   OP3   P      sing N N 40  
C   OP3   HOP3   sing N N 41  
C   P     OP1    doub N N 42  
C   P     OP2    sing N N 43  
C   P     "O5'"  sing N N 44  
C   OP2   HOP2   sing N N 45  
C   "O5'" "C5'"  sing N N 46  
C   "C5'" "C4'"  sing N N 47  
C   "C5'" "H5'"  sing N N 48  
C   "C5'" "H5''" sing N N 49  
C   "C4'" "O4'"  sing N N 50  
C   "C4'" "C3'"  sing N N 51  
C   "C4'" "H4'"  sing N N 52  
C   "O4'" "C1'"  sing N N 53  
C   "C3'" "O3'"  sing N N 54  
C   "C3'" "C2'"  sing N N 55  
C   "C3'" "H3'"  sing N N 56  
C   "O3'" "HO3'" sing N N 57  
C   "C2'" "O2'"  sing N N 58  
C   "C2'" "C1'"  sing N N 59  
C   "C2'" "H2'"  sing N N 60  
C   "O2'" "HO2'" sing N N 61  
C   "C1'" N1     sing N N 62  
C   "C1'" "H1'"  sing N N 63  
C   N1    C2     sing N N 64  
C   N1    C6     sing N N 65  
C   C2    O2     doub N N 66  
C   C2    N3     sing N N 67  
C   N3    C4     doub N N 68  
C   C4    N4     sing N N 69  
C   C4    C5     sing N N 70  
C   N4    H41    sing N N 71  
C   N4    H42    sing N N 72  
C   C5    C6     doub N N 73  
C   C5    H5     sing N N 74  
C   C6    H6     sing N N 75  
G   OP3   P      sing N N 76  
G   OP3   HOP3   sing N N 77  
G   P     OP1    doub N N 78  
G   P     OP2    sing N N 79  
G   P     "O5'"  sing N N 80  
G   OP2   HOP2   sing N N 81  
G   "O5'" "C5'"  sing N N 82  
G   "C5'" "C4'"  sing N N 83  
G   "C5'" "H5'"  sing N N 84  
G   "C5'" "H5''" sing N N 85  
G   "C4'" "O4'"  sing N N 86  
G   "C4'" "C3'"  sing N N 87  
G   "C4'" "H4'"  sing N N 88  
G   "O4'" "C1'"  sing N N 89  
G   "C3'" "O3'"  sing N N 90  
G   "C3'" "C2'"  sing N N 91  
G   "C3'" "H3'"  sing N N 92  
G   "O3'" "HO3'" sing N N 93  
G   "C2'" "O2'"  sing N N 94  
G   "C2'" "C1'"  sing N N 95  
G   "C2'" "H2'"  sing N N 96  
G   "O2'" "HO2'" sing N N 97  
G   "C1'" N9     sing N N 98  
G   "C1'" "H1'"  sing N N 99  
G   N9    C8     sing Y N 100 
G   N9    C4     sing Y N 101 
G   C8    N7     doub Y N 102 
G   C8    H8     sing N N 103 
G   N7    C5     sing Y N 104 
G   C5    C6     sing N N 105 
G   C5    C4     doub Y N 106 
G   C6    O6     doub N N 107 
G   C6    N1     sing N N 108 
G   N1    C2     sing N N 109 
G   N1    H1     sing N N 110 
G   C2    N2     sing N N 111 
G   C2    N3     doub N N 112 
G   N2    H21    sing N N 113 
G   N2    H22    sing N N 114 
G   N3    C4     sing N N 115 
HOH O     H1     sing N N 116 
HOH O     H2     sing N N 117 
SRY C11   N11    sing N N 118 
SRY C11   C21    sing N N 119 
SRY C11   C61    sing N N 120 
SRY C11   H11    sing N N 121 
SRY N11   CA1    sing N N 122 
SRY N11   HN11   sing N N 123 
SRY CA1   NB1    sing N N 124 
SRY CA1   NC1    doub N N 125 
SRY NB1   HB11   sing N N 126 
SRY NB1   HB12   sing N N 127 
SRY NC1   HC11   sing N N 128 
SRY C21   O21    sing N N 129 
SRY C21   C31    sing N N 130 
SRY C21   H21    sing N N 131 
SRY O21   HO21   sing N N 132 
SRY C31   N31    sing N N 133 
SRY C31   C41    sing N N 134 
SRY C31   H31    sing N N 135 
SRY N31   CD1    sing N N 136 
SRY N31   HN31   sing N N 137 
SRY CD1   NE1    sing N N 138 
SRY CD1   NF1    doub N N 139 
SRY NE1   HE11   sing N N 140 
SRY NE1   HE12   sing N N 141 
SRY NF1   HF11   sing N N 142 
SRY C41   O41    sing N N 143 
SRY C41   C51    sing N N 144 
SRY C41   H41    sing N N 145 
SRY O41   C12    sing N N 146 
SRY C51   O51    sing N N 147 
SRY C51   C61    sing N N 148 
SRY C51   H51    sing N N 149 
SRY O51   HO51   sing N N 150 
SRY C61   O61    sing N N 151 
SRY C61   H61    sing N N 152 
SRY O61   HO61   sing N N 153 
SRY C12   C22    sing N N 154 
SRY C12   O42    sing N N 155 
SRY C12   H12    sing N N 156 
SRY C22   C32    sing N N 157 
SRY C22   O13    sing N N 158 
SRY C22   H22    sing N N 159 
SRY C32   O32    sing N N 160 
SRY C32   CG2    sing N N 161 
SRY C32   C42    sing N N 162 
SRY O32   HO32   sing N N 163 
SRY CG2   OG2    doub N N 164 
SRY CG2   HG21   sing N N 165 
SRY C42   CH2    sing N N 166 
SRY C42   O42    sing N N 167 
SRY C42   H42    sing N N 168 
SRY CH2   HH21   sing N N 169 
SRY CH2   HH22   sing N N 170 
SRY CH2   HH23   sing N N 171 
SRY O13   C13    sing N N 172 
SRY C13   C23    sing N N 173 
SRY C13   O53    sing N N 174 
SRY C13   H13    sing N N 175 
SRY C23   N23    sing N N 176 
SRY C23   C33    sing N N 177 
SRY C23   H23    sing N N 178 
SRY N23   CI3    sing N N 179 
SRY N23   HN23   sing N N 180 
SRY CI3   HI31   sing N N 181 
SRY CI3   HI32   sing N N 182 
SRY CI3   HI33   sing N N 183 
SRY C33   O33    sing N N 184 
SRY C33   C43    sing N N 185 
SRY C33   H33    sing N N 186 
SRY O33   HO33   sing N N 187 
SRY C43   O43    sing N N 188 
SRY C43   C53    sing N N 189 
SRY C43   H43    sing N N 190 
SRY O43   HO43   sing N N 191 
SRY C53   O53    sing N N 192 
SRY C53   C63    sing N N 193 
SRY C53   H53    sing N N 194 
SRY C63   O63    sing N N 195 
SRY C63   H631   sing N N 196 
SRY C63   H632   sing N N 197 
SRY O63   HO63   sing N N 198 
U   OP3   P      sing N N 199 
U   OP3   HOP3   sing N N 200 
U   P     OP1    doub N N 201 
U   P     OP2    sing N N 202 
U   P     "O5'"  sing N N 203 
U   OP2   HOP2   sing N N 204 
U   "O5'" "C5'"  sing N N 205 
U   "C5'" "C4'"  sing N N 206 
U   "C5'" "H5'"  sing N N 207 
U   "C5'" "H5''" sing N N 208 
U   "C4'" "O4'"  sing N N 209 
U   "C4'" "C3'"  sing N N 210 
U   "C4'" "H4'"  sing N N 211 
U   "O4'" "C1'"  sing N N 212 
U   "C3'" "O3'"  sing N N 213 
U   "C3'" "C2'"  sing N N 214 
U   "C3'" "H3'"  sing N N 215 
U   "O3'" "HO3'" sing N N 216 
U   "C2'" "O2'"  sing N N 217 
U   "C2'" "C1'"  sing N N 218 
U   "C2'" "H2'"  sing N N 219 
U   "O2'" "HO2'" sing N N 220 
U   "C1'" N1     sing N N 221 
U   "C1'" "H1'"  sing N N 222 
U   N1    C2     sing N N 223 
U   N1    C6     sing N N 224 
U   C2    O2     doub N N 225 
U   C2    N3     sing N N 226 
U   N3    C4     sing N N 227 
U   N3    H3     sing N N 228 
U   C4    O4     doub N N 229 
U   C4    C5     sing N N 230 
U   C5    C6     doub N N 231 
U   C5    H5     sing N N 232 
U   C6    H6     sing N N 233 
# 
loop_
_ndb_struct_conf_na.entry_id 
_ndb_struct_conf_na.feature 
1NTB 'double helix'        
1NTB 'a-form double helix' 
1NTB 'internal loop'       
1NTB 'triple helix'        
# 
loop_
_ndb_struct_na_base_pair.model_number 
_ndb_struct_na_base_pair.i_label_asym_id 
_ndb_struct_na_base_pair.i_label_comp_id 
_ndb_struct_na_base_pair.i_label_seq_id 
_ndb_struct_na_base_pair.i_symmetry 
_ndb_struct_na_base_pair.j_label_asym_id 
_ndb_struct_na_base_pair.j_label_comp_id 
_ndb_struct_na_base_pair.j_label_seq_id 
_ndb_struct_na_base_pair.j_symmetry 
_ndb_struct_na_base_pair.shear 
_ndb_struct_na_base_pair.stretch 
_ndb_struct_na_base_pair.stagger 
_ndb_struct_na_base_pair.buckle 
_ndb_struct_na_base_pair.propeller 
_ndb_struct_na_base_pair.opening 
_ndb_struct_na_base_pair.pair_number 
_ndb_struct_na_base_pair.pair_name 
_ndb_struct_na_base_pair.i_auth_asym_id 
_ndb_struct_na_base_pair.i_auth_seq_id 
_ndb_struct_na_base_pair.i_PDB_ins_code 
_ndb_struct_na_base_pair.j_auth_asym_id 
_ndb_struct_na_base_pair.j_auth_seq_id 
_ndb_struct_na_base_pair.j_PDB_ins_code 
_ndb_struct_na_base_pair.hbond_type_28 
_ndb_struct_na_base_pair.hbond_type_12 
1 A G 2  1_555 B C 18 1_555 -0.134 -0.201 0.338  0.538   -6.520  -5.197   1  A_G2:C118_B  A 2   ? B 118 ? 19 1 
1 A A 3  1_555 B U 17 1_555 0.210  -0.266 -0.207 2.388   -16.245 1.092    2  A_A3:U117_B  A 3   ? B 117 ? 20 1 
1 A U 4  1_555 B A 16 1_555 0.276  -0.301 0.183  0.734   -16.940 3.482    3  A_U4:A116_B  A 4   ? B 116 ? 20 1 
1 A C 5  1_555 B G 15 1_555 -0.081 -0.283 0.149  -1.348  -7.133  -1.025   4  A_C5:G115_B  A 5   ? B 115 ? 19 1 
1 A C 7  1_555 B G 14 1_555 -0.275 -0.272 -0.084 -6.786  1.864   -3.722   5  A_C7:G114_B  A 7   ? B 114 ? 19 1 
1 A G 13 1_555 B C 13 1_555 -0.575 -0.345 -0.440 -7.623  -1.632  0.877    6  A_G13:C113_B A 13  ? B 113 ? 19 1 
1 A A 14 1_555 B U 12 1_555 0.124  -0.218 -0.819 -18.198 -1.466  5.150    7  A_A14:U112_B A 14  ? B 112 ? 20 1 
1 A C 15 1_555 B G 11 1_555 0.144  -0.203 -0.062 -9.190  8.462   -2.001   8  A_C15:G111_B A 15  ? B 111 ? 19 1 
1 A C 18 1_555 B G 10 1_555 0.004  -0.244 0.560  -28.253 1.855   -4.275   9  A_C18:G110_B A 18  ? B 110 ? 19 1 
1 B A 8  1_555 A U 17 1_555 -4.226 -1.625 -0.563 -2.804  -0.370  -62.150  10 B_A108:U17_A B 108 ? A 17  ? ?  ? 
1 A G 12 1_555 B C 9  1_555 0.201  5.874  -0.118 -26.126 20.254  -106.673 11 A_G12:C109_B A 12  ? B 109 ? ?  2 
1 A U 19 1_555 B A 5  1_555 0.118  0.103  0.153  -4.060  -3.727  8.188    12 A_U19:A105_B A 19  ? B 105 ? 20 1 
1 A G 20 1_555 B C 4  1_555 -0.937 -0.233 0.181  7.333   -16.209 4.914    13 A_G20:C104_B A 20  ? B 104 ? 19 1 
1 A C 21 1_555 B G 3  1_555 -0.225 -0.089 0.290  11.775  -18.246 3.761    14 A_C21:G103_B A 21  ? B 103 ? 19 1 
1 A C 22 1_555 B G 2  1_555 0.690  -0.134 0.956  -1.126  -19.455 6.976    15 A_C22:G102_B A 22  ? B 102 ? ?  1 
# 
loop_
_ndb_struct_na_base_pair_step.model_number 
_ndb_struct_na_base_pair_step.i_label_asym_id_1 
_ndb_struct_na_base_pair_step.i_label_comp_id_1 
_ndb_struct_na_base_pair_step.i_label_seq_id_1 
_ndb_struct_na_base_pair_step.i_symmetry_1 
_ndb_struct_na_base_pair_step.j_label_asym_id_1 
_ndb_struct_na_base_pair_step.j_label_comp_id_1 
_ndb_struct_na_base_pair_step.j_label_seq_id_1 
_ndb_struct_na_base_pair_step.j_symmetry_1 
_ndb_struct_na_base_pair_step.i_label_asym_id_2 
_ndb_struct_na_base_pair_step.i_label_comp_id_2 
_ndb_struct_na_base_pair_step.i_label_seq_id_2 
_ndb_struct_na_base_pair_step.i_symmetry_2 
_ndb_struct_na_base_pair_step.j_label_asym_id_2 
_ndb_struct_na_base_pair_step.j_label_comp_id_2 
_ndb_struct_na_base_pair_step.j_label_seq_id_2 
_ndb_struct_na_base_pair_step.j_symmetry_2 
_ndb_struct_na_base_pair_step.shift 
_ndb_struct_na_base_pair_step.slide 
_ndb_struct_na_base_pair_step.rise 
_ndb_struct_na_base_pair_step.tilt 
_ndb_struct_na_base_pair_step.roll 
_ndb_struct_na_base_pair_step.twist 
_ndb_struct_na_base_pair_step.x_displacement 
_ndb_struct_na_base_pair_step.y_displacement 
_ndb_struct_na_base_pair_step.helical_rise 
_ndb_struct_na_base_pair_step.inclination 
_ndb_struct_na_base_pair_step.tip 
_ndb_struct_na_base_pair_step.helical_twist 
_ndb_struct_na_base_pair_step.step_number 
_ndb_struct_na_base_pair_step.step_name 
_ndb_struct_na_base_pair_step.i_auth_asym_id_1 
_ndb_struct_na_base_pair_step.i_auth_seq_id_1 
_ndb_struct_na_base_pair_step.i_PDB_ins_code_1 
_ndb_struct_na_base_pair_step.j_auth_asym_id_1 
_ndb_struct_na_base_pair_step.j_auth_seq_id_1 
_ndb_struct_na_base_pair_step.j_PDB_ins_code_1 
_ndb_struct_na_base_pair_step.i_auth_asym_id_2 
_ndb_struct_na_base_pair_step.i_auth_seq_id_2 
_ndb_struct_na_base_pair_step.i_PDB_ins_code_2 
_ndb_struct_na_base_pair_step.j_auth_asym_id_2 
_ndb_struct_na_base_pair_step.j_auth_seq_id_2 
_ndb_struct_na_base_pair_step.j_PDB_ins_code_2 
1 A G 2  1_555 B C 18 1_555 A A 3  1_555 B U 17 1_555 -0.122 -1.405 3.195  1.879    4.075   33.050  -3.092 0.509  2.994  7.122  
-3.284  33.345   1  AA_G2A3:U117C118_BB   A 2  ? B 118 ? A 3   ? B 117 ? 
1 A A 3  1_555 B U 17 1_555 A U 4  1_555 B A 16 1_555 0.288  -1.324 3.323  -3.021   9.276   31.697  -3.817 -0.992 2.797  16.500 
5.374   33.127   2  AA_A3U4:A116U117_BB   A 3  ? B 117 ? A 4   ? B 116 ? 
1 A U 4  1_555 B A 16 1_555 A C 5  1_555 B G 15 1_555 -0.313 -1.799 3.180  0.369    10.458  29.755  -5.033 0.638  2.420  19.617 
-0.691  31.502   3  AA_U4C5:G115A116_BB   A 4  ? B 116 ? A 5   ? B 115 ? 
1 A C 5  1_555 B G 15 1_555 A C 7  1_555 B G 14 1_555 -0.845 -2.642 3.211  1.702    11.662  36.759  -5.242 1.461  2.260  17.935 
-2.618  38.540   4  AA_C5C7:G114G115_BB   A 5  ? B 115 ? A 7   ? B 114 ? 
1 A C 7  1_555 B G 14 1_555 A G 13 1_555 B C 13 1_555 -2.436 -1.959 3.345  8.158    6.664   51.834  -2.605 3.231  2.707  7.535  
-9.224  52.821   5  AA_C7G13:C113G114_BB  A 7  ? B 114 ? A 13  ? B 113 ? 
1 A G 13 1_555 B C 13 1_555 A A 14 1_555 B U 12 1_555 -0.222 -1.964 3.710  5.382    1.939   37.325  -3.315 1.118  3.542  3.009  
-8.349  37.746   6  AA_G13A14:U112C113_BB A 13 ? B 113 ? A 14  ? B 112 ? 
1 A A 14 1_555 B U 12 1_555 A C 15 1_555 B G 11 1_555 -0.046 -1.986 3.170  -1.507   3.572   31.661  -4.223 -0.173 2.933  6.516  
2.750   31.891   7  AA_A14C15:G111U112_BB A 14 ? B 112 ? A 15  ? B 111 ? 
1 A C 15 1_555 B G 11 1_555 A C 18 1_555 B G 10 1_555 -0.962 -2.926 3.745  4.862    -0.566  45.888  -3.679 1.700  3.664  -0.723 
-6.215  46.134   8  AA_C15C18:G110G111_BB A 15 ? B 111 ? A 18  ? B 110 ? 
1 A C 18 1_555 B G 10 1_555 B A 8  1_555 A U 17 1_555 0.126  -2.530 -2.725 -161.745 -45.168 -39.999 0.876  1.479  -1.462 23.650 
-84.690 -168.664 9  AB_C18A108:U17G110_AB A 18 ? B 110 ? B 108 ? A 17  ? 
1 A U 19 1_555 B A 5  1_555 A G 20 1_555 B C 4  1_555 -0.704 -1.690 2.926  -0.611   1.478   26.155  -4.081 1.408  2.844  3.263  
1.348   26.203   10 AA_U19G20:C104A105_BB A 19 ? B 105 ? A 20  ? B 104 ? 
1 A G 20 1_555 B C 4  1_555 A C 21 1_555 B G 3  1_555 0.073  -1.257 2.950  -2.414   5.172   37.604  -2.506 -0.381 2.749  7.967  
3.719   38.019   11 AA_G20C21:G103C104_BB A 20 ? B 104 ? A 21  ? B 103 ? 
1 A C 21 1_555 B G 3  1_555 A C 22 1_555 B G 2  1_555 0.479  -1.190 3.381  -1.771   7.765   38.281  -2.711 -0.929 3.066  11.687 
2.666   39.070   12 AA_C21C22:G102G103_BB A 21 ? B 103 ? A 22  ? B 102 ? 
# 
_pdbx_initial_refinement_model.accession_code   1NTA 
_pdbx_initial_refinement_model.id               1 
_pdbx_initial_refinement_model.entity_id_list   ? 
_pdbx_initial_refinement_model.type             'experimental model' 
_pdbx_initial_refinement_model.source_name      PDB 
_pdbx_initial_refinement_model.details          'Barium form of streptomycin RNA-aptamer' 
# 
_atom_sites.entry_id                    1NTB 
_atom_sites.fract_transf_matrix[1][1]   0.00953213 
_atom_sites.fract_transf_matrix[1][2]   -0.00726367 
_atom_sites.fract_transf_matrix[1][3]   -0.00168400 
_atom_sites.fract_transf_matrix[2][1]   -0.00552499 
_atom_sites.fract_transf_matrix[2][2]   -0.00871606 
_atom_sites.fract_transf_matrix[2][3]   0.00632164 
_atom_sites.fract_transf_matrix[3][1]   -0.00841761 
_atom_sites.fract_transf_matrix[3][2]   -0.00707827 
_atom_sites.fract_transf_matrix[3][3]   -0.01711610 
_atom_sites.fract_transf_vector[1]      0.155844 
_atom_sites.fract_transf_vector[2]      0.368353 
_atom_sites.fract_transf_vector[3]      0.017058 
# 
loop_
_atom_type.symbol 
C  
MG 
N  
NA 
O  
P  
# 
loop_
_atom_site.group_PDB 
_atom_site.id 
_atom_site.type_symbol 
_atom_site.label_atom_id 
_atom_site.label_alt_id 
_atom_site.label_comp_id 
_atom_site.label_asym_id 
_atom_site.label_entity_id 
_atom_site.label_seq_id 
_atom_site.pdbx_PDB_ins_code 
_atom_site.Cartn_x 
_atom_site.Cartn_y 
_atom_site.Cartn_z 
_atom_site.occupancy 
_atom_site.B_iso_or_equiv 
_atom_site.pdbx_formal_charge 
_atom_site.auth_seq_id 
_atom_site.auth_comp_id 
_atom_site.auth_asym_id 
_atom_site.auth_atom_id 
_atom_site.pdbx_PDB_model_num 
ATOM   1   O  "O5'" . G   A 1 1  ? 12.009  4.541   -5.422  1.00 57.00 ? 1   G   A "O5'" 1 
ATOM   2   C  "C5'" . G   A 1 1  ? 12.810  5.234   -6.400  1.00 57.80 ? 1   G   A "C5'" 1 
ATOM   3   C  "C4'" . G   A 1 1  ? 13.366  4.287   -7.458  1.00 57.46 ? 1   G   A "C4'" 1 
ATOM   4   O  "O4'" . G   A 1 1  ? 14.799  4.463   -7.577  1.00 57.65 ? 1   G   A "O4'" 1 
ATOM   5   C  "C3'" . G   A 1 1  ? 13.169  2.809   -7.171  1.00 57.50 ? 1   G   A "C3'" 1 
ATOM   6   O  "O3'" . G   A 1 1  ? 11.945  2.379   -7.722  1.00 58.34 ? 1   G   A "O3'" 1 
ATOM   7   C  "C2'" . G   A 1 1  ? 14.363  2.166   -7.842  1.00 57.31 ? 1   G   A "C2'" 1 
ATOM   8   O  "O2'" . G   A 1 1  ? 14.170  1.975   -9.230  1.00 57.28 ? 1   G   A "O2'" 1 
ATOM   9   C  "C1'" . G   A 1 1  ? 15.450  3.199   -7.566  1.00 57.55 ? 1   G   A "C1'" 1 
ATOM   10  N  N9    . G   A 1 1  ? 16.128  3.029   -6.275  1.00 57.13 ? 1   G   A N9    1 
ATOM   11  C  C8    . G   A 1 1  ? 16.227  3.961   -5.267  1.00 57.20 ? 1   G   A C8    1 
ATOM   12  N  N7    . G   A 1 1  ? 16.891  3.542   -4.229  1.00 56.76 ? 1   G   A N7    1 
ATOM   13  C  C5    . G   A 1 1  ? 17.257  2.251   -4.562  1.00 55.98 ? 1   G   A C5    1 
ATOM   14  C  C6    . G   A 1 1  ? 17.993  1.305   -3.819  1.00 55.39 ? 1   G   A C6    1 
ATOM   15  O  O6    . G   A 1 1  ? 18.475  1.436   -2.692  1.00 55.86 ? 1   G   A O6    1 
ATOM   16  N  N1    . G   A 1 1  ? 18.157  0.112   -4.509  1.00 54.92 ? 1   G   A N1    1 
ATOM   17  C  C2    . G   A 1 1  ? 17.665  -0.137  -5.767  1.00 55.20 ? 1   G   A C2    1 
ATOM   18  N  N2    . G   A 1 1  ? 17.923  -1.350  -6.275  1.00 55.27 ? 1   G   A N2    1 
ATOM   19  N  N3    . G   A 1 1  ? 16.967  0.744   -6.480  1.00 55.62 ? 1   G   A N3    1 
ATOM   20  C  C4    . G   A 1 1  ? 16.802  1.915   -5.817  1.00 56.28 ? 1   G   A C4    1 
ATOM   21  P  P     . G   A 1 2  ? 11.068  1.317   -6.926  1.00 58.90 ? 2   G   A P     1 
ATOM   22  O  OP1   . G   A 1 2  ? 9.853   1.000   -7.712  1.00 58.01 ? 2   G   A OP1   1 
ATOM   23  O  OP2   . G   A 1 2  ? 10.971  1.771   -5.518  1.00 58.99 ? 2   G   A OP2   1 
ATOM   24  O  "O5'" . G   A 1 2  ? 12.070  0.081   -6.959  1.00 58.98 ? 2   G   A "O5'" 1 
ATOM   25  C  "C5'" . G   A 1 2  ? 12.215  -0.693  -8.122  1.00 58.37 ? 2   G   A "C5'" 1 
ATOM   26  C  "C4'" . G   A 1 2  ? 12.801  -2.036  -7.762  1.00 58.03 ? 2   G   A "C4'" 1 
ATOM   27  O  "O4'" . G   A 1 2  ? 14.185  -1.868  -7.382  1.00 57.13 ? 2   G   A "O4'" 1 
ATOM   28  C  "C3'" . G   A 1 2  ? 12.156  -2.729  -6.567  1.00 58.07 ? 2   G   A "C3'" 1 
ATOM   29  O  "O3'" . G   A 1 2  ? 10.982  -3.420  -6.967  1.00 58.83 ? 2   G   A "O3'" 1 
ATOM   30  C  "C2'" . G   A 1 2  ? 13.287  -3.648  -6.133  1.00 57.62 ? 2   G   A "C2'" 1 
ATOM   31  O  "O2'" . G   A 1 2  ? 13.427  -4.794  -6.948  1.00 58.08 ? 2   G   A "O2'" 1 
ATOM   32  C  "C1'" . G   A 1 2  ? 14.487  -2.734  -6.305  1.00 56.56 ? 2   G   A "C1'" 1 
ATOM   33  N  N9    . G   A 1 2  ? 14.802  -1.934  -5.129  1.00 55.24 ? 2   G   A N9    1 
ATOM   34  C  C8    . G   A 1 2  ? 14.556  -0.595  -4.939  1.00 54.78 ? 2   G   A C8    1 
ATOM   35  N  N7    . G   A 1 2  ? 14.979  -0.148  -3.789  1.00 54.60 ? 2   G   A N7    1 
ATOM   36  C  C5    . G   A 1 2  ? 15.538  -1.259  -3.175  1.00 54.15 ? 2   G   A C5    1 
ATOM   37  C  C6    . G   A 1 2  ? 16.160  -1.388  -1.913  1.00 53.40 ? 2   G   A C6    1 
ATOM   38  O  O6    . G   A 1 2  ? 16.334  -0.510  -1.062  1.00 52.97 ? 2   G   A O6    1 
ATOM   39  N  N1    . G   A 1 2  ? 16.599  -2.692  -1.672  1.00 53.20 ? 2   G   A N1    1 
ATOM   40  C  C2    . G   A 1 2  ? 16.458  -3.744  -2.552  1.00 53.59 ? 2   G   A C2    1 
ATOM   41  N  N2    . G   A 1 2  ? 16.944  -4.931  -2.152  1.00 53.18 ? 2   G   A N2    1 
ATOM   42  N  N3    . G   A 1 2  ? 15.878  -3.634  -3.744  1.00 54.38 ? 2   G   A N3    1 
ATOM   43  C  C4    . G   A 1 2  ? 15.441  -2.368  -3.988  1.00 54.70 ? 2   G   A C4    1 
ATOM   44  P  P     . A   A 1 3  ? 9.994   -4.112  -5.927  1.00 59.85 ? 3   A   A P     1 
ATOM   45  O  OP1   . A   A 1 3  ? 9.057   -4.967  -6.693  1.00 59.40 ? 3   A   A OP1   1 
ATOM   46  O  OP2   . A   A 1 3  ? 9.461   -3.061  -5.032  1.00 60.80 ? 3   A   A OP2   1 
ATOM   47  O  "O5'" . A   A 1 3  ? 10.985  -5.021  -5.064  1.00 59.03 ? 3   A   A "O5'" 1 
ATOM   48  C  "C5'" . A   A 1 3  ? 11.241  -6.365  -5.418  1.00 58.38 ? 3   A   A "C5'" 1 
ATOM   49  C  "C4'" . A   A 1 3  ? 11.997  -7.056  -4.307  1.00 57.92 ? 3   A   A "C4'" 1 
ATOM   50  O  "O4'" . A   A 1 3  ? 13.185  -6.303  -3.941  1.00 57.08 ? 3   A   A "O4'" 1 
ATOM   51  C  "C3'" . A   A 1 3  ? 11.214  -7.171  -3.021  1.00 57.76 ? 3   A   A "C3'" 1 
ATOM   52  O  "O3'" . A   A 1 3  ? 10.309  -8.254  -3.092  1.00 57.67 ? 3   A   A "O3'" 1 
ATOM   53  C  "C2'" . A   A 1 3  ? 12.331  -7.366  -2.005  1.00 57.61 ? 3   A   A "C2'" 1 
ATOM   54  O  "O2'" . A   A 1 3  ? 12.811  -8.699  -1.951  1.00 57.37 ? 3   A   A "O2'" 1 
ATOM   55  C  "C1'" . A   A 1 3  ? 13.405  -6.410  -2.540  1.00 56.90 ? 3   A   A "C1'" 1 
ATOM   56  N  N9    . A   A 1 3  ? 13.376  -5.058  -1.958  1.00 55.87 ? 3   A   A N9    1 
ATOM   57  C  C8    . A   A 1 3  ? 12.769  -3.949  -2.477  1.00 55.39 ? 3   A   A C8    1 
ATOM   58  N  N7    . A   A 1 3  ? 12.916  -2.869  -1.749  1.00 55.20 ? 3   A   A N7    1 
ATOM   59  C  C5    . A   A 1 3  ? 13.669  -3.289  -0.671  1.00 54.61 ? 3   A   A C5    1 
ATOM   60  C  C6    . A   A 1 3  ? 14.168  -2.611  0.460   1.00 54.03 ? 3   A   A C6    1 
ATOM   61  N  N6    . A   A 1 3  ? 13.961  -1.313  0.694   1.00 52.91 ? 3   A   A N6    1 
ATOM   62  N  N1    . A   A 1 3  ? 14.897  -3.323  1.344   1.00 54.32 ? 3   A   A N1    1 
ATOM   63  C  C2    . A   A 1 3  ? 15.110  -4.626  1.109   1.00 55.16 ? 3   A   A C2    1 
ATOM   64  N  N3    . A   A 1 3  ? 14.694  -5.370  0.081   1.00 55.64 ? 3   A   A N3    1 
ATOM   65  C  C4    . A   A 1 3  ? 13.967  -4.636  -0.781  1.00 55.36 ? 3   A   A C4    1 
ATOM   66  P  P     . U   A 1 4  ? 8.950   -8.179  -2.259  1.00 58.13 ? 4   U   A P     1 
ATOM   67  O  OP1   . U   A 1 4  ? 8.162   -9.409  -2.517  1.00 57.84 ? 4   U   A OP1   1 
ATOM   68  O  OP2   . U   A 1 4  ? 8.327   -6.845  -2.462  1.00 57.94 ? 4   U   A OP2   1 
ATOM   69  O  "O5'" . U   A 1 4  ? 9.549   -8.220  -0.777  1.00 56.35 ? 4   U   A "O5'" 1 
ATOM   70  C  "C5'" . U   A 1 4  ? 10.083  -9.406  -0.245  1.00 54.48 ? 4   U   A "C5'" 1 
ATOM   71  C  "C4'" . U   A 1 4  ? 10.651  -9.147  1.136   1.00 53.57 ? 4   U   A "C4'" 1 
ATOM   72  O  "O4'" . U   A 1 4  ? 11.674  -8.125  1.069   1.00 52.06 ? 4   U   A "O4'" 1 
ATOM   73  C  "C3'" . U   A 1 4  ? 9.674   -8.583  2.154   1.00 53.36 ? 4   U   A "C3'" 1 
ATOM   74  O  "O3'" . U   A 1 4  ? 8.773   -9.569  2.659   1.00 53.89 ? 4   U   A "O3'" 1 
ATOM   75  C  "C2'" . U   A 1 4  ? 10.637  -8.045  3.200   1.00 52.50 ? 4   U   A "C2'" 1 
ATOM   76  O  "O2'" . U   A 1 4  ? 11.174  -9.048  4.042   1.00 51.89 ? 4   U   A "O2'" 1 
ATOM   77  C  "C1'" . U   A 1 4  ? 11.709  -7.415  2.301   1.00 51.79 ? 4   U   A "C1'" 1 
ATOM   78  N  N1    . U   A 1 4  ? 11.464  -5.945  2.043   1.00 51.07 ? 4   U   A N1    1 
ATOM   79  C  C2    . U   A 1 4  ? 11.849  -5.017  2.996   1.00 49.88 ? 4   U   A C2    1 
ATOM   80  O  O2    . U   A 1 4  ? 12.401  -5.316  4.037   1.00 49.10 ? 4   U   A O2    1 
ATOM   81  N  N3    . U   A 1 4  ? 11.570  -3.710  2.677   1.00 49.53 ? 4   U   A N3    1 
ATOM   82  C  C4    . U   A 1 4  ? 10.951  -3.238  1.528   1.00 49.79 ? 4   U   A C4    1 
ATOM   83  O  O4    . U   A 1 4  ? 10.766  -2.032  1.377   1.00 48.83 ? 4   U   A O4    1 
ATOM   84  C  C5    . U   A 1 4  ? 10.573  -4.258  0.582   1.00 50.25 ? 4   U   A C5    1 
ATOM   85  C  C6    . U   A 1 4  ? 10.835  -5.543  0.871   1.00 50.81 ? 4   U   A C6    1 
ATOM   86  P  P     . C   A 1 5  ? 7.311   -9.096  3.138   1.00 54.29 ? 5   C   A P     1 
ATOM   87  O  OP1   . C   A 1 5  ? 6.519   -10.304 3.464   1.00 54.31 ? 5   C   A OP1   1 
ATOM   88  O  OP2   . C   A 1 5  ? 6.781   -8.112  2.158   1.00 53.70 ? 5   C   A OP2   1 
ATOM   89  O  "O5'" . C   A 1 5  ? 7.648   -8.329  4.502   1.00 51.93 ? 5   C   A "O5'" 1 
ATOM   90  C  "C5'" . C   A 1 5  ? 8.195   -9.049  5.591   1.00 50.36 ? 5   C   A "C5'" 1 
ATOM   91  C  "C4'" . C   A 1 5  ? 8.445   -8.139  6.774   1.00 49.38 ? 5   C   A "C4'" 1 
ATOM   92  O  "O4'" . C   A 1 5  ? 9.456   -7.162  6.442   1.00 48.70 ? 5   C   A "O4'" 1 
ATOM   93  C  "C3'" . C   A 1 5  ? 7.255   -7.312  7.206   1.00 49.09 ? 5   C   A "C3'" 1 
ATOM   94  O  "O3'" . C   A 1 5  ? 6.399   -8.081  8.013   1.00 49.46 ? 5   C   A "O3'" 1 
ATOM   95  C  "C2'" . C   A 1 5  ? 7.926   -6.171  7.963   1.00 48.63 ? 5   C   A "C2'" 1 
ATOM   96  O  "O2'" . C   A 1 5  ? 8.216   -6.483  9.313   1.00 49.77 ? 5   C   A "O2'" 1 
ATOM   97  C  "C1'" . C   A 1 5  ? 9.204   -5.962  7.152   1.00 47.60 ? 5   C   A "C1'" 1 
ATOM   98  N  N1    . C   A 1 5  ? 9.077   -4.833  6.192   1.00 45.39 ? 5   C   A N1    1 
ATOM   99  C  C2    . C   A 1 5  ? 9.287   -3.535  6.649   1.00 44.21 ? 5   C   A C2    1 
ATOM   100 O  O2    . C   A 1 5  ? 9.591   -3.357  7.831   1.00 43.42 ? 5   C   A O2    1 
ATOM   101 N  N3    . C   A 1 5  ? 9.155   -2.503  5.777   1.00 44.09 ? 5   C   A N3    1 
ATOM   102 C  C4    . C   A 1 5  ? 8.809   -2.732  4.508   1.00 44.41 ? 5   C   A C4    1 
ATOM   103 N  N4    . C   A 1 5  ? 8.693   -1.680  3.697   1.00 43.82 ? 5   C   A N4    1 
ATOM   104 C  C5    . C   A 1 5  ? 8.582   -4.053  4.020   1.00 44.90 ? 5   C   A C5    1 
ATOM   105 C  C6    . C   A 1 5  ? 8.722   -5.061  4.887   1.00 45.19 ? 5   C   A C6    1 
ATOM   106 P  P     . G   A 1 6  ? 4.829   -8.205  7.747   1.00 49.77 ? 6   G   A P     1 
ATOM   107 O  OP1   . G   A 1 6  ? 4.398   -9.388  8.521   1.00 50.65 ? 6   G   A OP1   1 
ATOM   108 O  OP2   . G   A 1 6  ? 4.473   -8.091  6.315   1.00 48.95 ? 6   G   A OP2   1 
ATOM   109 O  "O5'" . G   A 1 6  ? 4.304   -6.910  8.506   1.00 50.20 ? 6   G   A "O5'" 1 
ATOM   110 C  "C5'" . G   A 1 6  ? 4.297   -5.645  7.899   1.00 49.36 ? 6   G   A "C5'" 1 
ATOM   111 C  "C4'" . G   A 1 6  ? 3.750   -4.636  8.882   1.00 48.82 ? 6   G   A "C4'" 1 
ATOM   112 O  "O4'" . G   A 1 6  ? 3.928   -3.314  8.327   1.00 48.01 ? 6   G   A "O4'" 1 
ATOM   113 C  "C3'" . G   A 1 6  ? 2.249   -4.777  9.172   1.00 48.96 ? 6   G   A "C3'" 1 
ATOM   114 O  "O3'" . G   A 1 6  ? 1.889   -4.463  10.524  1.00 51.36 ? 6   G   A "O3'" 1 
ATOM   115 C  "C2'" . G   A 1 6  ? 1.634   -3.744  8.240   1.00 48.14 ? 6   G   A "C2'" 1 
ATOM   116 O  "O2'" . G   A 1 6  ? 0.381   -3.259  8.693   1.00 47.39 ? 6   G   A "O2'" 1 
ATOM   117 C  "C1'" . G   A 1 6  ? 2.688   -2.656  8.322   1.00 47.10 ? 6   G   A "C1'" 1 
ATOM   118 N  N9    . G   A 1 6  ? 2.678   -1.685  7.245   1.00 45.18 ? 6   G   A N9    1 
ATOM   119 C  C8    . G   A 1 6  ? 2.409   -1.866  5.914   1.00 45.13 ? 6   G   A C8    1 
ATOM   120 N  N7    . G   A 1 6  ? 2.483   -0.761  5.215   1.00 44.29 ? 6   G   A N7    1 
ATOM   121 C  C5    . G   A 1 6  ? 2.818   0.196   6.157   1.00 43.51 ? 6   G   A C5    1 
ATOM   122 C  C6    . G   A 1 6  ? 3.038   1.579   6.021   1.00 43.55 ? 6   G   A C6    1 
ATOM   123 O  O6    . G   A 1 6  ? 2.985   2.266   4.999   1.00 44.37 ? 6   G   A O6    1 
ATOM   124 N  N1    . G   A 1 6  ? 3.356   2.173   7.234   1.00 43.71 ? 6   G   A N1    1 
ATOM   125 C  C2    . G   A 1 6  ? 3.451   1.515   8.431   1.00 44.76 ? 6   G   A C2    1 
ATOM   126 N  N2    . G   A 1 6  ? 3.765   2.248   9.504   1.00 45.97 ? 6   G   A N2    1 
ATOM   127 N  N3    . G   A 1 6  ? 3.246   0.220   8.572   1.00 45.18 ? 6   G   A N3    1 
ATOM   128 C  C4    . G   A 1 6  ? 2.944   -0.368  7.397   1.00 44.37 ? 6   G   A C4    1 
ATOM   129 P  P     . C   A 1 7  ? 2.695   -4.753  11.880  1.00 52.99 ? 7   C   A P     1 
ATOM   130 O  OP1   . C   A 1 7  ? 3.291   -6.105  11.742  1.00 52.99 ? 7   C   A OP1   1 
ATOM   131 O  OP2   . C   A 1 7  ? 1.778   -4.444  13.010  1.00 51.88 ? 7   C   A OP2   1 
ATOM   132 O  "O5'" . C   A 1 7  ? 3.868   -3.660  11.886  1.00 52.26 ? 7   C   A "O5'" 1 
ATOM   133 C  "C5'" . C   A 1 7  ? 5.195   -4.039  12.248  1.00 51.64 ? 7   C   A "C5'" 1 
ATOM   134 C  "C4'" . C   A 1 7  ? 6.072   -2.833  12.532  1.00 50.81 ? 7   C   A "C4'" 1 
ATOM   135 O  "O4'" . C   A 1 7  ? 6.702   -2.394  11.299  1.00 49.41 ? 7   C   A "O4'" 1 
ATOM   136 C  "C3'" . C   A 1 7  ? 5.352   -1.596  13.068  1.00 50.99 ? 7   C   A "C3'" 1 
ATOM   137 O  "O3'" . C   A 1 7  ? 6.208   -0.884  13.944  1.00 53.11 ? 7   C   A "O3'" 1 
ATOM   138 C  "C2'" . C   A 1 7  ? 5.090   -0.797  11.801  1.00 49.80 ? 7   C   A "C2'" 1 
ATOM   139 O  "O2'" . C   A 1 7  ? 4.846   0.576   12.029  1.00 48.94 ? 7   C   A "O2'" 1 
ATOM   140 C  "C1'" . C   A 1 7  ? 6.421   -1.018  11.105  1.00 48.54 ? 7   C   A "C1'" 1 
ATOM   141 N  N1    . C   A 1 7  ? 6.434   -0.676  9.652   1.00 46.38 ? 7   C   A N1    1 
ATOM   142 C  C2    . C   A 1 7  ? 6.500   0.661   9.264   1.00 45.12 ? 7   C   A C2    1 
ATOM   143 O  O2    . C   A 1 7  ? 6.528   1.544   10.127  1.00 45.38 ? 7   C   A O2    1 
ATOM   144 N  N3    . C   A 1 7  ? 6.520   0.955   7.945   1.00 43.89 ? 7   C   A N3    1 
ATOM   145 C  C4    . C   A 1 7  ? 6.479   -0.013  7.038   1.00 43.16 ? 7   C   A C4    1 
ATOM   146 N  N4    . C   A 1 7  ? 6.504   0.334   5.755   1.00 42.33 ? 7   C   A N4    1 
ATOM   147 C  C5    . C   A 1 7  ? 6.412   -1.375  7.406   1.00 43.99 ? 7   C   A C5    1 
ATOM   148 C  C6    . C   A 1 7  ? 6.399   -1.660  8.709   1.00 45.32 ? 7   C   A C6    1 
ATOM   149 P  P     . A   A 1 8  ? 6.091   -0.965  15.528  1.00 53.70 ? 8   A   A P     1 
ATOM   150 O  OP1   . A   A 1 8  ? 7.282   -0.316  16.138  1.00 53.66 ? 8   A   A OP1   1 
ATOM   151 O  OP2   . A   A 1 8  ? 5.711   -2.355  15.884  1.00 52.90 ? 8   A   A OP2   1 
ATOM   152 O  "O5'" . A   A 1 8  ? 4.835   -0.034  15.729  1.00 53.27 ? 8   A   A "O5'" 1 
ATOM   153 C  "C5'" . A   A 1 8  ? 3.687   -0.653  16.082  1.00 53.58 ? 8   A   A "C5'" 1 
ATOM   154 C  "C4'" . A   A 1 8  ? 2.473   0.098   15.649  1.00 53.79 ? 8   A   A "C4'" 1 
ATOM   155 O  "O4'" . A   A 1 8  ? 2.413   0.311   14.203  1.00 54.57 ? 8   A   A "O4'" 1 
ATOM   156 C  "C3'" . A   A 1 8  ? 1.260   -0.722  16.001  1.00 53.98 ? 8   A   A "C3'" 1 
ATOM   157 O  "O3'" . A   A 1 8  ? 0.389   0.051   16.775  1.00 54.31 ? 8   A   A "O3'" 1 
ATOM   158 C  "C2'" . A   A 1 8  ? 0.723   -1.159  14.635  1.00 54.20 ? 8   A   A "C2'" 1 
ATOM   159 O  "O2'" . A   A 1 8  ? -0.657  -1.499  14.645  1.00 53.65 ? 8   A   A "O2'" 1 
ATOM   160 C  "C1'" . A   A 1 8  ? 1.071   0.076   13.813  1.00 55.05 ? 8   A   A "C1'" 1 
ATOM   161 N  N9    . A   A 1 8  ? 0.916   -0.068  12.345  1.00 56.54 ? 8   A   A N9    1 
ATOM   162 C  C8    . A   A 1 8  ? 0.850   -1.232  11.615  1.00 57.21 ? 8   A   A C8    1 
ATOM   163 N  N7    . A   A 1 8  ? 0.666   -1.049  10.325  1.00 57.19 ? 8   A   A N7    1 
ATOM   164 C  C5    . A   A 1 8  ? 0.596   0.324   10.190  1.00 57.14 ? 8   A   A C5    1 
ATOM   165 C  C6    . A   A 1 8  ? 0.408   1.160   9.067   1.00 57.22 ? 8   A   A C6    1 
ATOM   166 N  N6    . A   A 1 8  ? 0.254   0.698   7.827   1.00 56.23 ? 8   A   A N6    1 
ATOM   167 N  N1    . A   A 1 8  ? 0.390   2.496   9.269   1.00 57.97 ? 8   A   A N1    1 
ATOM   168 C  C2    . A   A 1 8  ? 0.545   2.960   10.516  1.00 58.32 ? 8   A   A C2    1 
ATOM   169 N  N3    . A   A 1 8  ? 0.718   2.271   11.651  1.00 58.06 ? 8   A   A N3    1 
ATOM   170 C  C4    . A   A 1 8  ? 0.737   0.947   11.419  1.00 57.15 ? 8   A   A C4    1 
ATOM   171 P  P     . U   A 1 9  ? 0.706   0.265   18.337  1.00 53.20 ? 9   U   A P     1 
ATOM   172 O  OP1   . U   A 1 9  ? 1.464   1.535   18.450  1.00 53.35 ? 9   U   A OP1   1 
ATOM   173 O  OP2   . U   A 1 9  ? 1.237   -0.986  18.935  1.00 52.32 ? 9   U   A OP2   1 
ATOM   174 O  "O5'" . U   A 1 9  ? -0.777  0.469   18.883  1.00 51.76 ? 9   U   A "O5'" 1 
ATOM   175 C  "C5'" . U   A 1 9  ? -1.829  -0.219  18.229  1.00 51.35 ? 9   U   A "C5'" 1 
ATOM   176 C  "C4'" . U   A 1 9  ? -1.869  -1.679  18.650  1.00 50.55 ? 9   U   A "C4'" 1 
ATOM   177 O  "O4'" . U   A 1 9  ? -2.280  -1.765  20.035  1.00 49.66 ? 9   U   A "O4'" 1 
ATOM   178 C  "C3'" . U   A 1 9  ? -2.882  -2.514  17.873  1.00 50.34 ? 9   U   A "C3'" 1 
ATOM   179 O  "O3'" . U   A 1 9  ? -2.456  -3.891  17.752  1.00 49.49 ? 9   U   A "O3'" 1 
ATOM   180 C  "C2'" . U   A 1 9  ? -4.174  -2.348  18.693  1.00 49.62 ? 9   U   A "C2'" 1 
ATOM   181 O  "O2'" . U   A 1 9  ? -4.949  -3.524  18.755  1.00 49.98 ? 9   U   A "O2'" 1 
ATOM   182 C  "C1'" . U   A 1 9  ? -3.691  -1.953  20.097  1.00 48.86 ? 9   U   A "C1'" 1 
ATOM   183 N  N1    . U   A 1 9  ? -4.394  -0.705  20.610  1.00 47.06 ? 9   U   A N1    1 
ATOM   184 C  C2    . U   A 1 9  ? -5.710  -0.806  21.054  1.00 46.53 ? 9   U   A C2    1 
ATOM   185 O  O2    . U   A 1 9  ? -6.353  -1.847  21.069  1.00 46.00 ? 9   U   A O2    1 
ATOM   186 N  N3    . U   A 1 9  ? -6.272  0.366   21.483  1.00 46.02 ? 9   U   A N3    1 
ATOM   187 C  C4    . U   A 1 9  ? -5.662  1.608   21.538  1.00 46.17 ? 9   U   A C4    1 
ATOM   188 O  O4    . U   A 1 9  ? -6.293  2.573   21.966  1.00 45.98 ? 9   U   A O4    1 
ATOM   189 C  C5    . U   A 1 9  ? -4.301  1.644   21.063  1.00 46.33 ? 9   U   A C5    1 
ATOM   190 C  C6    . U   A 1 9  ? -3.727  0.513   20.634  1.00 46.53 ? 9   U   A C6    1 
ATOM   191 P  P     . U   A 1 10 ? -2.876  -4.898  16.567  1.00 48.00 ? 10  U   A P     1 
ATOM   192 O  OP1   . U   A 1 10 ? -3.377  -6.140  17.189  1.00 47.87 ? 10  U   A OP1   1 
ATOM   193 O  OP2   . U   A 1 10 ? -1.676  -4.977  15.713  1.00 50.00 ? 10  U   A OP2   1 
ATOM   194 O  "O5'" . U   A 1 10 ? -4.099  -4.271  15.711  1.00 48.08 ? 10  U   A "O5'" 1 
ATOM   195 C  "C5'" . U   A 1 10 ? -3.953  -3.110  14.861  1.00 47.73 ? 10  U   A "C5'" 1 
ATOM   196 C  "C4'" . U   A 1 10 ? -4.620  -3.291  13.498  1.00 46.99 ? 10  U   A "C4'" 1 
ATOM   197 O  "O4'" . U   A 1 10 ? -3.867  -4.262  12.717  1.00 46.95 ? 10  U   A "O4'" 1 
ATOM   198 C  "C3'" . U   A 1 10 ? -6.077  -3.782  13.522  1.00 45.80 ? 10  U   A "C3'" 1 
ATOM   199 O  "O3'" . U   A 1 10 ? -6.943  -2.911  12.781  1.00 45.68 ? 10  U   A "O3'" 1 
ATOM   200 C  "C2'" . U   A 1 10 ? -6.023  -5.166  12.874  1.00 45.44 ? 10  U   A "C2'" 1 
ATOM   201 O  "O2'" . U   A 1 10 ? -7.152  -5.470  12.082  1.00 42.83 ? 10  U   A "O2'" 1 
ATOM   202 C  "C1'" . U   A 1 10 ? -4.776  -5.081  12.004  1.00 46.40 ? 10  U   A "C1'" 1 
ATOM   203 N  N1    . U   A 1 10 ? -4.151  -6.415  11.761  1.00 46.23 ? 10  U   A N1    1 
ATOM   204 C  C2    . U   A 1 10 ? -4.277  -7.049  10.526  1.00 45.95 ? 10  U   A C2    1 
ATOM   205 O  O2    . U   A 1 10 ? -4.878  -6.588  9.556   1.00 44.39 ? 10  U   A O2    1 
ATOM   206 N  N3    . U   A 1 10 ? -3.645  -8.271  10.463  1.00 46.72 ? 10  U   A N3    1 
ATOM   207 C  C4    . U   A 1 10 ? -2.942  -8.911  11.475  1.00 46.75 ? 10  U   A C4    1 
ATOM   208 O  O4    . U   A 1 10 ? -2.436  -10.011 11.271  1.00 47.45 ? 10  U   A O4    1 
ATOM   209 C  C5    . U   A 1 10 ? -2.867  -8.192  12.715  1.00 46.27 ? 10  U   A C5    1 
ATOM   210 C  C6    . U   A 1 10 ? -3.459  -7.003  12.807  1.00 45.77 ? 10  U   A C6    1 
ATOM   211 P  P     . U   A 1 11 ? -7.632  -1.571  13.350  1.00 45.61 ? 11  U   A P     1 
ATOM   212 O  OP1   . U   A 1 11 ? -7.384  -1.417  14.797  1.00 45.74 ? 11  U   A OP1   1 
ATOM   213 O  OP2   . U   A 1 11 ? -9.014  -1.556  12.819  1.00 44.12 ? 11  U   A OP2   1 
ATOM   214 O  "O5'" . U   A 1 11 ? -6.759  -0.455  12.613  1.00 45.82 ? 11  U   A "O5'" 1 
ATOM   215 C  "C5'" . U   A 1 11 ? -7.317  0.765   12.190  1.00 44.87 ? 11  U   A "C5'" 1 
ATOM   216 C  "C4'" . U   A 1 11 ? -6.451  1.397   11.108  1.00 44.40 ? 11  U   A "C4'" 1 
ATOM   217 O  "O4'" . U   A 1 11 ? -5.705  0.365   10.389  1.00 43.34 ? 11  U   A "O4'" 1 
ATOM   218 C  "C3'" . U   A 1 11 ? -7.257  2.130   10.044  1.00 43.94 ? 11  U   A "C3'" 1 
ATOM   219 O  "O3'" . U   A 1 11 ? -6.514  3.219   9.465   1.00 43.11 ? 11  U   A "O3'" 1 
ATOM   220 C  "C2'" . U   A 1 11 ? -7.524  0.995   9.073   1.00 43.75 ? 11  U   A "C2'" 1 
ATOM   221 O  "O2'" . U   A 1 11 ? -7.901  1.423   7.787   1.00 44.89 ? 11  U   A "O2'" 1 
ATOM   222 C  "C1'" . U   A 1 11 ? -6.167  0.307   9.054   1.00 43.08 ? 11  U   A "C1'" 1 
ATOM   223 N  N1    . U   A 1 11 ? -6.195  -1.215  8.594   1.00 42.27 ? 11  U   A N1    1 
ATOM   224 C  C2    . U   A 1 11 ? -6.154  -1.419  7.236   1.00 41.84 ? 11  U   A C2    1 
ATOM   225 O  O2    . U   A 1 11 ? -6.024  -0.525  6.441   1.00 42.93 ? 11  U   A O2    1 
ATOM   226 N  N3    . U   A 1 11 ? -6.246  -2.723  6.824   1.00 41.42 ? 11  U   A N3    1 
ATOM   227 C  C4    . U   A 1 11 ? -6.407  -3.841  7.615   1.00 40.26 ? 11  U   A C4    1 
ATOM   228 O  O4    . U   A 1 11 ? -6.439  -5.018  7.049   1.00 37.31 ? 11  U   A O4    1 
ATOM   229 C  C5    . U   A 1 11 ? -6.461  -3.561  9.032   1.00 41.17 ? 11  U   A C5    1 
ATOM   230 C  C6    . U   A 1 11 ? -6.360  -2.284  9.459   1.00 42.00 ? 11  U   A C6    1 
ATOM   231 P  P     . G   A 1 12 ? -6.613  4.714   10.055  1.00 42.81 ? 12  G   A P     1 
ATOM   232 O  OP1   . G   A 1 12 ? -7.855  4.820   10.848  1.00 42.66 ? 12  G   A OP1   1 
ATOM   233 O  OP2   . G   A 1 12 ? -6.352  5.676   8.959   1.00 42.39 ? 12  G   A OP2   1 
ATOM   234 O  "O5'" . G   A 1 12 ? -5.384  4.776   11.061  1.00 42.40 ? 12  G   A "O5'" 1 
ATOM   235 C  "C5'" . G   A 1 12 ? -5.561  4.661   12.454  1.00 42.42 ? 12  G   A "C5'" 1 
ATOM   236 C  "C4'" . G   A 1 12 ? -4.235  4.373   13.132  1.00 42.60 ? 12  G   A "C4'" 1 
ATOM   237 O  "O4'" . G   A 1 12 ? -3.640  3.190   12.543  1.00 42.49 ? 12  G   A "O4'" 1 
ATOM   238 C  "C3'" . G   A 1 12 ? -3.166  5.439   12.974  1.00 42.63 ? 12  G   A "C3'" 1 
ATOM   239 O  "O3'" . G   A 1 12 ? -2.204  5.300   14.007  1.00 43.46 ? 12  G   A "O3'" 1 
ATOM   240 C  "C2'" . G   A 1 12 ? -2.580  5.086   11.614  1.00 42.34 ? 12  G   A "C2'" 1 
ATOM   241 O  "O2'" . G   A 1 12 ? -1.288  5.609   11.395  1.00 42.09 ? 12  G   A "O2'" 1 
ATOM   242 C  "C1'" . G   A 1 12 ? -2.545  3.562   11.714  1.00 42.35 ? 12  G   A "C1'" 1 
ATOM   243 N  N9    . G   A 1 12 ? -2.698  2.834   10.462  1.00 42.18 ? 12  G   A N9    1 
ATOM   244 C  C8    . G   A 1 12 ? -2.924  3.327   9.201   1.00 41.90 ? 12  G   A C8    1 
ATOM   245 N  N7    . G   A 1 12 ? -3.031  2.395   8.300   1.00 42.16 ? 12  G   A N7    1 
ATOM   246 C  C5    . G   A 1 12 ? -2.869  1.216   9.011   1.00 41.96 ? 12  G   A C5    1 
ATOM   247 C  C6    . G   A 1 12 ? -2.884  -0.127  8.577   1.00 42.31 ? 12  G   A C6    1 
ATOM   248 O  O6    . G   A 1 12 ? -3.055  -0.567  7.442   1.00 42.41 ? 12  G   A O6    1 
ATOM   249 N  N1    . G   A 1 12 ? -2.676  -1.017  9.619   1.00 43.26 ? 12  G   A N1    1 
ATOM   250 C  C2    . G   A 1 12 ? -2.480  -0.662  10.932  1.00 43.09 ? 12  G   A C2    1 
ATOM   251 N  N2    . G   A 1 12 ? -2.307  -1.665  11.808  1.00 42.95 ? 12  G   A N2    1 
ATOM   252 N  N3    . G   A 1 12 ? -2.461  0.594   11.350  1.00 42.97 ? 12  G   A N3    1 
ATOM   253 C  C4    . G   A 1 12 ? -2.665  1.474   10.338  1.00 42.23 ? 12  G   A C4    1 
ATOM   254 P  P     . G   A 1 13 ? -1.753  6.458   15.005  1.00 43.01 ? 13  G   A P     1 
ATOM   255 O  OP1   . G   A 1 13 ? -1.006  5.763   16.070  1.00 43.74 ? 13  G   A OP1   1 
ATOM   256 O  OP2   . G   A 1 13 ? -2.939  7.281   15.343  1.00 43.42 ? 13  G   A OP2   1 
ATOM   257 O  "O5'" . G   A 1 13 ? -0.720  7.338   14.160  1.00 42.50 ? 13  G   A "O5'" 1 
ATOM   258 C  "C5'" . G   A 1 13 ? 0.584   6.846   13.925  1.00 42.59 ? 13  G   A "C5'" 1 
ATOM   259 C  "C4'" . G   A 1 13 ? 1.479   7.932   13.372  1.00 43.47 ? 13  G   A "C4'" 1 
ATOM   260 O  "O4'" . G   A 1 13 ? 2.770   7.362   13.054  1.00 43.58 ? 13  G   A "O4'" 1 
ATOM   261 C  "C3'" . G   A 1 13 ? 1.018   8.554   12.066  1.00 44.25 ? 13  G   A "C3'" 1 
ATOM   262 O  "O3'" . G   A 1 13 ? 0.050   9.569   12.267  1.00 44.64 ? 13  G   A "O3'" 1 
ATOM   263 C  "C2'" . G   A 1 13 ? 2.325   9.082   11.504  1.00 44.43 ? 13  G   A "C2'" 1 
ATOM   264 O  "O2'" . G   A 1 13 ? 2.778   10.277  12.098  1.00 44.28 ? 13  G   A "O2'" 1 
ATOM   265 C  "C1'" . G   A 1 13 ? 3.247   7.922   11.843  1.00 44.44 ? 13  G   A "C1'" 1 
ATOM   266 N  N9    . G   A 1 13 ? 3.266   6.902   10.800  1.00 45.24 ? 13  G   A N9    1 
ATOM   267 C  C8    . G   A 1 13 ? 3.106   5.543   10.931  1.00 45.38 ? 13  G   A C8    1 
ATOM   268 N  N7    . G   A 1 13 ? 3.191   4.905   9.795   1.00 45.55 ? 13  G   A N7    1 
ATOM   269 C  C5    . G   A 1 13 ? 3.424   5.902   8.862   1.00 45.46 ? 13  G   A C5    1 
ATOM   270 C  C6    . G   A 1 13 ? 3.600   5.827   7.466   1.00 46.12 ? 13  G   A C6    1 
ATOM   271 O  O6    . G   A 1 13 ? 3.590   4.827   6.744   1.00 45.93 ? 13  G   A O6    1 
ATOM   272 N  N1    . G   A 1 13 ? 3.803   7.081   6.895   1.00 47.01 ? 13  G   A N1    1 
ATOM   273 C  C2    . G   A 1 13 ? 3.832   8.270   7.587   1.00 46.58 ? 13  G   A C2    1 
ATOM   274 N  N2    . G   A 1 13 ? 4.036   9.389   6.866   1.00 45.72 ? 13  G   A N2    1 
ATOM   275 N  N3    . G   A 1 13 ? 3.669   8.348   8.900   1.00 46.11 ? 13  G   A N3    1 
ATOM   276 C  C4    . G   A 1 13 ? 3.470   7.132   9.466   1.00 45.41 ? 13  G   A C4    1 
ATOM   277 P  P     . A   A 1 14 ? -1.378  9.428   11.565  1.00 46.50 ? 14  A   A P     1 
ATOM   278 O  OP1   . A   A 1 14 ? -2.384  10.003  12.482  1.00 46.59 ? 14  A   A OP1   1 
ATOM   279 O  OP2   . A   A 1 14 ? -1.534  8.025   11.145  1.00 46.46 ? 14  A   A OP2   1 
ATOM   280 O  "O5'" . A   A 1 14 ? -1.276  10.330  10.223  1.00 46.69 ? 14  A   A "O5'" 1 
ATOM   281 C  "C5'" . A   A 1 14 ? -0.558  11.586  10.204  1.00 46.33 ? 14  A   A "C5'" 1 
ATOM   282 C  "C4'" . A   A 1 14 ? -0.173  12.036  8.792   1.00 46.52 ? 14  A   A "C4'" 1 
ATOM   283 O  "O4'" . A   A 1 14 ? 1.038   11.338  8.371   1.00 46.51 ? 14  A   A "O4'" 1 
ATOM   284 C  "C3'" . A   A 1 14 ? -1.179  11.765  7.669   1.00 46.41 ? 14  A   A "C3'" 1 
ATOM   285 O  "O3'" . A   A 1 14 ? -2.191  12.762  7.580   1.00 46.48 ? 14  A   A "O3'" 1 
ATOM   286 C  "C2'" . A   A 1 14 ? -0.278  11.770  6.442   1.00 46.21 ? 14  A   A "C2'" 1 
ATOM   287 O  "O2'" . A   A 1 14 ? 0.041   13.067  5.978   1.00 45.29 ? 14  A   A "O2'" 1 
ATOM   288 C  "C1'" . A   A 1 14 ? 0.950   11.029  6.981   1.00 46.31 ? 14  A   A "C1'" 1 
ATOM   289 N  N9    . A   A 1 14 ? 0.818   9.586   6.792   1.00 45.44 ? 14  A   A N9    1 
ATOM   290 C  C8    . A   A 1 14 ? 0.524   8.634   7.728   1.00 45.20 ? 14  A   A C8    1 
ATOM   291 N  N7    . A   A 1 14 ? 0.437   7.418   7.243   1.00 44.87 ? 14  A   A N7    1 
ATOM   292 C  C5    . A   A 1 14 ? 0.671   7.588   5.899   1.00 45.61 ? 14  A   A C5    1 
ATOM   293 C  C6    . A   A 1 14 ? 0.712   6.683   4.823   1.00 45.66 ? 14  A   A C6    1 
ATOM   294 N  N6    . A   A 1 14 ? 0.515   5.379   4.967   1.00 46.06 ? 14  A   A N6    1 
ATOM   295 N  N1    . A   A 1 14 ? 0.962   7.181   3.591   1.00 45.72 ? 14  A   A N1    1 
ATOM   296 C  C2    . A   A 1 14 ? 1.165   8.506   3.455   1.00 45.92 ? 14  A   A C2    1 
ATOM   297 N  N3    . A   A 1 14 ? 1.159   9.457   4.394   1.00 45.59 ? 14  A   A N3    1 
ATOM   298 C  C4    . A   A 1 14 ? 0.901   8.923   5.602   1.00 45.64 ? 14  A   A C4    1 
ATOM   299 P  P     . C   A 1 15 ? -3.651  12.417  7.006   1.00 47.41 ? 15  C   A P     1 
ATOM   300 O  OP1   . C   A 1 15 ? -4.545  13.548  7.351   1.00 47.16 ? 15  C   A OP1   1 
ATOM   301 O  OP2   . C   A 1 15 ? -3.996  11.054  7.473   1.00 46.72 ? 15  C   A OP2   1 
ATOM   302 O  "O5'" . C   A 1 15 ? -3.512  12.352  5.403   1.00 47.06 ? 15  C   A "O5'" 1 
ATOM   303 C  "C5'" . C   A 1 15 ? -3.052  13.461  4.621   1.00 46.18 ? 15  C   A "C5'" 1 
ATOM   304 C  "C4'" . C   A 1 15 ? -2.785  13.037  3.179   1.00 46.12 ? 15  C   A "C4'" 1 
ATOM   305 O  "O4'" . C   A 1 15 ? -1.758  12.003  3.137   1.00 46.53 ? 15  C   A "O4'" 1 
ATOM   306 C  "C3'" . C   A 1 15 ? -3.954  12.403  2.445   1.00 46.04 ? 15  C   A "C3'" 1 
ATOM   307 O  "O3'" . C   A 1 15 ? -4.820  13.371  1.925   1.00 48.08 ? 15  C   A "O3'" 1 
ATOM   308 C  "C2'" . C   A 1 15 ? -3.256  11.631  1.337   1.00 45.24 ? 15  C   A "C2'" 1 
ATOM   309 O  "O2'" . C   A 1 15 ? -2.905  12.440  0.236   1.00 44.04 ? 15  C   A "O2'" 1 
ATOM   310 C  "C1'" . C   A 1 15 ? -2.011  11.112  2.049   1.00 44.97 ? 15  C   A "C1'" 1 
ATOM   311 N  N1    . C   A 1 15 ? -2.158  9.688   2.546   1.00 43.24 ? 15  C   A N1    1 
ATOM   312 C  C2    . C   A 1 15 ? -2.107  8.627   1.625   1.00 43.21 ? 15  C   A C2    1 
ATOM   313 O  O2    . C   A 1 15 ? -1.946  8.867   0.422   1.00 42.54 ? 15  C   A O2    1 
ATOM   314 N  N3    . C   A 1 15 ? -2.232  7.350   2.080   1.00 43.09 ? 15  C   A N3    1 
ATOM   315 C  C4    . C   A 1 15 ? -2.405  7.114   3.379   1.00 41.81 ? 15  C   A C4    1 
ATOM   316 N  N4    . C   A 1 15 ? -2.525  5.846   3.770   1.00 40.52 ? 15  C   A N4    1 
ATOM   317 C  C5    . C   A 1 15 ? -2.466  8.173   4.329   1.00 41.86 ? 15  C   A C5    1 
ATOM   318 C  C6    . C   A 1 15 ? -2.338  9.428   3.876   1.00 42.00 ? 15  C   A C6    1 
ATOM   319 P  P     . U   A 1 16 ? -6.389  13.363  2.241   1.00 49.44 ? 16  U   A P     1 
ATOM   320 O  OP1   . U   A 1 16 ? -6.949  14.486  1.455   1.00 49.72 ? 16  U   A OP1   1 
ATOM   321 O  OP2   . U   A 1 16 ? -6.532  13.331  3.722   1.00 48.99 ? 16  U   A OP2   1 
ATOM   322 O  "O5'" . U   A 1 16 ? -6.950  11.992  1.640   1.00 49.70 ? 16  U   A "O5'" 1 
ATOM   323 C  "C5'" . U   A 1 16 ? -6.693  11.650  0.296   1.00 51.81 ? 16  U   A "C5'" 1 
ATOM   324 C  "C4'" . U   A 1 16 ? -6.985  10.183  0.049   1.00 53.44 ? 16  U   A "C4'" 1 
ATOM   325 O  "O4'" . U   A 1 16 ? -6.205  9.369   0.970   1.00 54.20 ? 16  U   A "O4'" 1 
ATOM   326 C  "C3'" . U   A 1 16 ? -8.443  9.772   0.257   1.00 54.03 ? 16  U   A "C3'" 1 
ATOM   327 O  "O3'" . U   A 1 16 ? -8.780  8.764   -0.666  1.00 54.88 ? 16  U   A "O3'" 1 
ATOM   328 C  "C2'" . U   A 1 16 ? -8.453  9.298   1.700   1.00 54.32 ? 16  U   A "C2'" 1 
ATOM   329 O  "O2'" . U   A 1 16 ? -9.502  8.385   1.959   1.00 54.64 ? 16  U   A "O2'" 1 
ATOM   330 C  "C1'" . U   A 1 16 ? -7.067  8.635   1.820   1.00 54.36 ? 16  U   A "C1'" 1 
ATOM   331 N  N1    . U   A 1 16 ? -6.458  8.624   3.218   1.00 53.62 ? 16  U   A N1    1 
ATOM   332 C  C2    . U   A 1 16 ? -6.021  7.427   3.788   1.00 53.49 ? 16  U   A C2    1 
ATOM   333 O  O2    . U   A 1 16 ? -6.101  6.337   3.241   1.00 53.10 ? 16  U   A O2    1 
ATOM   334 N  N3    . U   A 1 16 ? -5.489  7.550   5.054   1.00 53.09 ? 16  U   A N3    1 
ATOM   335 C  C4    . U   A 1 16 ? -5.342  8.710   5.794   1.00 52.70 ? 16  U   A C4    1 
ATOM   336 O  O4    . U   A 1 16 ? -4.840  8.659   6.907   1.00 50.19 ? 16  U   A O4    1 
ATOM   337 C  C5    . U   A 1 16 ? -5.803  9.908   5.138   1.00 53.29 ? 16  U   A C5    1 
ATOM   338 C  C6    . U   A 1 16 ? -6.326  9.818   3.903   1.00 53.21 ? 16  U   A C6    1 
ATOM   339 P  P     . U   A 1 17 ? -10.084 8.769   -1.625  1.00 58.12 ? 17  U   A P     1 
ATOM   340 O  OP1   . U   A 1 17 ? -10.185 10.118  -2.233  1.00 58.09 ? 17  U   A OP1   1 
ATOM   341 O  OP2   . U   A 1 17 ? -11.177 8.240   -0.770  1.00 57.43 ? 17  U   A OP2   1 
ATOM   342 O  "O5'" . U   A 1 17 ? -9.774  7.729   -2.802  1.00 55.73 ? 17  U   A "O5'" 1 
ATOM   343 C  "C5'" . U   A 1 17 ? -8.931  8.130   -3.862  1.00 55.73 ? 17  U   A "C5'" 1 
ATOM   344 C  "C4'" . U   A 1 17 ? -8.291  6.938   -4.560  1.00 56.00 ? 17  U   A "C4'" 1 
ATOM   345 O  "O4'" . U   A 1 17 ? -7.706  6.047   -3.575  1.00 55.47 ? 17  U   A "O4'" 1 
ATOM   346 C  "C3'" . U   A 1 17 ? -9.247  6.057   -5.367  1.00 56.63 ? 17  U   A "C3'" 1 
ATOM   347 O  "O3'" . U   A 1 17 ? -8.584  5.445   -6.477  1.00 57.68 ? 17  U   A "O3'" 1 
ATOM   348 C  "C2'" . U   A 1 17 ? -9.693  5.038   -4.326  1.00 56.03 ? 17  U   A "C2'" 1 
ATOM   349 O  "O2'" . U   A 1 17 ? -10.233 3.854   -4.884  1.00 56.93 ? 17  U   A "O2'" 1 
ATOM   350 C  "C1'" . U   A 1 17 ? -8.363  4.785   -3.626  1.00 54.45 ? 17  U   A "C1'" 1 
ATOM   351 N  N1    . U   A 1 17 ? -8.489  4.228   -2.240  1.00 50.41 ? 17  U   A N1    1 
ATOM   352 C  C2    . U   A 1 17 ? -8.148  2.909   -1.995  1.00 48.76 ? 17  U   A C2    1 
ATOM   353 O  O2    . U   A 1 17 ? -7.742  2.147   -2.848  1.00 46.32 ? 17  U   A O2    1 
ATOM   354 N  N3    . U   A 1 17 ? -8.295  2.507   -0.693  1.00 48.67 ? 17  U   A N3    1 
ATOM   355 C  C4    . U   A 1 17 ? -8.733  3.272   0.364   1.00 49.02 ? 17  U   A C4    1 
ATOM   356 O  O4    . U   A 1 17 ? -8.815  2.771   1.480   1.00 50.21 ? 17  U   A O4    1 
ATOM   357 C  C5    . U   A 1 17 ? -9.070  4.634   0.035   1.00 48.99 ? 17  U   A C5    1 
ATOM   358 C  C6    . U   A 1 17 ? -8.938  5.045   -1.228  1.00 49.40 ? 17  U   A C6    1 
ATOM   359 P  P     . C   A 1 18 ? -8.187  6.383   -7.751  1.00 56.21 ? 18  C   A P     1 
ATOM   360 O  OP1   . C   A 1 18 ? -9.208  7.457   -7.863  1.00 55.40 ? 18  C   A OP1   1 
ATOM   361 O  OP2   . C   A 1 18 ? -7.841  5.523   -8.928  1.00 54.09 ? 18  C   A OP2   1 
ATOM   362 O  "O5'" . C   A 1 18 ? -6.825  7.026   -7.226  1.00 55.11 ? 18  C   A "O5'" 1 
ATOM   363 C  "C5'" . C   A 1 18 ? -5.614  6.293   -7.392  1.00 53.89 ? 18  C   A "C5'" 1 
ATOM   364 C  "C4'" . C   A 1 18 ? -4.479  6.883   -6.577  1.00 52.42 ? 18  C   A "C4'" 1 
ATOM   365 O  "O4'" . C   A 1 18 ? -4.941  7.272   -5.259  1.00 51.14 ? 18  C   A "O4'" 1 
ATOM   366 C  "C3'" . C   A 1 18 ? -3.343  5.918   -6.335  1.00 51.68 ? 18  C   A "C3'" 1 
ATOM   367 O  "O3'" . C   A 1 18 ? -2.426  5.960   -7.412  1.00 51.92 ? 18  C   A "O3'" 1 
ATOM   368 C  "C2'" . C   A 1 18 ? -2.732  6.408   -5.022  1.00 51.19 ? 18  C   A "C2'" 1 
ATOM   369 O  "O2'" . C   A 1 18 ? -1.610  7.245   -5.224  1.00 53.09 ? 18  C   A "O2'" 1 
ATOM   370 C  "C1'" . C   A 1 18 ? -3.884  7.165   -4.332  1.00 49.98 ? 18  C   A "C1'" 1 
ATOM   371 N  N1    . C   A 1 18 ? -4.408  6.494   -3.069  1.00 48.46 ? 18  C   A N1    1 
ATOM   372 C  C2    . C   A 1 18 ? -4.694  5.115   -3.039  1.00 46.82 ? 18  C   A C2    1 
ATOM   373 O  O2    . C   A 1 18 ? -4.530  4.423   -4.038  1.00 46.71 ? 18  C   A O2    1 
ATOM   374 N  N3    . C   A 1 18 ? -5.148  4.562   -1.897  1.00 46.15 ? 18  C   A N3    1 
ATOM   375 C  C4    . C   A 1 18 ? -5.331  5.304   -0.810  1.00 46.86 ? 18  C   A C4    1 
ATOM   376 N  N4    . C   A 1 18 ? -5.787  4.690   0.289   1.00 45.93 ? 18  C   A N4    1 
ATOM   377 C  C5    . C   A 1 18 ? -5.057  6.706   -0.806  1.00 47.42 ? 18  C   A C5    1 
ATOM   378 C  C6    . C   A 1 18 ? -4.600  7.250   -1.943  1.00 47.91 ? 18  C   A C6    1 
ATOM   379 P  P     . U   A 1 19 ? -2.387  4.793   -8.502  1.00 52.11 ? 19  U   A P     1 
ATOM   380 O  OP1   . U   A 1 19 ? -1.080  4.823   -9.202  1.00 51.98 ? 19  U   A OP1   1 
ATOM   381 O  OP2   . U   A 1 19 ? -3.625  4.940   -9.273  1.00 52.52 ? 19  U   A OP2   1 
ATOM   382 O  "O5'" . U   A 1 19 ? -2.462  3.422   -7.684  1.00 52.84 ? 19  U   A "O5'" 1 
ATOM   383 C  "C5'" . U   A 1 19 ? -1.628  2.370   -8.126  1.00 53.59 ? 19  U   A "C5'" 1 
ATOM   384 C  "C4'" . U   A 1 19 ? -1.834  1.058   -7.385  1.00 54.27 ? 19  U   A "C4'" 1 
ATOM   385 O  "O4'" . U   A 1 19 ? -3.155  0.951   -6.786  1.00 54.95 ? 19  U   A "O4'" 1 
ATOM   386 C  "C3'" . U   A 1 19 ? -1.707  -0.148  -8.296  1.00 53.81 ? 19  U   A "C3'" 1 
ATOM   387 O  "O3'" . U   A 1 19 ? -0.432  -0.569  -8.290  1.00 53.21 ? 19  U   A "O3'" 1 
ATOM   388 C  "C2'" . U   A 1 19 ? -2.606  -1.191  -7.699  1.00 54.88 ? 19  U   A "C2'" 1 
ATOM   389 O  "O2'" . U   A 1 19 ? -1.935  -1.987  -6.734  1.00 54.55 ? 19  U   A "O2'" 1 
ATOM   390 C  "C1'" . U   A 1 19 ? -3.723  -0.310  -7.121  1.00 55.71 ? 19  U   A "C1'" 1 
ATOM   391 N  N1    . U   A 1 19 ? -4.826  -0.043  -8.090  1.00 56.56 ? 19  U   A N1    1 
ATOM   392 C  C2    . U   A 1 19 ? -5.619  -1.084  -8.567  1.00 56.52 ? 19  U   A C2    1 
ATOM   393 O  O2    . U   A 1 19 ? -5.477  -2.259  -8.257  1.00 53.90 ? 19  U   A O2    1 
ATOM   394 N  N3    . U   A 1 19 ? -6.596  -0.687  -9.447  1.00 57.85 ? 19  U   A N3    1 
ATOM   395 C  C4    . U   A 1 19 ? -6.855  0.606   -9.886  1.00 58.37 ? 19  U   A C4    1 
ATOM   396 O  O4    . U   A 1 19 ? -7.766  0.807   -10.679 1.00 60.11 ? 19  U   A O4    1 
ATOM   397 C  C5    . U   A 1 19 ? -5.995  1.626   -9.348  1.00 57.72 ? 19  U   A C5    1 
ATOM   398 C  C6    . U   A 1 19 ? -5.036  1.270   -8.494  1.00 56.95 ? 19  U   A C6    1 
ATOM   399 P  P     . G   A 1 20 ? 0.161   -0.940  -9.694  1.00 55.27 ? 20  G   A P     1 
ATOM   400 O  OP1   . G   A 1 20 ? 1.648   -0.975  -9.584  1.00 55.05 ? 20  G   A OP1   1 
ATOM   401 O  OP2   . G   A 1 20 ? -0.493  -0.064  -10.690 1.00 55.13 ? 20  G   A OP2   1 
ATOM   402 O  "O5'" . G   A 1 20 ? -0.415  -2.430  -9.809  1.00 56.35 ? 20  G   A "O5'" 1 
ATOM   403 C  "C5'" . G   A 1 20 ? 0.104   -3.446  -8.947  1.00 57.60 ? 20  G   A "C5'" 1 
ATOM   404 C  "C4'" . G   A 1 20 ? -0.657  -4.745  -9.078  1.00 57.80 ? 20  G   A "C4'" 1 
ATOM   405 O  "O4'" . G   A 1 20 ? -2.059  -4.503  -8.821  1.00 58.94 ? 20  G   A "O4'" 1 
ATOM   406 C  "C3'" . G   A 1 20 ? -0.633  -5.370  -10.452 1.00 58.09 ? 20  G   A "C3'" 1 
ATOM   407 O  "O3'" . G   A 1 20 ? 0.524   -6.145  -10.651 1.00 58.02 ? 20  G   A "O3'" 1 
ATOM   408 C  "C2'" . G   A 1 20 ? -1.895  -6.208  -10.438 1.00 58.60 ? 20  G   A "C2'" 1 
ATOM   409 O  "O2'" . G   A 1 20 ? -1.736  -7.427  -9.754  1.00 57.73 ? 20  G   A "O2'" 1 
ATOM   410 C  "C1'" . G   A 1 20 ? -2.849  -5.281  -9.708  1.00 59.46 ? 20  G   A "C1'" 1 
ATOM   411 N  N9    . G   A 1 20 ? -3.622  -4.391  -10.587 1.00 61.41 ? 20  G   A N9    1 
ATOM   412 C  C8    . G   A 1 20 ? -3.396  -3.054  -10.863 1.00 61.99 ? 20  G   A C8    1 
ATOM   413 N  N7    . G   A 1 20 ? -4.275  -2.529  -11.673 1.00 62.26 ? 20  G   A N7    1 
ATOM   414 C  C5    . G   A 1 20 ? -5.146  -3.576  -11.947 1.00 62.43 ? 20  G   A C5    1 
ATOM   415 C  C6    . G   A 1 20 ? -6.302  -3.616  -12.763 1.00 62.18 ? 20  G   A C6    1 
ATOM   416 O  O6    . G   A 1 20 ? -6.806  -2.704  -13.426 1.00 61.48 ? 20  G   A O6    1 
ATOM   417 N  N1    . G   A 1 20 ? -6.884  -4.879  -12.772 1.00 62.61 ? 20  G   A N1    1 
ATOM   418 C  C2    . G   A 1 20 ? -6.418  -5.973  -12.076 1.00 62.59 ? 20  G   A C2    1 
ATOM   419 N  N2    . G   A 1 20 ? -7.116  -7.109  -12.203 1.00 62.28 ? 20  G   A N2    1 
ATOM   420 N  N3    . G   A 1 20 ? -5.341  -5.949  -11.305 1.00 62.59 ? 20  G   A N3    1 
ATOM   421 C  C4    . G   A 1 20 ? -4.757  -4.726  -11.288 1.00 62.32 ? 20  G   A C4    1 
ATOM   422 P  P     . C   A 1 21 ? 1.094   -6.276  -12.145 1.00 58.01 ? 21  C   A P     1 
ATOM   423 O  OP1   . C   A 1 21 ? 2.392   -6.998  -12.109 1.00 58.26 ? 21  C   A OP1   1 
ATOM   424 O  OP2   . C   A 1 21 ? 1.006   -4.939  -12.767 1.00 57.48 ? 21  C   A OP2   1 
ATOM   425 O  "O5'" . C   A 1 21 ? 0.023   -7.202  -12.874 1.00 59.04 ? 21  C   A "O5'" 1 
ATOM   426 C  "C5'" . C   A 1 21 ? -0.044  -8.586  -12.602 1.00 60.44 ? 21  C   A "C5'" 1 
ATOM   427 C  "C4'" . C   A 1 21 ? -1.228  -9.192  -13.319 1.00 61.33 ? 21  C   A "C4'" 1 
ATOM   428 O  "O4'" . C   A 1 21 ? -2.439  -8.503  -12.898 1.00 62.24 ? 21  C   A "O4'" 1 
ATOM   429 C  "C3'" . C   A 1 21 ? -1.219  -9.036  -14.830 1.00 61.72 ? 21  C   A "C3'" 1 
ATOM   430 O  "O3'" . C   A 1 21 ? -0.396  -10.007 -15.474 1.00 62.07 ? 21  C   A "O3'" 1 
ATOM   431 C  "C2'" . C   A 1 21 ? -2.698  -9.195  -15.148 1.00 62.23 ? 21  C   A "C2'" 1 
ATOM   432 O  "O2'" . C   A 1 21 ? -3.116  -10.542 -15.181 1.00 61.79 ? 21  C   A "O2'" 1 
ATOM   433 C  "C1'" . C   A 1 21 ? -3.344  -8.416  -13.995 1.00 63.05 ? 21  C   A "C1'" 1 
ATOM   434 N  N1    . C   A 1 21 ? -3.625  -6.953  -14.355 1.00 64.02 ? 21  C   A N1    1 
ATOM   435 C  C2    . C   A 1 21 ? -4.778  -6.623  -15.094 1.00 64.35 ? 21  C   A C2    1 
ATOM   436 O  O2    . C   A 1 21 ? -5.567  -7.516  -15.424 1.00 63.78 ? 21  C   A O2    1 
ATOM   437 N  N3    . C   A 1 21 ? -5.000  -5.318  -15.422 1.00 64.78 ? 21  C   A N3    1 
ATOM   438 C  C4    . C   A 1 21 ? -4.131  -4.368  -15.062 1.00 64.55 ? 21  C   A C4    1 
ATOM   439 N  N4    . C   A 1 21 ? -4.398  -3.106  -15.410 1.00 63.87 ? 21  C   A N4    1 
ATOM   440 C  C5    . C   A 1 21 ? -2.955  -4.678  -14.320 1.00 64.54 ? 21  C   A C5    1 
ATOM   441 C  C6    . C   A 1 21 ? -2.742  -5.963  -13.998 1.00 64.37 ? 21  C   A C6    1 
ATOM   442 P  P     . C   A 1 22 ? 0.464   -9.607  -16.781 1.00 64.58 ? 22  C   A P     1 
ATOM   443 O  OP1   . C   A 1 22 ? 1.426   -10.698 -17.079 1.00 64.18 ? 22  C   A OP1   1 
ATOM   444 O  OP2   . C   A 1 22 ? 0.980   -8.229  -16.590 1.00 64.30 ? 22  C   A OP2   1 
ATOM   445 O  "O5'" . C   A 1 22 ? -0.605  -9.546  -17.980 1.00 64.63 ? 22  C   A "O5'" 1 
ATOM   446 C  "C5'" . C   A 1 22 ? -1.366  -10.699 -18.347 1.00 64.67 ? 22  C   A "C5'" 1 
ATOM   447 C  "C4'" . C   A 1 22 ? -2.637  -10.325 -19.101 1.00 64.65 ? 22  C   A "C4'" 1 
ATOM   448 O  "O4'" . C   A 1 22 ? -3.491  -9.490  -18.270 1.00 64.62 ? 22  C   A "O4'" 1 
ATOM   449 C  "C3'" . C   A 1 22 ? -2.438  -9.517  -20.377 1.00 64.81 ? 22  C   A "C3'" 1 
ATOM   450 O  "O3'" . C   A 1 22 ? -2.115  -10.352 -21.481 1.00 64.14 ? 22  C   A "O3'" 1 
ATOM   451 C  "C2'" . C   A 1 22 ? -3.799  -8.854  -20.527 1.00 65.09 ? 22  C   A "C2'" 1 
ATOM   452 O  "O2'" . C   A 1 22 ? -4.774  -9.698  -21.106 1.00 65.37 ? 22  C   A "O2'" 1 
ATOM   453 C  "C1'" . C   A 1 22 ? -4.128  -8.508  -19.074 1.00 65.26 ? 22  C   A "C1'" 1 
ATOM   454 N  N1    . C   A 1 22 ? -3.636  -7.136  -18.712 1.00 66.35 ? 22  C   A N1    1 
ATOM   455 C  C2    . C   A 1 22 ? -4.281  -6.022  -19.254 1.00 66.80 ? 22  C   A C2    1 
ATOM   456 O  O2    . C   A 1 22 ? -5.256  -6.191  -19.989 1.00 66.93 ? 22  C   A O2    1 
ATOM   457 N  N3    . C   A 1 22 ? -3.825  -4.780  -18.952 1.00 67.49 ? 22  C   A N3    1 
ATOM   458 C  C4    . C   A 1 22 ? -2.770  -4.627  -18.149 1.00 68.05 ? 22  C   A C4    1 
ATOM   459 N  N4    . C   A 1 22 ? -2.357  -3.383  -17.878 1.00 68.63 ? 22  C   A N4    1 
ATOM   460 C  C5    . C   A 1 22 ? -2.092  -5.746  -17.589 1.00 68.00 ? 22  C   A C5    1 
ATOM   461 C  C6    . C   A 1 22 ? -2.548  -6.966  -17.901 1.00 67.36 ? 22  C   A C6    1 
ATOM   462 O  "O5'" . C   B 2 1  ? -5.749  7.559   -20.932 1.00 65.15 ? 101 C   B "O5'" 1 
ATOM   463 C  "C5'" . C   B 2 1  ? -7.091  7.106   -21.059 1.00 65.29 ? 101 C   B "C5'" 1 
ATOM   464 C  "C4'" . C   B 2 1  ? -7.301  6.245   -22.304 1.00 65.38 ? 101 C   B "C4'" 1 
ATOM   465 O  "O4'" . C   B 2 1  ? -6.030  5.850   -22.903 1.00 65.64 ? 101 C   B "O4'" 1 
ATOM   466 C  "C3'" . C   B 2 1  ? -8.025  4.929   -22.052 1.00 65.40 ? 101 C   B "C3'" 1 
ATOM   467 O  "O3'" . C   B 2 1  ? -9.440  5.112   -22.026 1.00 65.41 ? 101 C   B "O3'" 1 
ATOM   468 C  "C2'" . C   B 2 1  ? -7.547  4.080   -23.224 1.00 65.40 ? 101 C   B "C2'" 1 
ATOM   469 O  "O2'" . C   B 2 1  ? -8.188  4.377   -24.452 1.00 64.52 ? 101 C   B "O2'" 1 
ATOM   470 C  "C1'" . C   B 2 1  ? -6.071  4.467   -23.243 1.00 65.73 ? 101 C   B "C1'" 1 
ATOM   471 N  N1    . C   B 2 1  ? -5.242  3.666   -22.254 1.00 66.07 ? 101 C   B N1    1 
ATOM   472 C  C2    . C   B 2 1  ? -4.994  2.302   -22.493 1.00 66.03 ? 101 C   B C2    1 
ATOM   473 O  O2    . C   B 2 1  ? -5.446  1.770   -23.515 1.00 65.84 ? 101 C   B O2    1 
ATOM   474 N  N3    . C   B 2 1  ? -4.256  1.598   -21.589 1.00 66.42 ? 101 C   B N3    1 
ATOM   475 C  C4    . C   B 2 1  ? -3.782  2.198   -20.487 1.00 67.08 ? 101 C   B C4    1 
ATOM   476 N  N4    . C   B 2 1  ? -3.065  1.469   -19.619 1.00 67.30 ? 101 C   B N4    1 
ATOM   477 C  C5    . C   B 2 1  ? -4.026  3.578   -20.223 1.00 66.93 ? 101 C   B C5    1 
ATOM   478 C  C6    . C   B 2 1  ? -4.752  4.262   -21.118 1.00 66.55 ? 101 C   B C6    1 
ATOM   479 P  P     . G   B 2 2  ? -10.364 4.450   -20.894 1.00 64.89 ? 102 G   B P     1 
ATOM   480 O  OP1   . G   B 2 2  ? -11.657 5.154   -21.003 1.00 65.40 ? 102 G   B OP1   1 
ATOM   481 O  OP2   . G   B 2 2  ? -9.651  4.397   -19.593 1.00 63.78 ? 102 G   B OP2   1 
ATOM   482 O  "O5'" . G   B 2 2  ? -10.566 2.952   -21.416 1.00 65.49 ? 102 G   B "O5'" 1 
ATOM   483 C  "C5'" . G   B 2 2  ? -11.033 2.725   -22.750 1.00 65.94 ? 102 G   B "C5'" 1 
ATOM   484 C  "C4'" . G   B 2 2  ? -10.730 1.308   -23.211 1.00 66.11 ? 102 G   B "C4'" 1 
ATOM   485 O  "O4'" . G   B 2 2  ? -9.295  1.130   -23.409 1.00 66.88 ? 102 G   B "O4'" 1 
ATOM   486 C  "C3'" . G   B 2 2  ? -11.108 0.199   -22.236 1.00 65.50 ? 102 G   B "C3'" 1 
ATOM   487 O  "O3'" . G   B 2 2  ? -12.505 -0.078  -22.287 1.00 63.74 ? 102 G   B "O3'" 1 
ATOM   488 C  "C2'" . G   B 2 2  ? -10.249 -0.935  -22.777 1.00 66.10 ? 102 G   B "C2'" 1 
ATOM   489 O  "O2'" . G   B 2 2  ? -10.761 -1.513  -23.962 1.00 65.75 ? 102 G   B "O2'" 1 
ATOM   490 C  "C1'" . G   B 2 2  ? -8.935  -0.196  -23.038 1.00 66.80 ? 102 G   B "C1'" 1 
ATOM   491 N  N9    . G   B 2 2  ? -8.054  -0.176  -21.864 1.00 67.62 ? 102 G   B N9    1 
ATOM   492 C  C8    . G   B 2 2  ? -7.700  0.900   -21.075 1.00 68.12 ? 102 G   B C8    1 
ATOM   493 N  N7    . G   B 2 2  ? -6.894  0.585   -20.092 1.00 68.13 ? 102 G   B N7    1 
ATOM   494 C  C5    . G   B 2 2  ? -6.711  -0.779  -20.237 1.00 67.88 ? 102 G   B C5    1 
ATOM   495 C  C6    . G   B 2 2  ? -5.942  -1.670  -19.470 1.00 67.91 ? 102 G   B C6    1 
ATOM   496 O  O6    . G   B 2 2  ? -5.259  -1.411  -18.473 1.00 68.66 ? 102 G   B O6    1 
ATOM   497 N  N1    . G   B 2 2  ? -6.026  -2.978  -19.953 1.00 67.61 ? 102 G   B N1    1 
ATOM   498 C  C2    . G   B 2 2  ? -6.764  -3.366  -21.048 1.00 67.61 ? 102 G   B C2    1 
ATOM   499 N  N2    . G   B 2 2  ? -6.731  -4.663  -21.375 1.00 68.05 ? 102 G   B N2    1 
ATOM   500 N  N3    . G   B 2 2  ? -7.487  -2.534  -21.780 1.00 67.79 ? 102 G   B N3    1 
ATOM   501 C  C4    . G   B 2 2  ? -7.416  -1.263  -21.317 1.00 67.87 ? 102 G   B C4    1 
ATOM   502 P  P     . G   B 2 3  ? -13.397 -0.380  -20.986 1.00 62.95 ? 103 G   B P     1 
ATOM   503 O  OP1   . G   B 2 3  ? -14.796 -0.259  -21.445 1.00 62.97 ? 103 G   B OP1   1 
ATOM   504 O  OP2   . G   B 2 3  ? -12.923 0.409   -19.824 1.00 61.71 ? 103 G   B OP2   1 
ATOM   505 O  "O5'" . G   B 2 3  ? -13.123 -1.917  -20.661 1.00 61.58 ? 103 G   B "O5'" 1 
ATOM   506 C  "C5'" . G   B 2 3  ? -13.563 -2.919  -21.563 1.00 60.03 ? 103 G   B "C5'" 1 
ATOM   507 C  "C4'" . G   B 2 3  ? -12.807 -4.208  -21.337 1.00 59.04 ? 103 G   B "C4'" 1 
ATOM   508 O  "O4'" . G   B 2 3  ? -11.397 -3.986  -21.579 1.00 58.59 ? 103 G   B "O4'" 1 
ATOM   509 C  "C3'" . G   B 2 3  ? -12.860 -4.755  -19.920 1.00 58.72 ? 103 G   B "C3'" 1 
ATOM   510 O  "O3'" . G   B 2 3  ? -14.058 -5.492  -19.698 1.00 58.16 ? 103 G   B "O3'" 1 
ATOM   511 C  "C2'" . G   B 2 3  ? -11.612 -5.626  -19.900 1.00 58.54 ? 103 G   B "C2'" 1 
ATOM   512 O  "O2'" . G   B 2 3  ? -11.768 -6.868  -20.556 1.00 58.38 ? 103 G   B "O2'" 1 
ATOM   513 C  "C1'" . G   B 2 3  ? -10.634 -4.729  -20.647 1.00 58.35 ? 103 G   B "C1'" 1 
ATOM   514 N  N9    . G   B 2 3  ? -9.928  -3.818  -19.759 1.00 58.65 ? 103 G   B N9    1 
ATOM   515 C  C8    . G   B 2 3  ? -10.041 -2.447  -19.665 1.00 58.80 ? 103 G   B C8    1 
ATOM   516 N  N7    . G   B 2 3  ? -9.267  -1.927  -18.749 1.00 58.89 ? 103 G   B N7    1 
ATOM   517 C  C5    . G   B 2 3  ? -8.621  -3.022  -18.195 1.00 59.20 ? 103 G   B C5    1 
ATOM   518 C  C6    . G   B 2 3  ? -7.659  -3.092  -17.165 1.00 59.32 ? 103 G   B C6    1 
ATOM   519 O  O6    . G   B 2 3  ? -7.179  -2.161  -16.507 1.00 59.55 ? 103 G   B O6    1 
ATOM   520 N  N1    . G   B 2 3  ? -7.257  -4.406  -16.917 1.00 59.41 ? 103 G   B N1    1 
ATOM   521 C  C2    . G   B 2 3  ? -7.723  -5.512  -17.593 1.00 59.28 ? 103 G   B C2    1 
ATOM   522 N  N2    . G   B 2 3  ? -7.227  -6.698  -17.225 1.00 59.41 ? 103 G   B N2    1 
ATOM   523 N  N3    . G   B 2 3  ? -8.618  -5.457  -18.561 1.00 59.38 ? 103 G   B N3    1 
ATOM   524 C  C4    . G   B 2 3  ? -9.019  -4.187  -18.808 1.00 59.27 ? 103 G   B C4    1 
ATOM   525 P  P     . C   B 2 4  ? -14.950 -5.344  -18.380 1.00 56.62 ? 104 C   B P     1 
ATOM   526 O  OP1   . C   B 2 4  ? -16.267 -5.894  -18.766 1.00 57.03 ? 104 C   B OP1   1 
ATOM   527 O  OP2   . C   B 2 4  ? -14.845 -3.967  -17.857 1.00 56.40 ? 104 C   B OP2   1 
ATOM   528 O  "O5'" . C   B 2 4  ? -14.258 -6.326  -17.325 1.00 56.19 ? 104 C   B "O5'" 1 
ATOM   529 C  "C5'" . C   B 2 4  ? -13.980 -7.678  -17.682 1.00 55.98 ? 104 C   B "C5'" 1 
ATOM   530 C  "C4'" . C   B 2 4  ? -12.906 -8.294  -16.799 1.00 55.81 ? 104 C   B "C4'" 1 
ATOM   531 O  "O4'" . C   B 2 4  ? -11.597 -7.795  -17.177 1.00 55.45 ? 104 C   B "O4'" 1 
ATOM   532 C  "C3'" . C   B 2 4  ? -12.995 -7.985  -15.316 1.00 55.84 ? 104 C   B "C3'" 1 
ATOM   533 O  "O3'" . C   B 2 4  ? -13.996 -8.755  -14.671 1.00 57.42 ? 104 C   B "O3'" 1 
ATOM   534 C  "C2'" . C   B 2 4  ? -11.585 -8.336  -14.877 1.00 54.92 ? 104 C   B "C2'" 1 
ATOM   535 O  "O2'" . C   B 2 4  ? -11.350 -9.726  -14.781 1.00 53.22 ? 104 C   B "O2'" 1 
ATOM   536 C  "C1'" . C   B 2 4  ? -10.790 -7.696  -16.014 1.00 55.16 ? 104 C   B "C1'" 1 
ATOM   537 N  N1    . C   B 2 4  ? -10.488 -6.262  -15.738 1.00 55.23 ? 104 C   B N1    1 
ATOM   538 C  C2    . C   B 2 4  ? -9.424  -5.942  -14.894 1.00 55.85 ? 104 C   B C2    1 
ATOM   539 O  O2    . C   B 2 4  ? -8.733  -6.857  -14.423 1.00 56.19 ? 104 C   B O2    1 
ATOM   540 N  N3    . C   B 2 4  ? -9.169  -4.632  -14.625 1.00 55.88 ? 104 C   B N3    1 
ATOM   541 C  C4    . C   B 2 4  ? -9.936  -3.677  -15.153 1.00 55.46 ? 104 C   B C4    1 
ATOM   542 N  N4    . C   B 2 4  ? -9.649  -2.405  -14.865 1.00 55.47 ? 104 C   B N4    1 
ATOM   543 C  C5    . C   B 2 4  ? -11.026 -3.985  -16.012 1.00 55.16 ? 104 C   B C5    1 
ATOM   544 C  C6    . C   B 2 4  ? -11.269 -5.273  -16.267 1.00 54.97 ? 104 C   B C6    1 
ATOM   545 P  P     . A   B 2 5  ? -14.793 -8.143  -13.422 1.00 58.44 ? 105 A   B P     1 
ATOM   546 O  OP1   . A   B 2 5  ? -15.885 -9.078  -13.043 1.00 57.92 ? 105 A   B OP1   1 
ATOM   547 O  OP2   . A   B 2 5  ? -15.092 -6.727  -13.738 1.00 58.56 ? 105 A   B OP2   1 
ATOM   548 O  "O5'" . A   B 2 5  ? -13.678 -8.166  -12.281 1.00 59.08 ? 105 A   B "O5'" 1 
ATOM   549 C  "C5'" . A   B 2 5  ? -13.238 -9.407  -11.766 1.00 59.70 ? 105 A   B "C5'" 1 
ATOM   550 C  "C4'" . A   B 2 5  ? -12.008 -9.231  -10.898 1.00 60.08 ? 105 A   B "C4'" 1 
ATOM   551 O  "O4'" . A   B 2 5  ? -10.953 -8.561  -11.643 1.00 60.96 ? 105 A   B "O4'" 1 
ATOM   552 C  "C3'" . A   B 2 5  ? -12.185 -8.356  -9.672  1.00 59.91 ? 105 A   B "C3'" 1 
ATOM   553 O  "O3'" . A   B 2 5  ? -12.861 -9.046  -8.624  1.00 58.84 ? 105 A   B "O3'" 1 
ATOM   554 C  "C2'" . A   B 2 5  ? -10.729 -8.045  -9.354  1.00 60.57 ? 105 A   B "C2'" 1 
ATOM   555 O  "O2'" . A   B 2 5  ? -10.048 -9.119  -8.746  1.00 60.38 ? 105 A   B "O2'" 1 
ATOM   556 C  "C1'" . A   B 2 5  ? -10.191 -7.754  -10.748 1.00 61.52 ? 105 A   B "C1'" 1 
ATOM   557 N  N9    . A   B 2 5  ? -10.333 -6.341  -11.102 1.00 62.67 ? 105 A   B N9    1 
ATOM   558 C  C8    . A   B 2 5  ? -11.321 -5.769  -11.855 1.00 63.30 ? 105 A   B C8    1 
ATOM   559 N  N7    . A   B 2 5  ? -11.200 -4.473  -11.994 1.00 63.84 ? 105 A   B N7    1 
ATOM   560 C  C5    . A   B 2 5  ? -10.068 -4.166  -11.273 1.00 64.10 ? 105 A   B C5    1 
ATOM   561 C  C6    . A   B 2 5  ? -9.407  -2.950  -11.027 1.00 64.66 ? 105 A   B C6    1 
ATOM   562 N  N6    . A   B 2 5  ? -9.833  -1.781  -11.512 1.00 64.87 ? 105 A   B N6    1 
ATOM   563 N  N1    . A   B 2 5  ? -8.291  -2.982  -10.273 1.00 65.11 ? 105 A   B N1    1 
ATOM   564 C  C2    . A   B 2 5  ? -7.873  -4.162  -9.792  1.00 65.38 ? 105 A   B C2    1 
ATOM   565 N  N3    . A   B 2 5  ? -8.415  -5.371  -9.953  1.00 64.86 ? 105 A   B N3    1 
ATOM   566 C  C4    . A   B 2 5  ? -9.520  -5.303  -10.711 1.00 63.72 ? 105 A   B C4    1 
ATOM   567 P  P     . C   B 2 6  ? -14.044 -8.366  -7.784  1.00 58.15 ? 106 C   B P     1 
ATOM   568 O  OP1   . C   B 2 6  ? -14.965 -9.421  -7.320  1.00 58.05 ? 106 C   B OP1   1 
ATOM   569 O  OP2   . C   B 2 6  ? -14.564 -7.225  -8.563  1.00 58.30 ? 106 C   B OP2   1 
ATOM   570 O  "O5'" . C   B 2 6  ? -13.269 -7.777  -6.523  1.00 57.96 ? 106 C   B "O5'" 1 
ATOM   571 C  "C5'" . C   B 2 6  ? -12.738 -6.277  -6.848  1.00 58.31 ? 106 C   B "C5'" 1 
ATOM   572 C  "C4'" . C   B 2 6  ? -11.685 -6.425  -5.779  1.00 58.29 ? 106 C   B "C4'" 1 
ATOM   573 O  "O4'" . C   B 2 6  ? -10.398 -6.086  -6.353  1.00 58.96 ? 106 C   B "O4'" 1 
ATOM   574 C  "C3'" . C   B 2 6  ? -11.854 -5.495  -4.591  1.00 58.23 ? 106 C   B "C3'" 1 
ATOM   575 O  "O3'" . C   B 2 6  ? -12.758 -6.075  -3.639  1.00 58.35 ? 106 C   B "O3'" 1 
ATOM   576 C  "C2'" . C   B 2 6  ? -10.412 -5.350  -4.128  1.00 58.33 ? 106 C   B "C2'" 1 
ATOM   577 O  "O2'" . C   B 2 6  ? -9.942  -6.463  -3.398  1.00 57.33 ? 106 C   B "O2'" 1 
ATOM   578 C  "C1'" . C   B 2 6  ? -9.688  -5.244  -5.471  1.00 59.48 ? 106 C   B "C1'" 1 
ATOM   579 N  N1    . C   B 2 6  ? -9.644  -3.827  -6.036  1.00 60.62 ? 106 C   B N1    1 
ATOM   580 C  C2    . C   B 2 6  ? -8.417  -3.160  -6.178  1.00 61.15 ? 106 C   B C2    1 
ATOM   581 O  O2    . C   B 2 6  ? -7.361  -3.744  -5.869  1.00 61.19 ? 106 C   B O2    1 
ATOM   582 N  N3    . C   B 2 6  ? -8.422  -1.884  -6.668  1.00 61.39 ? 106 C   B N3    1 
ATOM   583 C  C4    . C   B 2 6  ? -9.568  -1.286  -6.996  1.00 60.71 ? 106 C   B C4    1 
ATOM   584 N  N4    . C   B 2 6  ? -9.522  -0.043  -7.469  1.00 60.88 ? 106 C   B N4    1 
ATOM   585 C  C5    . C   B 2 6  ? -10.805 -1.948  -6.862  1.00 61.07 ? 106 C   B C5    1 
ATOM   586 C  C6    . C   B 2 6  ? -10.803 -3.191  -6.380  1.00 60.98 ? 106 C   B C6    1 
ATOM   587 P  P     . C   B 2 7  ? -12.799 -5.663  -2.103  1.00 56.73 ? 107 C   B P     1 
ATOM   588 O  OP1   . C   B 2 7  ? -11.511 -6.137  -1.553  1.00 58.13 ? 107 C   B OP1   1 
ATOM   589 O  OP2   . C   B 2 7  ? -14.066 -6.074  -1.460  1.00 56.76 ? 107 C   B OP2   1 
ATOM   590 O  "O5'" . C   B 2 7  ? -12.777 -4.077  -2.173  1.00 55.58 ? 107 C   B "O5'" 1 
ATOM   591 C  "C5'" . C   B 2 7  ? -13.021 -3.342  -0.982  1.00 53.50 ? 107 C   B "C5'" 1 
ATOM   592 C  "C4'" . C   B 2 7  ? -11.959 -3.587  0.086   1.00 51.10 ? 107 C   B "C4'" 1 
ATOM   593 O  "O4'" . C   B 2 7  ? -10.902 -2.611  0.017   1.00 49.20 ? 107 C   B "O4'" 1 
ATOM   594 C  "C3'" . C   B 2 7  ? -12.443 -3.391  1.488   1.00 49.56 ? 107 C   B "C3'" 1 
ATOM   595 O  "O3'" . C   B 2 7  ? -11.462 -3.886  2.341   1.00 48.03 ? 107 C   B "O3'" 1 
ATOM   596 C  "C2'" . C   B 2 7  ? -12.568 -1.874  1.543   1.00 48.83 ? 107 C   B "C2'" 1 
ATOM   597 O  "O2'" . C   B 2 7  ? -12.574 -1.374  2.877   1.00 48.51 ? 107 C   B "O2'" 1 
ATOM   598 C  "C1'" . C   B 2 7  ? -11.310 -1.464  0.756   1.00 48.32 ? 107 C   B "C1'" 1 
ATOM   599 N  N1    . C   B 2 7  ? -11.482 -0.302  -0.203  1.00 47.45 ? 107 C   B N1    1 
ATOM   600 C  C2    . C   B 2 7  ? -11.933 0.925   0.274   1.00 47.10 ? 107 C   B C2    1 
ATOM   601 O  O2    . C   B 2 7  ? -12.214 1.042   1.468   1.00 48.07 ? 107 C   B O2    1 
ATOM   602 N  N3    . C   B 2 7  ? -12.059 1.963   -0.589  1.00 46.85 ? 107 C   B N3    1 
ATOM   603 C  C4    . C   B 2 7  ? -11.743 1.822   -1.873  1.00 46.79 ? 107 C   B C4    1 
ATOM   604 N  N4    . C   B 2 7  ? -11.886 2.886   -2.675  1.00 47.12 ? 107 C   B N4    1 
ATOM   605 C  C5    . C   B 2 7  ? -11.269 0.584   -2.388  1.00 46.93 ? 107 C   B C5    1 
ATOM   606 C  C6    . C   B 2 7  ? -11.152 -0.438  -1.531  1.00 47.36 ? 107 C   B C6    1 
ATOM   607 P  P     . A   B 2 8  ? -11.684 -4.795  3.650   1.00 47.21 ? 108 A   B P     1 
ATOM   608 O  OP1   . A   B 2 8  ? -12.737 -5.805  3.438   1.00 46.78 ? 108 A   B OP1   1 
ATOM   609 O  OP2   . A   B 2 8  ? -11.766 -3.822  4.769   1.00 44.15 ? 108 A   B OP2   1 
ATOM   610 O  "O5'" . A   B 2 8  ? -10.199 -5.473  3.577   1.00 49.27 ? 108 A   B "O5'" 1 
ATOM   611 C  "C5'" . A   B 2 8  ? -9.908  -6.697  2.846   1.00 50.36 ? 108 A   B "C5'" 1 
ATOM   612 C  "C4'" . A   B 2 8  ? -8.539  -6.667  2.156   1.00 51.48 ? 108 A   B "C4'" 1 
ATOM   613 O  "O4'" . A   B 2 8  ? -8.564  -5.638  1.152   1.00 54.95 ? 108 A   B "O4'" 1 
ATOM   614 C  "C3'" . A   B 2 8  ? -7.296  -6.371  3.010   1.00 50.70 ? 108 A   B "C3'" 1 
ATOM   615 O  "O3'" . A   B 2 8  ? -6.399  -7.482  3.006   1.00 47.66 ? 108 A   B "O3'" 1 
ATOM   616 C  "C2'" . A   B 2 8  ? -6.642  -5.154  2.345   1.00 53.34 ? 108 A   B "C2'" 1 
ATOM   617 O  "O2'" . A   B 2 8  ? -5.224  -5.221  2.285   1.00 53.58 ? 108 A   B "O2'" 1 
ATOM   618 C  "C1'" . A   B 2 8  ? -7.257  -5.158  0.945   1.00 55.68 ? 108 A   B "C1'" 1 
ATOM   619 N  N9    . A   B 2 8  ? -7.398  -3.841  0.327   1.00 57.98 ? 108 A   B N9    1 
ATOM   620 C  C8    . A   B 2 8  ? -7.863  -2.699  0.935   1.00 59.08 ? 108 A   B C8    1 
ATOM   621 N  N7    . A   B 2 8  ? -7.928  -1.662  0.142   1.00 58.25 ? 108 A   B N7    1 
ATOM   622 C  C5    . A   B 2 8  ? -7.516  -2.172  -1.053  1.00 59.06 ? 108 A   B C5    1 
ATOM   623 C  C6    . A   B 2 8  ? -7.381  -1.573  -2.282  1.00 62.64 ? 108 A   B C6    1 
ATOM   624 N  N6    . A   B 2 8  ? -7.666  -0.279  -2.454  1.00 63.93 ? 108 A   B N6    1 
ATOM   625 N  N1    . A   B 2 8  ? -6.934  -2.342  -3.322  1.00 65.63 ? 108 A   B N1    1 
ATOM   626 C  C2    . A   B 2 8  ? -6.664  -3.646  -3.087  1.00 64.90 ? 108 A   B C2    1 
ATOM   627 N  N3    . A   B 2 8  ? -6.773  -4.314  -1.932  1.00 61.76 ? 108 A   B N3    1 
ATOM   628 C  C4    . A   B 2 8  ? -7.197  -3.510  -0.965  1.00 58.27 ? 108 A   B C4    1 
ATOM   629 P  P     . C   B 2 9  ? -6.003  -8.349  4.323   1.00 43.48 ? 109 C   B P     1 
ATOM   630 O  OP1   . C   B 2 9  ? -5.044  -9.327  3.749   1.00 43.05 ? 109 C   B OP1   1 
ATOM   631 O  OP2   . C   B 2 9  ? -7.217  -8.819  5.037   1.00 42.81 ? 109 C   B OP2   1 
ATOM   632 O  "O5'" . C   B 2 9  ? -5.186  -7.390  5.299   1.00 43.31 ? 109 C   B "O5'" 1 
ATOM   633 C  "C5'" . C   B 2 9  ? -3.907  -6.930  4.879   1.00 42.45 ? 109 C   B "C5'" 1 
ATOM   634 C  "C4'" . C   B 2 9  ? -3.671  -5.546  5.420   1.00 42.13 ? 109 C   B "C4'" 1 
ATOM   635 O  "O4'" . C   B 2 9  ? -3.771  -5.612  6.842   1.00 43.15 ? 109 C   B "O4'" 1 
ATOM   636 C  "C3'" . C   B 2 9  ? -2.310  -4.955  5.164   1.00 41.34 ? 109 C   B "C3'" 1 
ATOM   637 O  "O3'" . C   B 2 9  ? -2.298  -4.341  3.910   1.00 40.74 ? 109 C   B "O3'" 1 
ATOM   638 C  "C2'" . C   B 2 9  ? -2.177  -3.961  6.300   1.00 41.91 ? 109 C   B "C2'" 1 
ATOM   639 O  "O2'" . C   B 2 9  ? -2.770  -2.715  6.006   1.00 42.37 ? 109 C   B "O2'" 1 
ATOM   640 C  "C1'" . C   B 2 9  ? -2.934  -4.643  7.426   1.00 42.96 ? 109 C   B "C1'" 1 
ATOM   641 N  N1    . C   B 2 9  ? -2.091  -5.345  8.419   1.00 44.02 ? 109 C   B N1    1 
ATOM   642 C  C2    . C   B 2 9  ? -2.024  -4.888  9.735   1.00 44.42 ? 109 C   B C2    1 
ATOM   643 O  O2    . C   B 2 9  ? -2.654  -3.883  10.071  1.00 43.68 ? 109 C   B O2    1 
ATOM   644 N  N3    . C   B 2 9  ? -1.258  -5.568  10.619  1.00 46.03 ? 109 C   B N3    1 
ATOM   645 C  C4    . C   B 2 9  ? -0.591  -6.656  10.240  1.00 45.63 ? 109 C   B C4    1 
ATOM   646 N  N4    . C   B 2 9  ? 0.152   -7.288  11.153  1.00 46.00 ? 109 C   B N4    1 
ATOM   647 C  C5    . C   B 2 9  ? -0.652  -7.138  8.907   1.00 45.90 ? 109 C   B C5    1 
ATOM   648 C  C6    . C   B 2 9  ? -1.412  -6.464  8.043   1.00 45.28 ? 109 C   B C6    1 
ATOM   649 P  P     . G   B 2 10 ? -0.986  -3.628  3.360   1.00 40.18 ? 110 G   B P     1 
ATOM   650 O  OP1   . G   B 2 10 ? 0.169   -4.534  3.558   1.00 39.31 ? 110 G   B OP1   1 
ATOM   651 O  OP2   . G   B 2 10 ? -0.967  -2.252  3.925   1.00 40.21 ? 110 G   B OP2   1 
ATOM   652 O  "O5'" . G   B 2 10 ? -1.327  -3.520  1.801   1.00 39.56 ? 110 G   B "O5'" 1 
ATOM   653 C  "C5'" . G   B 2 10 ? -1.510  -4.685  1.026   1.00 39.29 ? 110 G   B "C5'" 1 
ATOM   654 C  "C4'" . G   B 2 10 ? -1.796  -4.347  -0.427  1.00 39.56 ? 110 G   B "C4'" 1 
ATOM   655 O  "O4'" . G   B 2 10 ? -3.211  -4.082  -0.638  1.00 39.42 ? 110 G   B "O4'" 1 
ATOM   656 C  "C3'" . G   B 2 10 ? -1.106  -3.112  -0.943  1.00 39.87 ? 110 G   B "C3'" 1 
ATOM   657 O  "O3'" . G   B 2 10 ? 0.189   -3.425  -1.315  1.00 39.92 ? 110 G   B "O3'" 1 
ATOM   658 C  "C2'" . G   B 2 10 ? -1.982  -2.751  -2.119  1.00 40.13 ? 110 G   B "C2'" 1 
ATOM   659 O  "O2'" . G   B 2 10 ? -1.730  -3.575  -3.229  1.00 40.73 ? 110 G   B "O2'" 1 
ATOM   660 C  "C1'" . G   B 2 10 ? -3.371  -3.001  -1.534  1.00 39.38 ? 110 G   B "C1'" 1 
ATOM   661 N  N9    . G   B 2 10 ? -3.902  -1.882  -0.773  1.00 39.61 ? 110 G   B N9    1 
ATOM   662 C  C8    . G   B 2 10 ? -4.171  -1.881  0.569   1.00 41.17 ? 110 G   B C8    1 
ATOM   663 N  N7    . G   B 2 10 ? -4.633  -0.746  1.006   1.00 41.93 ? 110 G   B N7    1 
ATOM   664 C  C5    . G   B 2 10 ? -4.655  0.071   -0.111  1.00 40.41 ? 110 G   B C5    1 
ATOM   665 C  C6    . G   B 2 10 ? -5.052  1.425   -0.237  1.00 40.12 ? 110 G   B C6    1 
ATOM   666 O  O6    . G   B 2 10 ? -5.492  2.192   0.638   1.00 38.90 ? 110 G   B O6    1 
ATOM   667 N  N1    . G   B 2 10 ? -4.915  1.872   -1.541  1.00 40.20 ? 110 G   B N1    1 
ATOM   668 C  C2    . G   B 2 10 ? -4.463  1.117   -2.581  1.00 40.66 ? 110 G   B C2    1 
ATOM   669 N  N2    . G   B 2 10 ? -4.394  1.736   -3.769  1.00 42.06 ? 110 G   B N2    1 
ATOM   670 N  N3    . G   B 2 10 ? -4.087  -0.151  -2.471  1.00 40.84 ? 110 G   B N3    1 
ATOM   671 C  C4    . G   B 2 10 ? -4.212  -0.612  -1.216  1.00 39.61 ? 110 G   B C4    1 
ATOM   672 P  P     . G   B 2 11 ? 1.320   -2.325  -1.181  1.00 41.34 ? 111 G   B P     1 
ATOM   673 O  OP1   . G   B 2 11 ? 2.558   -2.914  -1.751  1.00 41.58 ? 111 G   B OP1   1 
ATOM   674 O  OP2   . G   B 2 11 ? 1.330   -1.791  0.192   1.00 42.34 ? 111 G   B OP2   1 
ATOM   675 O  "O5'" . G   B 2 11 ? 0.712   -1.184  -2.140  1.00 40.76 ? 111 G   B "O5'" 1 
ATOM   676 C  "C5'" . G   B 2 11 ? 1.014   -1.142  -3.569  1.00 38.68 ? 111 G   B "C5'" 1 
ATOM   677 C  "C4'" . G   B 2 11 ? 0.713   0.231   -4.153  1.00 36.57 ? 111 G   B "C4'" 1 
ATOM   678 O  "O4'" . G   B 2 11 ? -0.645  0.626   -3.816  1.00 37.08 ? 111 G   B "O4'" 1 
ATOM   679 C  "C3'" . G   B 2 11 ? 1.562   1.345   -3.605  1.00 35.30 ? 111 G   B "C3'" 1 
ATOM   680 O  "O3'" . G   B 2 11 ? 2.719   1.442   -4.310  1.00 34.56 ? 111 G   B "O3'" 1 
ATOM   681 C  "C2'" . G   B 2 11 ? 0.694   2.561   -3.809  1.00 35.85 ? 111 G   B "C2'" 1 
ATOM   682 O  "O2'" . G   B 2 11 ? 0.791   3.076   -5.117  1.00 37.73 ? 111 G   B "O2'" 1 
ATOM   683 C  "C1'" . G   B 2 11 ? -0.695  2.010   -3.539  1.00 35.51 ? 111 G   B "C1'" 1 
ATOM   684 N  N9    . G   B 2 11 ? -1.150  2.173   -2.171  1.00 34.40 ? 111 G   B N9    1 
ATOM   685 C  C8    . G   B 2 11 ? -1.450  1.167   -1.293  1.00 34.12 ? 111 G   B C8    1 
ATOM   686 N  N7    . G   B 2 11 ? -1.860  1.592   -0.137  1.00 33.92 ? 111 G   B N7    1 
ATOM   687 C  C5    . G   B 2 11 ? -1.820  2.966   -0.242  1.00 34.05 ? 111 G   B C5    1 
ATOM   688 C  C6    . G   B 2 11 ? -2.153  3.954   0.717   1.00 35.20 ? 111 G   B C6    1 
ATOM   689 O  O6    . G   B 2 11 ? -2.553  3.795   1.881   1.00 36.47 ? 111 G   B O6    1 
ATOM   690 N  N1    . G   B 2 11 ? -1.986  5.246   0.216   1.00 35.28 ? 111 G   B N1    1 
ATOM   691 C  C2    . G   B 2 11 ? -1.545  5.540   -1.054  1.00 35.25 ? 111 G   B C2    1 
ATOM   692 N  N2    . G   B 2 11 ? -1.445  6.843   -1.335  1.00 34.56 ? 111 G   B N2    1 
ATOM   693 N  N3    . G   B 2 11 ? -1.225  4.614   -1.974  1.00 34.55 ? 111 G   B N3    1 
ATOM   694 C  C4    . G   B 2 11 ? -1.391  3.349   -1.496  1.00 34.32 ? 111 G   B C4    1 
ATOM   695 P  P     . U   B 2 12 ? 4.033   2.012   -3.633  1.00 34.35 ? 112 U   B P     1 
ATOM   696 O  OP1   . U   B 2 12 ? 5.121   1.831   -4.663  1.00 33.56 ? 112 U   B OP1   1 
ATOM   697 O  OP2   . U   B 2 12 ? 4.347   1.178   -2.183  1.00 31.74 ? 112 U   B OP2   1 
ATOM   698 O  "O5'" . U   B 2 12 ? 3.697   3.567   -3.381  1.00 34.71 ? 112 U   B "O5'" 1 
ATOM   699 C  "C5'" . U   B 2 12 ? 3.896   4.511   -4.422  1.00 36.48 ? 112 U   B "C5'" 1 
ATOM   700 C  "C4'" . U   B 2 12 ? 3.409   5.914   -4.048  1.00 37.53 ? 112 U   B "C4'" 1 
ATOM   701 O  "O4'" . U   B 2 12 ? 2.193   5.846   -3.281  1.00 37.53 ? 112 U   B "O4'" 1 
ATOM   702 C  "C3'" . U   B 2 12 ? 4.461   6.743   -3.284  1.00 37.64 ? 112 U   B "C3'" 1 
ATOM   703 O  "O3'" . U   B 2 12 ? 5.400   5.902   -2.620  1.00 39.08 ? 112 U   B "O3'" 1 
ATOM   704 C  "C2'" . U   B 2 12 ? 3.695   7.487   -2.225  1.00 37.09 ? 112 U   B "C2'" 1 
ATOM   705 O  "O2'" . U   B 2 12 ? 3.406   8.801   -2.695  1.00 35.74 ? 112 U   B "O2'" 1 
ATOM   706 C  "C1'" . U   B 2 12 ? 2.552   6.509   -2.104  1.00 37.57 ? 112 U   B "C1'" 1 
ATOM   707 N  N1    . U   B 2 12 ? 1.988   5.926   -0.888  1.00 37.27 ? 112 U   B N1    1 
ATOM   708 C  C2    . U   B 2 12 ? 1.489   6.588   0.190   1.00 36.25 ? 112 U   B C2    1 
ATOM   709 O  O2    . U   B 2 12 ? 1.452   7.827   0.205   1.00 35.63 ? 112 U   B O2    1 
ATOM   710 N  N3    . U   B 2 12 ? 1.017   5.922   1.260   1.00 36.74 ? 112 U   B N3    1 
ATOM   711 C  C4    . U   B 2 12 ? 1.036   4.584   1.308   1.00 37.30 ? 112 U   B C4    1 
ATOM   712 O  O4    . U   B 2 12 ? 0.616   3.932   2.279   1.00 36.94 ? 112 U   B O4    1 
ATOM   713 C  C5    . U   B 2 12 ? 1.580   3.858   0.161   1.00 37.87 ? 112 U   B C5    1 
ATOM   714 C  C6    . U   B 2 12 ? 2.040   4.587   -0.897  1.00 37.54 ? 112 U   B C6    1 
ATOM   715 P  P     . C   B 2 13 ? 6.888   6.346   -2.205  1.00 41.39 ? 113 C   B P     1 
ATOM   716 O  OP1   . C   B 2 13 ? 7.592   6.956   -3.359  1.00 40.01 ? 113 C   B OP1   1 
ATOM   717 O  OP2   . C   B 2 13 ? 7.429   5.121   -1.569  1.00 42.06 ? 113 C   B OP2   1 
ATOM   718 O  "O5'" . C   B 2 13 ? 6.729   7.453   -1.054  1.00 41.75 ? 113 C   B "O5'" 1 
ATOM   719 C  "C5'" . C   B 2 13 ? 6.856   8.852   -1.340  1.00 41.67 ? 113 C   B "C5'" 1 
ATOM   720 C  "C4'" . C   B 2 13 ? 6.421   9.692   -0.146  1.00 41.35 ? 113 C   B "C4'" 1 
ATOM   721 O  "O4'" . C   B 2 13 ? 5.073   9.347   0.261   1.00 41.43 ? 113 C   B "O4'" 1 
ATOM   722 C  "C3'" . C   B 2 13 ? 7.235   9.478   1.111   1.00 41.27 ? 113 C   B "C3'" 1 
ATOM   723 O  "O3'" . C   B 2 13 ? 8.440   10.205  1.048   1.00 40.42 ? 113 C   B "O3'" 1 
ATOM   724 C  "C2'" . C   B 2 13 ? 6.275   9.962   2.196   1.00 41.28 ? 113 C   B "C2'" 1 
ATOM   725 O  "O2'" . C   B 2 13 ? 6.212   11.364  2.349   1.00 41.81 ? 113 C   B "O2'" 1 
ATOM   726 C  "C1'" . C   B 2 13 ? 4.952   9.422   1.674   1.00 41.11 ? 113 C   B "C1'" 1 
ATOM   727 N  N1    . C   B 2 13 ? 4.634   8.075   2.249   1.00 41.17 ? 113 C   B N1    1 
ATOM   728 C  C2    . C   B 2 13 ? 4.260   7.985   3.596   1.00 41.06 ? 113 C   B C2    1 
ATOM   729 O  O2    . C   B 2 13 ? 4.178   9.019   4.272   1.00 41.82 ? 113 C   B O2    1 
ATOM   730 N  N3    . C   B 2 13 ? 3.983   6.770   4.126   1.00 40.16 ? 113 C   B N3    1 
ATOM   731 C  C4    . C   B 2 13 ? 4.075   5.680   3.378   1.00 41.37 ? 113 C   B C4    1 
ATOM   732 N  N4    . C   B 2 13 ? 3.793   4.503   3.949   1.00 42.11 ? 113 C   B N4    1 
ATOM   733 C  C5    . C   B 2 13 ? 4.464   5.744   2.003   1.00 41.88 ? 113 C   B C5    1 
ATOM   734 C  C6    . C   B 2 13 ? 4.731   6.946   1.487   1.00 41.12 ? 113 C   B C6    1 
ATOM   735 P  P     . G   B 2 14 ? 9.796   9.502   1.481   1.00 39.38 ? 114 G   B P     1 
ATOM   736 O  OP1   . G   B 2 14 ? 10.860  10.500  1.266   1.00 39.92 ? 114 G   B OP1   1 
ATOM   737 O  OP2   . G   B 2 14 ? 9.899   8.160   0.869   1.00 38.38 ? 114 G   B OP2   1 
ATOM   738 O  "O5'" . G   B 2 14 ? 9.526   9.333   3.039   1.00 40.51 ? 114 G   B "O5'" 1 
ATOM   739 C  "C5'" . G   B 2 14 ? 9.236   10.473  3.847   1.00 41.10 ? 114 G   B "C5'" 1 
ATOM   740 C  "C4'" . G   B 2 14 ? 8.864   10.048  5.252   1.00 41.64 ? 114 G   B "C4'" 1 
ATOM   741 O  "O4'" . G   B 2 14 ? 7.544   9.452   5.251   1.00 42.39 ? 114 G   B "O4'" 1 
ATOM   742 C  "C3'" . G   B 2 14 ? 9.740   8.966   5.858   1.00 41.91 ? 114 G   B "C3'" 1 
ATOM   743 O  "O3'" . G   B 2 14 ? 10.959  9.490   6.326   1.00 41.58 ? 114 G   B "O3'" 1 
ATOM   744 C  "C2'" . G   B 2 14 ? 8.843   8.455   6.967   1.00 42.37 ? 114 G   B "C2'" 1 
ATOM   745 O  "O2'" . G   B 2 14 ? 8.801   9.306   8.100   1.00 42.91 ? 114 G   B "O2'" 1 
ATOM   746 C  "C1'" . G   B 2 14 ? 7.504   8.416   6.223   1.00 42.55 ? 114 G   B "C1'" 1 
ATOM   747 N  N9    . G   B 2 14 ? 7.288   7.149   5.551   1.00 42.28 ? 114 G   B N9    1 
ATOM   748 C  C8    . G   B 2 14 ? 7.292   6.905   4.200   1.00 42.71 ? 114 G   B C8    1 
ATOM   749 N  N7    . G   B 2 14 ? 7.083   5.657   3.902   1.00 42.85 ? 114 G   B N7    1 
ATOM   750 C  C5    . G   B 2 14 ? 6.943   5.039   5.136   1.00 42.69 ? 114 G   B C5    1 
ATOM   751 C  C6    . G   B 2 14 ? 6.704   3.684   5.453   1.00 43.02 ? 114 G   B C6    1 
ATOM   752 O  O6    . G   B 2 14 ? 6.557   2.730   4.679   1.00 43.09 ? 114 G   B O6    1 
ATOM   753 N  N1    . G   B 2 14 ? 6.644   3.481   6.829   1.00 43.04 ? 114 G   B N1    1 
ATOM   754 C  C2    . G   B 2 14 ? 6.779   4.463   7.778   1.00 42.34 ? 114 G   B C2    1 
ATOM   755 N  N2    . G   B 2 14 ? 6.677   4.071   9.058   1.00 41.70 ? 114 G   B N2    1 
ATOM   756 N  N3    . G   B 2 14 ? 6.997   5.737   7.489   1.00 42.04 ? 114 G   B N3    1 
ATOM   757 C  C4    . G   B 2 14 ? 7.070   5.946   6.156   1.00 41.98 ? 114 G   B C4    1 
ATOM   758 P  P     . G   B 2 15 ? 12.286  8.611   6.234   1.00 41.05 ? 115 G   B P     1 
ATOM   759 O  OP1   . G   B 2 15 ? 13.354  9.428   6.855   1.00 41.91 ? 115 G   B OP1   1 
ATOM   760 O  OP2   . G   B 2 15 ? 12.463  8.074   4.867   1.00 40.52 ? 115 G   B OP2   1 
ATOM   761 O  "O5'" . G   B 2 15 ? 11.931  7.399   7.201   1.00 42.47 ? 115 G   B "O5'" 1 
ATOM   762 C  "C5'" . G   B 2 15 ? 11.765  7.666   8.584   1.00 44.08 ? 115 G   B "C5'" 1 
ATOM   763 C  "C4'" . G   B 2 15 ? 11.619  6.389   9.376   1.00 44.55 ? 115 G   B "C4'" 1 
ATOM   764 O  "O4'" . G   B 2 15 ? 10.355  5.755   9.055   1.00 44.88 ? 115 G   B "O4'" 1 
ATOM   765 C  "C3'" . G   B 2 15 ? 12.666  5.332   9.087   1.00 44.90 ? 115 G   B "C3'" 1 
ATOM   766 O  "O3'" . G   B 2 15 ? 13.876  5.597   9.790   1.00 45.11 ? 115 G   B "O3'" 1 
ATOM   767 C  "C2'" . G   B 2 15 ? 11.952  4.089   9.585   1.00 45.32 ? 115 G   B "C2'" 1 
ATOM   768 O  "O2'" . G   B 2 15 ? 12.006  3.945   10.990  1.00 45.33 ? 115 G   B "O2'" 1 
ATOM   769 C  "C1'" . G   B 2 15 ? 10.521  4.345   9.103   1.00 45.45 ? 115 G   B "C1'" 1 
ATOM   770 N  N9    . G   B 2 15 ? 10.259  3.767   7.784   1.00 45.40 ? 115 G   B N9    1 
ATOM   771 C  C8    . G   B 2 15 ? 10.188  4.418   6.573   1.00 45.52 ? 115 G   B C8    1 
ATOM   772 N  N7    . G   B 2 15 ? 9.950   3.621   5.570   1.00 45.29 ? 115 G   B N7    1 
ATOM   773 C  C5    . G   B 2 15 ? 9.867   2.364   6.151   1.00 45.11 ? 115 G   B C5    1 
ATOM   774 C  C6    . G   B 2 15 ? 9.624   1.098   5.563   1.00 45.31 ? 115 G   B C6    1 
ATOM   775 O  O6    . G   B 2 15 ? 9.427   0.822   4.371   1.00 45.58 ? 115 G   B O6    1 
ATOM   776 N  N1    . G   B 2 15 ? 9.628   0.081   6.511   1.00 45.04 ? 115 G   B N1    1 
ATOM   777 C  C2    . G   B 2 15 ? 9.826   0.261   7.858   1.00 44.94 ? 115 G   B C2    1 
ATOM   778 N  N2    . G   B 2 15 ? 9.781   -0.842  8.617   1.00 44.61 ? 115 G   B N2    1 
ATOM   779 N  N3    . G   B 2 15 ? 10.051  1.442   8.422   1.00 44.76 ? 115 G   B N3    1 
ATOM   780 C  C4    . G   B 2 15 ? 10.060  2.441   7.510   1.00 44.87 ? 115 G   B C4    1 
ATOM   781 P  P     . A   B 2 16 ? 15.301  5.034   9.303   1.00 44.90 ? 116 A   B P     1 
ATOM   782 O  OP1   . A   B 2 16 ? 16.307  5.506   10.283  1.00 44.28 ? 116 A   B OP1   1 
ATOM   783 O  OP2   . A   B 2 16 ? 15.454  5.357   7.864   1.00 44.21 ? 116 A   B OP2   1 
ATOM   784 O  "O5'" . A   B 2 16 ? 15.163  3.446   9.436   1.00 44.88 ? 116 A   B "O5'" 1 
ATOM   785 C  "C5'" . A   B 2 16 ? 15.174  2.835   10.714  1.00 45.35 ? 116 A   B "C5'" 1 
ATOM   786 C  "C4'" . A   B 2 16 ? 14.865  1.358   10.598  1.00 45.73 ? 116 A   B "C4'" 1 
ATOM   787 O  "O4'" . A   B 2 16 ? 13.627  1.188   9.873   1.00 45.70 ? 116 A   B "O4'" 1 
ATOM   788 C  "C3'" . A   B 2 16 ? 15.873  0.543   9.809   1.00 46.13 ? 116 A   B "C3'" 1 
ATOM   789 O  "O3'" . A   B 2 16 ? 16.973  0.159   10.614  1.00 47.33 ? 116 A   B "O3'" 1 
ATOM   790 C  "C2'" . A   B 2 16 ? 15.049  -0.652  9.368   1.00 46.10 ? 116 A   B "C2'" 1 
ATOM   791 O  "O2'" . A   B 2 16 ? 15.006  -1.680  10.339  1.00 46.37 ? 116 A   B "O2'" 1 
ATOM   792 C  "C1'" . A   B 2 16 ? 13.668  -0.032  9.150   1.00 45.59 ? 116 A   B "C1'" 1 
ATOM   793 N  N9    . A   B 2 16 ? 13.362  0.222   7.741   1.00 44.48 ? 116 A   B N9    1 
ATOM   794 C  C8    . A   B 2 16 ? 13.335  1.422   7.071   1.00 44.00 ? 116 A   B C8    1 
ATOM   795 N  N7    . A   B 2 16 ? 13.020  1.310   5.799   1.00 43.29 ? 116 A   B N7    1 
ATOM   796 C  C5    . A   B 2 16 ? 12.827  -0.057  5.629   1.00 43.36 ? 116 A   B C5    1 
ATOM   797 C  C6    . A   B 2 16 ? 12.466  -0.854  4.516   1.00 42.84 ? 116 A   B C6    1 
ATOM   798 N  N6    . A   B 2 16 ? 12.223  -0.367  3.296   1.00 42.10 ? 116 A   B N6    1 
ATOM   799 N  N1    . A   B 2 16 ? 12.370  -2.189  4.706   1.00 42.57 ? 116 A   B N1    1 
ATOM   800 C  C2    . A   B 2 16 ? 12.609  -2.693  5.926   1.00 42.81 ? 116 A   B C2    1 
ATOM   801 N  N3    . A   B 2 16 ? 12.948  -2.052  7.042   1.00 42.63 ? 116 A   B N3    1 
ATOM   802 C  C4    . A   B 2 16 ? 13.039  -0.732  6.821   1.00 43.47 ? 116 A   B C4    1 
ATOM   803 P  P     . U   B 2 17 ? 18.446  0.147   9.996   1.00 48.11 ? 117 U   B P     1 
ATOM   804 O  OP1   . U   B 2 17 ? 19.422  0.199   11.139  1.00 47.21 ? 117 U   B OP1   1 
ATOM   805 O  OP2   . U   B 2 17 ? 18.603  1.451   8.917   1.00 47.44 ? 117 U   B OP2   1 
ATOM   806 O  "O5'" . U   B 2 17 ? 18.561  -1.236  9.178   1.00 49.16 ? 117 U   B "O5'" 1 
ATOM   807 C  "C5'" . U   B 2 17 ? 18.688  -2.482  9.861   1.00 50.44 ? 117 U   B "C5'" 1 
ATOM   808 C  "C4'" . U   B 2 17 ? 17.959  -3.566  9.081   1.00 51.10 ? 117 U   B "C4'" 1 
ATOM   809 O  "O4'" . U   B 2 17 ? 16.983  -2.975  8.223   1.00 51.29 ? 117 U   B "O4'" 1 
ATOM   810 C  "C3'" . U   B 2 17 ? 18.794  -4.440  8.148   1.00 51.83 ? 117 U   B "C3'" 1 
ATOM   811 O  "O3'" . U   B 2 17 ? 19.981  -5.136  8.545   1.00 52.56 ? 117 U   B "O3'" 1 
ATOM   812 C  "C2'" . U   B 2 17 ? 18.202  -4.558  6.778   1.00 52.23 ? 117 U   B "C2'" 1 
ATOM   813 O  "O2'" . U   B 2 17 ? 17.828  -5.912  6.491   1.00 52.75 ? 117 U   B "O2'" 1 
ATOM   814 C  "C1'" . U   B 2 17 ? 17.081  -3.589  6.975   1.00 51.84 ? 117 U   B "C1'" 1 
ATOM   815 N  N1    . U   B 2 17 ? 16.552  -2.847  5.881   1.00 51.46 ? 117 U   B N1    1 
ATOM   816 C  C2    . U   B 2 17 ? 16.042  -3.340  4.730   1.00 51.38 ? 117 U   B C2    1 
ATOM   817 O  O2    . U   B 2 17 ? 15.936  -4.574  4.580   1.00 50.59 ? 117 U   B O2    1 
ATOM   818 N  N3    . U   B 2 17 ? 15.624  -2.500  3.754   1.00 51.96 ? 117 U   B N3    1 
ATOM   819 C  C4    . U   B 2 17 ? 15.719  -1.171  3.872   1.00 52.34 ? 117 U   B C4    1 
ATOM   820 O  O4    . U   B 2 17 ? 15.328  -0.404  2.970   1.00 51.63 ? 117 U   B O4    1 
ATOM   821 C  C5    . U   B 2 17 ? 16.302  -0.661  5.120   1.00 52.78 ? 117 U   B C5    1 
ATOM   822 C  C6    . U   B 2 17 ? 16.703  -1.544  6.067   1.00 52.49 ? 117 U   B C6    1 
ATOM   823 P  P     . C   B 2 18 ? 21.348  -4.643  7.818   1.00 53.57 ? 118 C   B P     1 
ATOM   824 O  OP1   . C   B 2 18 ? 22.496  -5.348  8.437   1.00 52.94 ? 118 C   B OP1   1 
ATOM   825 O  OP2   . C   B 2 18 ? 21.373  -3.161  7.748   1.00 53.29 ? 118 C   B OP2   1 
ATOM   826 O  "O5'" . C   B 2 18 ? 21.173  -5.176  6.316   1.00 53.28 ? 118 C   B "O5'" 1 
ATOM   827 C  "C5'" . C   B 2 18 ? 20.964  -6.562  6.074   1.00 53.12 ? 118 C   B "C5'" 1 
ATOM   828 C  "C4'" . C   B 2 18 ? 20.523  -6.804  4.648   1.00 52.65 ? 118 C   B "C4'" 1 
ATOM   829 O  "O4'" . C   B 2 18 ? 19.574  -5.798  4.263   1.00 52.67 ? 118 C   B "O4'" 1 
ATOM   830 C  "C3'" . C   B 2 18 ? 21.618  -6.697  3.604   1.00 52.39 ? 118 C   B "C3'" 1 
ATOM   831 O  "O3'" . C   B 2 18 ? 22.243  -7.954  3.421   1.00 52.22 ? 118 C   B "O3'" 1 
ATOM   832 C  "C2'" . C   B 2 18 ? 20.884  -6.230  2.345   1.00 52.46 ? 118 C   B "C2'" 1 
ATOM   833 O  "O2'" . C   B 2 18 ? 20.742  -7.262  1.387   1.00 52.49 ? 118 C   B "O2'" 1 
ATOM   834 C  "C1'" . C   B 2 18 ? 19.515  -5.770  2.855   1.00 52.53 ? 118 C   B "C1'" 1 
ATOM   835 N  N1    . C   B 2 18 ? 19.119  -4.386  2.398   1.00 52.20 ? 118 C   B N1    1 
ATOM   836 C  C2    . C   B 2 18 ? 18.485  -4.223  1.155   1.00 52.26 ? 118 C   B C2    1 
ATOM   837 O  O2    . C   B 2 18 ? 18.261  -5.214  0.448   1.00 52.65 ? 118 C   B O2    1 
ATOM   838 N  N3    . C   B 2 18 ? 18.128  -2.974  0.758   1.00 51.99 ? 118 C   B N3    1 
ATOM   839 C  C4    . C   B 2 18 ? 18.380  -1.919  1.536   1.00 51.40 ? 118 C   B C4    1 
ATOM   840 N  N4    . C   B 2 18 ? 18.011  -0.715  1.095   1.00 50.48 ? 118 C   B N4    1 
ATOM   841 C  C5    . C   B 2 18 ? 19.024  -2.059  2.802   1.00 51.53 ? 118 C   B C5    1 
ATOM   842 C  C6    . C   B 2 18 ? 19.371  -3.294  3.189   1.00 51.74 ? 118 C   B C6    1 
HETATM 843 NA NA    . NA  C 3 .  ? 0.341   -3.772  14.920  1.00 52.04 ? 23  NA  A NA    1 
HETATM 844 NA NA    . NA  D 3 .  ? -5.249  9.728   8.786   1.00 48.21 ? 24  NA  A NA    1 
HETATM 845 C  C11   . SRY E 4 .  ? -4.850  1.452   4.420   0.00 56.73 ? 25  SRY A C11   1 
HETATM 846 N  N11   . SRY E 4 .  ? -3.955  0.859   3.353   0.00 56.73 ? 25  SRY A N11   1 
HETATM 847 C  CA1   . SRY E 4 .  ? -2.768  0.520   3.818   0.00 56.73 ? 25  SRY A CA1   1 
HETATM 848 N  NB1   . SRY E 4 .  ? -1.780  0.779   3.051   0.00 56.73 ? 25  SRY A NB1   1 
HETATM 849 N  NC1   . SRY E 4 .  ? -2.619  -0.014  4.979   0.00 56.73 ? 25  SRY A NC1   1 
HETATM 850 C  C21   . SRY E 4 .  ? -6.307  1.454   3.973   0.00 56.73 ? 25  SRY A C21   1 
HETATM 851 O  O21   . SRY E 4 .  ? -6.618  0.022   3.681   0.00 56.73 ? 25  SRY A O21   1 
HETATM 852 C  C31   . SRY E 4 .  ? -7.248  2.072   5.006   0.00 56.73 ? 25  SRY A C31   1 
HETATM 853 N  N31   . SRY E 4 .  ? -8.647  2.095   4.632   0.00 56.73 ? 25  SRY A N31   1 
HETATM 854 C  CD1   . SRY E 4 .  ? -9.021  0.935   4.371   0.00 56.73 ? 25  SRY A CD1   1 
HETATM 855 N  NE1   . SRY E 4 .  ? -9.333  0.531   3.192   0.00 56.73 ? 25  SRY A NE1   1 
HETATM 856 N  NF1   . SRY E 4 .  ? -9.141  0.157   5.334   0.00 56.73 ? 25  SRY A NF1   1 
HETATM 857 C  C41   . SRY E 4 .  ? -6.796  3.487   5.259   0.00 56.73 ? 25  SRY A C41   1 
HETATM 858 O  O41   . SRY E 4 .  ? -7.605  3.941   6.379   0.00 56.73 ? 25  SRY A O41   1 
HETATM 859 C  C51   . SRY E 4 .  ? -5.328  3.496   5.764   0.00 56.73 ? 25  SRY A C51   1 
HETATM 860 O  O51   . SRY E 4 .  ? -4.928  4.836   6.010   0.00 56.73 ? 25  SRY A O51   1 
HETATM 861 C  C61   . SRY E 4 .  ? -4.413  2.877   4.691   0.00 56.73 ? 25  SRY A C61   1 
HETATM 862 O  O61   . SRY E 4 .  ? -3.053  2.879   5.142   0.00 56.73 ? 25  SRY A O61   1 
HETATM 863 C  C12   . SRY E 4 .  ? -8.528  4.884   5.843   0.00 56.73 ? 25  SRY A C12   1 
HETATM 864 C  C22   . SRY E 4 .  ? -9.713  5.062   6.775   0.00 56.73 ? 25  SRY A C22   1 
HETATM 865 C  C32   . SRY E 4 .  ? -9.998  6.538   6.687   0.00 56.73 ? 25  SRY A C32   1 
HETATM 866 O  O32   . SRY E 4 .  ? -10.905 6.797   5.610   0.00 56.73 ? 25  SRY A O32   1 
HETATM 867 C  CG2   . SRY E 4 .  ? -10.555 7.090   7.978   0.00 56.73 ? 25  SRY A CG2   1 
HETATM 868 O  OG2   . SRY E 4 .  ? -10.149 6.275   9.065   0.00 56.73 ? 25  SRY A OG2   1 
HETATM 869 C  C42   . SRY E 4 .  ? -8.679  7.148   6.387   0.00 56.73 ? 25  SRY A C42   1 
HETATM 870 C  CH2   . SRY E 4 .  ? -8.849  8.369   5.521   0.00 56.73 ? 25  SRY A CH2   1 
HETATM 871 O  O42   . SRY E 4 .  ? -7.906  6.162   5.698   0.00 56.73 ? 25  SRY A O42   1 
HETATM 872 O  O13   . SRY E 4 .  ? -10.746 4.319   6.312   0.00 56.73 ? 25  SRY A O13   1 
HETATM 873 C  C13   . SRY E 4 .  ? -11.945 4.605   7.008   0.00 56.73 ? 25  SRY A C13   1 
HETATM 874 C  C23   . SRY E 4 .  ? -13.113 4.148   6.167   0.00 56.73 ? 25  SRY A C23   1 
HETATM 875 N  N23   . SRY E 4 .  ? -13.124 4.854   4.935   0.00 56.73 ? 25  SRY A N23   1 
HETATM 876 C  CI3   . SRY E 4 .  ? -13.841 6.093   4.822   0.00 56.73 ? 25  SRY A CI3   1 
HETATM 877 C  C33   . SRY E 4 .  ? -12.948 2.660   5.907   0.00 56.73 ? 25  SRY A C33   1 
HETATM 878 O  O33   . SRY E 4 .  ? -14.013 2.182   5.113   0.00 56.73 ? 25  SRY A O33   1 
HETATM 879 C  C43   . SRY E 4 .  ? -12.946 1.967   7.269   0.00 56.73 ? 25  SRY A C43   1 
HETATM 880 O  O43   . SRY E 4 .  ? -12.788 0.566   7.109   0.00 56.73 ? 25  SRY A O43   1 
HETATM 881 C  C53   . SRY E 4 .  ? -11.798 2.529   8.109   0.00 56.73 ? 25  SRY A C53   1 
HETATM 882 O  O53   . SRY E 4 .  ? -11.958 3.938   8.268   0.00 56.73 ? 25  SRY A O53   1 
HETATM 883 C  C63   . SRY E 4 .  ? -11.815 1.859   9.483   0.00 56.73 ? 25  SRY A C63   1 
HETATM 884 O  O63   . SRY E 4 .  ? -11.812 0.451   9.314   0.00 56.73 ? 25  SRY A O63   1 
HETATM 885 MG MG    . MG  F 5 .  ? -5.387  -6.961  7.448   1.00 44.10 ? 1   MG  B MG    1 
HETATM 886 O  O     . HOH G 6 .  ? -4.944  -8.961  7.864   1.00 35.83 ? 26  HOH A O     1 
HETATM 887 O  O     . HOH G 6 .  ? 16.292  4.980   0.295   1.00 74.61 ? 27  HOH A O     1 
HETATM 888 O  O     . HOH H 6 .  ? -7.354  -8.479  7.764   1.00 48.43 ? 7   HOH B O     1 
HETATM 889 O  O     . HOH H 6 .  ? 6.927   -1.835  -1.238  1.00 77.73 ? 9   HOH B O     1 
HETATM 890 O  O     . HOH H 6 .  ? 0.864   1.655   3.426   0.00 25.24 ? 11  HOH B O     1 
HETATM 891 O  O     . HOH H 6 .  ? 9.977   3.840   1.041   1.00 73.61 ? 12  HOH B O     1 
# 
